data_7XYM
#
_entry.id   7XYM
#
_entity_poly.entity_id   1
_entity_poly.type   'polypeptide(L)'
_entity_poly.pdbx_seq_one_letter_code
;MDSTIRLVATIFLISLTQQIEVCNKAQQQGPYTLVDYQEKPLNISRIQIKVVKTSVATKGLNFHIGYRAVWRSYCYNGGS
LDKNTGCYNDLIPKSPTESELRTWSKSQKCCTGPDAVDAWGSDARICWAEWKMELCHTAKELKKYSNNNHFAYHTCNLSW
RCGLKSTHIEVRLQASGGLVSMVAVMPNGTLIPIEGTRPTYWTEDSFAYLYDPAGTEKKTESTFLWCFKEHIRPTTELSG
AVYDTHYLGGTYDKNPQFNYYCRDNGYYFELPANRLVCLPTSCYKREGAIVNTMHPDTWKVSEKLHSASQFDVNNVVHSL
VYETEGLRLALSQLDHRFATLSRLFNRLTQSLAKIDDRLLGTLLGQDVSSKFISPTKFMLSPCLSTPEGDSNCHNHSIYR
DGRWVHNSDPTQCFSLSKSQPVDLYSFKELWLPQLLDVNVEGVVADEEGWSFVAQSKQALIDTMTYTKNGGKGTSLEDVL
GYPSGWINGKLQGLLLNGAISWVVVIGVVLVGVCLMRRVF
;
_entity_poly.pdbx_strand_id   A,B,C
#
# COMPACT_ATOMS: atom_id res chain seq x y z
N ILE A 20 -12.51 -17.35 -13.88
CA ILE A 20 -12.32 -18.11 -12.66
C ILE A 20 -10.85 -18.08 -12.25
N GLU A 21 -10.13 -19.16 -12.54
CA GLU A 21 -8.73 -19.34 -12.18
C GLU A 21 -8.49 -19.07 -10.68
N VAL A 22 -8.98 -19.99 -9.86
CA VAL A 22 -8.53 -20.06 -8.47
C VAL A 22 -7.33 -20.99 -8.44
N CYS A 23 -6.12 -20.42 -8.43
CA CYS A 23 -4.93 -21.25 -8.50
C CYS A 23 -4.69 -21.99 -7.20
N ASN A 24 -5.07 -23.26 -7.17
CA ASN A 24 -4.95 -24.13 -6.01
C ASN A 24 -3.56 -24.74 -6.00
N LYS A 25 -3.27 -25.60 -5.01
CA LYS A 25 -1.90 -25.98 -4.68
C LYS A 25 -1.58 -27.45 -4.93
N ALA A 26 -0.78 -27.76 -5.96
CA ALA A 26 -0.25 -29.11 -6.14
C ALA A 26 1.28 -29.12 -6.19
N GLN A 27 1.87 -28.21 -6.96
CA GLN A 27 3.31 -28.22 -7.28
C GLN A 27 4.04 -27.09 -6.55
N GLN A 28 3.71 -26.91 -5.28
CA GLN A 28 4.08 -25.74 -4.49
C GLN A 28 5.60 -25.54 -4.42
N GLN A 29 6.05 -24.31 -4.59
CA GLN A 29 7.46 -24.01 -4.79
C GLN A 29 8.20 -23.98 -3.46
N GLY A 30 9.45 -23.52 -3.51
CA GLY A 30 10.22 -23.25 -2.31
C GLY A 30 9.80 -21.95 -1.67
N PRO A 31 9.81 -21.91 -0.34
CA PRO A 31 9.48 -20.66 0.37
C PRO A 31 10.46 -19.54 0.06
N TYR A 32 9.96 -18.31 0.00
CA TYR A 32 10.78 -17.14 -0.28
C TYR A 32 10.71 -16.15 0.87
N THR A 33 11.72 -15.26 0.93
CA THR A 33 11.76 -14.22 1.95
C THR A 33 12.22 -12.92 1.30
N LEU A 34 11.48 -11.84 1.58
CA LEU A 34 11.90 -10.50 1.18
C LEU A 34 12.98 -10.00 2.13
N VAL A 35 14.19 -9.85 1.61
CA VAL A 35 15.32 -9.43 2.42
C VAL A 35 15.22 -7.93 2.70
N ASP A 36 15.60 -7.55 3.91
CA ASP A 36 15.57 -6.15 4.29
C ASP A 36 16.57 -5.33 3.48
N TYR A 37 16.33 -4.03 3.41
CA TYR A 37 17.16 -3.16 2.61
C TYR A 37 18.57 -3.06 3.19
N GLN A 38 19.57 -3.16 2.32
CA GLN A 38 20.96 -2.98 2.69
C GLN A 38 21.45 -1.67 2.09
N GLU A 39 22.04 -0.82 2.93
CA GLU A 39 22.51 0.48 2.47
C GLU A 39 23.71 0.34 1.56
N LYS A 40 23.71 1.11 0.46
CA LYS A 40 24.81 1.14 -0.50
C LYS A 40 25.19 2.59 -0.73
N PRO A 41 25.87 3.21 0.23
CA PRO A 41 26.21 4.63 0.11
C PRO A 41 27.12 4.89 -1.08
N LEU A 42 26.90 6.03 -1.75
CA LEU A 42 27.71 6.40 -2.89
C LEU A 42 29.11 6.79 -2.46
N ASN A 43 30.08 6.52 -3.33
CA ASN A 43 31.49 6.85 -3.05
C ASN A 43 31.77 8.25 -3.58
N ILE A 44 31.30 9.24 -2.82
CA ILE A 44 31.52 10.65 -3.14
C ILE A 44 32.19 11.40 -2.02
N SER A 45 32.42 10.74 -0.88
CA SER A 45 33.08 11.37 0.25
C SER A 45 34.59 11.45 0.02
N ARG A 46 35.19 12.51 0.55
CA ARG A 46 36.62 12.74 0.37
C ARG A 46 37.30 13.13 1.67
N ILE A 47 36.52 13.44 2.71
CA ILE A 47 37.05 13.94 3.97
C ILE A 47 36.57 13.03 5.10
N GLN A 48 37.49 12.69 6.00
CA GLN A 48 37.22 11.86 7.16
C GLN A 48 37.67 12.58 8.42
N ILE A 49 36.96 12.38 9.52
CA ILE A 49 37.28 13.03 10.79
C ILE A 49 37.71 11.95 11.77
N LYS A 50 38.11 12.35 12.98
CA LYS A 50 38.51 11.39 14.02
C LYS A 50 37.52 11.53 15.18
N VAL A 51 36.72 10.49 15.40
CA VAL A 51 35.71 10.51 16.45
C VAL A 51 35.93 9.34 17.40
N VAL A 52 35.24 9.36 18.54
CA VAL A 52 35.28 8.26 19.49
C VAL A 52 33.85 7.83 19.84
N LYS A 53 33.34 6.83 19.11
CA LYS A 53 31.98 6.35 19.35
C LYS A 53 31.87 5.72 20.73
N THR A 54 30.67 5.81 21.29
CA THR A 54 30.32 5.07 22.51
C THR A 54 28.98 4.38 22.28
N SER A 55 28.79 3.24 22.94
CA SER A 55 27.56 2.50 22.71
C SER A 55 27.14 1.73 23.95
N VAL A 56 25.95 2.02 24.46
CA VAL A 56 25.37 1.25 25.55
C VAL A 56 24.70 0.04 24.92
N ALA A 57 23.65 0.29 24.14
CA ALA A 57 23.02 -0.64 23.21
C ALA A 57 23.22 -2.11 23.54
N THR A 58 24.19 -2.75 22.88
CA THR A 58 24.41 -4.19 23.05
C THR A 58 24.96 -4.49 24.44
N LYS A 59 26.14 -3.94 24.76
CA LYS A 59 26.77 -4.17 26.06
C LYS A 59 26.22 -3.16 27.07
N GLY A 60 24.89 -3.09 27.10
CA GLY A 60 24.18 -2.14 27.93
C GLY A 60 22.96 -2.71 28.60
N LEU A 61 23.03 -3.96 29.04
CA LEU A 61 21.86 -4.81 29.19
C LEU A 61 20.70 -4.14 29.90
N ASN A 62 20.81 -3.83 31.20
CA ASN A 62 19.71 -3.06 31.75
C ASN A 62 20.04 -1.99 32.79
N PHE A 63 21.03 -2.23 33.66
CA PHE A 63 21.07 -1.64 35.00
C PHE A 63 21.17 -0.12 35.03
N HIS A 64 20.25 0.53 35.77
CA HIS A 64 20.69 1.72 36.50
C HIS A 64 20.18 1.87 37.94
N ILE A 65 18.89 1.68 38.26
CA ILE A 65 18.52 1.77 39.69
C ILE A 65 17.70 0.62 40.27
N GLY A 66 16.41 0.51 39.97
CA GLY A 66 15.65 -0.39 40.84
C GLY A 66 14.18 -0.59 40.53
N TYR A 67 13.60 -1.51 41.33
CA TYR A 67 12.19 -1.91 41.38
C TYR A 67 11.92 -2.65 42.69
N ARG A 68 10.67 -2.58 43.16
CA ARG A 68 10.19 -3.40 44.29
C ARG A 68 8.68 -3.58 44.22
N ALA A 69 8.16 -4.34 45.19
CA ALA A 69 6.73 -4.60 45.36
C ALA A 69 6.46 -5.08 46.79
N VAL A 70 5.31 -4.71 47.34
CA VAL A 70 5.03 -4.96 48.76
C VAL A 70 3.62 -5.52 48.98
N TRP A 71 3.52 -6.57 49.79
CA TRP A 71 2.24 -7.05 50.26
C TRP A 71 2.07 -6.76 51.75
N ARG A 72 0.85 -6.49 52.17
CA ARG A 72 0.49 -6.33 53.58
C ARG A 72 -0.78 -7.13 53.87
N SER A 73 -0.82 -7.76 55.04
CA SER A 73 -1.93 -8.62 55.37
C SER A 73 -2.37 -8.64 56.82
N TYR A 74 -2.02 -7.61 57.59
CA TYR A 74 -2.38 -7.57 59.01
C TYR A 74 -3.90 -7.64 59.17
N CYS A 75 -4.36 -8.54 60.03
CA CYS A 75 -5.78 -8.70 60.28
C CYS A 75 -6.01 -8.99 61.76
N TYR A 76 -7.27 -8.83 62.18
CA TYR A 76 -7.71 -9.10 63.53
C TYR A 76 -9.12 -9.67 63.47
N ASN A 77 -9.24 -10.99 63.54
CA ASN A 77 -10.52 -11.65 63.33
C ASN A 77 -11.46 -11.42 64.50
N GLY A 78 -12.39 -10.46 64.34
CA GLY A 78 -13.34 -10.19 65.41
C GLY A 78 -14.29 -11.35 65.65
N GLY A 79 -14.79 -11.96 64.57
CA GLY A 79 -15.71 -13.08 64.65
C GLY A 79 -17.06 -12.70 64.07
N SER A 80 -18.06 -13.52 64.39
CA SER A 80 -19.42 -13.29 63.93
C SER A 80 -20.24 -12.44 64.90
N LEU A 81 -19.94 -12.52 66.19
CA LEU A 81 -20.62 -11.66 67.16
C LEU A 81 -20.05 -10.24 67.11
N ASP A 82 -18.75 -10.11 67.38
CA ASP A 82 -18.03 -8.86 67.17
C ASP A 82 -17.62 -8.81 65.71
N LYS A 83 -18.54 -8.30 64.88
CA LYS A 83 -18.39 -8.32 63.42
C LYS A 83 -17.19 -7.50 62.96
N ASN A 84 -16.68 -6.61 63.82
CA ASN A 84 -15.65 -5.68 63.41
C ASN A 84 -14.35 -6.39 63.05
N THR A 85 -14.07 -6.53 61.76
CA THR A 85 -12.75 -6.93 61.27
C THR A 85 -12.42 -6.00 60.09
N GLY A 86 -11.87 -4.84 60.41
CA GLY A 86 -11.47 -3.88 59.39
C GLY A 86 -10.01 -3.99 59.04
N CYS A 87 -9.61 -5.06 58.36
CA CYS A 87 -8.21 -5.33 58.11
C CYS A 87 -7.90 -5.17 56.62
N TYR A 88 -6.63 -5.34 56.26
CA TYR A 88 -6.09 -4.81 55.01
C TYR A 88 -5.24 -5.83 54.27
N ASN A 89 -5.77 -7.03 54.00
CA ASN A 89 -5.08 -7.91 53.07
C ASN A 89 -5.19 -7.32 51.67
N ASP A 90 -4.14 -6.63 51.23
CA ASP A 90 -4.20 -5.83 50.02
C ASP A 90 -2.91 -5.94 49.24
N LEU A 91 -2.98 -5.62 47.94
CA LEU A 91 -1.81 -5.58 47.07
C LEU A 91 -1.36 -4.12 46.95
N ILE A 92 -0.63 -3.68 47.96
CA ILE A 92 -0.21 -2.27 48.04
C ILE A 92 1.30 -2.17 47.81
N PRO A 93 1.73 -1.84 46.60
CA PRO A 93 3.18 -1.78 46.33
C PRO A 93 3.83 -0.51 46.87
N LYS A 94 4.20 -0.53 48.16
CA LYS A 94 4.95 0.58 48.73
C LYS A 94 6.28 0.71 48.01
N SER A 95 6.45 1.79 47.26
CA SER A 95 7.58 1.93 46.33
C SER A 95 8.48 3.07 46.77
N PRO A 96 9.57 2.79 47.49
CA PRO A 96 10.59 3.82 47.74
C PRO A 96 11.56 3.94 46.57
N THR A 97 12.65 4.67 46.77
CA THR A 97 13.60 4.96 45.71
C THR A 97 15.01 4.78 46.29
N GLU A 98 16.04 5.30 45.65
CA GLU A 98 17.42 4.90 45.86
C GLU A 98 17.95 5.29 47.23
N SER A 99 17.44 4.65 48.29
CA SER A 99 17.99 4.85 49.63
C SER A 99 18.96 3.73 50.00
N GLU A 100 18.47 2.49 50.01
CA GLU A 100 19.28 1.32 50.34
C GLU A 100 19.71 0.56 49.08
N LEU A 101 19.84 1.26 47.95
CA LEU A 101 20.22 0.58 46.71
C LEU A 101 21.69 0.20 46.72
N ARG A 102 22.54 1.01 47.36
CA ARG A 102 23.96 0.68 47.47
C ARG A 102 24.22 -0.52 48.36
N THR A 103 23.24 -0.93 49.17
CA THR A 103 23.32 -2.19 49.89
C THR A 103 22.72 -3.35 49.11
N TRP A 104 21.66 -3.11 48.34
CA TRP A 104 21.17 -4.07 47.35
C TRP A 104 22.21 -4.38 46.30
N SER A 105 23.13 -3.45 46.00
CA SER A 105 24.22 -3.70 45.08
C SER A 105 25.25 -4.66 45.65
N LYS A 106 25.19 -4.97 46.93
CA LYS A 106 26.07 -5.94 47.57
C LYS A 106 25.48 -7.34 47.57
N SER A 107 24.19 -7.49 47.23
CA SER A 107 23.55 -8.79 47.16
C SER A 107 22.94 -9.00 45.77
N GLN A 108 22.34 -7.95 45.23
CA GLN A 108 21.75 -7.95 43.89
C GLN A 108 20.70 -9.05 43.74
N LYS A 109 19.66 -8.95 44.56
CA LYS A 109 18.54 -9.88 44.51
C LYS A 109 17.37 -9.26 45.25
N CYS A 110 16.30 -10.04 45.43
CA CYS A 110 15.09 -9.56 46.09
C CYS A 110 15.20 -9.61 47.60
N CYS A 111 15.48 -8.48 48.25
CA CYS A 111 15.49 -8.43 49.70
C CYS A 111 14.08 -8.41 50.28
N THR A 112 13.63 -9.58 50.72
CA THR A 112 12.31 -9.76 51.32
C THR A 112 12.41 -9.58 52.83
N GLY A 113 11.45 -8.86 53.40
CA GLY A 113 11.42 -8.62 54.82
C GLY A 113 10.90 -9.82 55.58
N PRO A 114 10.12 -9.58 56.63
CA PRO A 114 9.60 -10.69 57.43
C PRO A 114 8.52 -11.48 56.71
N ASP A 115 8.85 -12.69 56.25
CA ASP A 115 7.86 -13.56 55.65
C ASP A 115 6.96 -14.20 56.71
N ALA A 116 7.35 -14.12 57.97
CA ALA A 116 6.53 -14.67 59.05
C ALA A 116 5.20 -13.93 59.14
N VAL A 117 4.17 -14.65 59.58
CA VAL A 117 2.83 -14.08 59.66
C VAL A 117 2.21 -14.40 61.02
N ASP A 118 0.95 -14.02 61.20
CA ASP A 118 0.18 -14.32 62.40
C ASP A 118 0.79 -13.70 63.65
N ALA A 119 0.86 -12.37 63.64
CA ALA A 119 1.23 -11.61 64.82
C ALA A 119 -0.04 -11.11 65.52
N TRP A 120 0.12 -10.69 66.78
CA TRP A 120 -1.03 -10.34 67.58
C TRP A 120 -0.61 -9.39 68.69
N GLY A 121 -1.61 -8.72 69.27
CA GLY A 121 -1.40 -7.96 70.49
C GLY A 121 -0.35 -6.89 70.36
N SER A 122 0.51 -6.79 71.39
CA SER A 122 1.55 -5.77 71.40
C SER A 122 2.62 -6.07 70.36
N ASP A 123 3.09 -7.31 70.29
CA ASP A 123 4.11 -7.69 69.31
C ASP A 123 3.46 -8.05 67.97
N ALA A 124 2.77 -7.05 67.41
CA ALA A 124 2.12 -7.17 66.11
C ALA A 124 2.87 -6.39 65.03
N ARG A 125 4.14 -6.06 65.29
CA ARG A 125 4.97 -5.29 64.37
C ARG A 125 5.72 -6.21 63.40
N ILE A 126 4.99 -7.12 62.77
CA ILE A 126 5.57 -8.02 61.78
C ILE A 126 4.89 -7.78 60.45
N CYS A 127 3.56 -7.80 60.45
CA CYS A 127 2.75 -7.61 59.25
C CYS A 127 2.03 -6.27 59.25
N TRP A 128 2.41 -5.37 60.16
CA TRP A 128 1.79 -4.05 60.26
C TRP A 128 2.87 -2.98 60.38
N ALA A 129 4.12 -3.42 60.59
CA ALA A 129 5.22 -2.50 60.82
C ALA A 129 5.73 -1.89 59.52
N GLU A 130 6.90 -1.25 59.59
CA GLU A 130 7.51 -0.60 58.43
C GLU A 130 7.77 -1.60 57.31
N TRP A 131 7.26 -1.30 56.11
CA TRP A 131 7.40 -2.18 54.96
C TRP A 131 8.74 -1.92 54.27
N LYS A 132 9.79 -2.52 54.84
CA LYS A 132 11.15 -2.30 54.39
C LYS A 132 11.84 -3.62 54.10
N MET A 133 13.04 -3.51 53.52
CA MET A 133 13.72 -4.63 52.88
C MET A 133 15.05 -4.94 53.58
N GLU A 134 15.22 -6.20 53.97
CA GLU A 134 16.39 -6.57 54.75
C GLU A 134 17.17 -7.79 54.24
N LEU A 135 16.47 -8.83 53.77
CA LEU A 135 17.10 -10.12 53.48
C LEU A 135 16.81 -10.52 52.03
N CYS A 136 17.87 -10.55 51.21
CA CYS A 136 17.72 -10.90 49.81
C CYS A 136 17.70 -12.41 49.60
N HIS A 137 16.75 -12.87 48.79
CA HIS A 137 16.60 -14.27 48.43
C HIS A 137 16.52 -14.40 46.92
N THR A 138 16.96 -15.56 46.41
CA THR A 138 17.12 -15.76 44.97
C THR A 138 15.83 -15.63 44.19
N ALA A 139 14.87 -16.51 44.45
CA ALA A 139 13.60 -16.53 43.72
C ALA A 139 12.42 -16.48 44.69
N LYS A 140 12.48 -15.60 45.68
CA LYS A 140 11.43 -15.50 46.68
C LYS A 140 10.13 -15.03 46.04
N GLU A 141 9.01 -15.51 46.59
CA GLU A 141 7.70 -15.19 46.05
C GLU A 141 6.71 -14.88 47.16
N LEU A 142 5.42 -14.83 46.81
CA LEU A 142 4.37 -14.55 47.79
C LEU A 142 3.60 -15.83 48.04
N LYS A 143 2.92 -15.87 49.20
CA LYS A 143 2.00 -16.95 49.51
C LYS A 143 0.56 -16.48 49.56
N LYS A 144 0.33 -15.17 49.47
CA LYS A 144 -1.00 -14.57 49.58
C LYS A 144 -1.72 -15.08 50.82
N TYR A 145 -1.13 -14.81 51.98
CA TYR A 145 -1.71 -15.23 53.24
C TYR A 145 -3.04 -14.52 53.49
N SER A 146 -4.08 -15.29 53.76
CA SER A 146 -5.39 -14.73 54.04
C SER A 146 -6.05 -15.43 55.22
N ASN A 147 -5.44 -16.50 55.70
CA ASN A 147 -6.03 -17.33 56.74
C ASN A 147 -6.22 -16.60 58.06
N ASN A 148 -7.46 -16.47 58.50
CA ASN A 148 -7.79 -15.88 59.80
C ASN A 148 -8.39 -16.97 60.69
N ASN A 149 -7.76 -17.18 61.85
CA ASN A 149 -8.19 -18.24 62.75
C ASN A 149 -8.21 -17.81 64.21
N HIS A 150 -7.80 -16.57 64.48
CA HIS A 150 -7.69 -16.08 65.85
C HIS A 150 -8.91 -15.22 66.17
N PHE A 151 -9.91 -15.85 66.79
CA PHE A 151 -11.06 -15.11 67.29
C PHE A 151 -10.62 -14.23 68.46
N ALA A 152 -10.99 -12.95 68.40
CA ALA A 152 -10.63 -11.96 69.41
C ALA A 152 -9.12 -11.72 69.48
N TYR A 153 -8.38 -12.27 68.52
CA TYR A 153 -6.95 -11.96 68.39
C TYR A 153 -6.62 -11.60 66.95
N HIS A 154 -5.35 -11.31 66.68
CA HIS A 154 -4.93 -10.76 65.40
C HIS A 154 -4.27 -11.83 64.55
N THR A 155 -4.52 -11.77 63.24
CA THR A 155 -3.91 -12.68 62.27
C THR A 155 -3.27 -11.85 61.15
N CYS A 156 -2.01 -11.46 61.37
CA CYS A 156 -1.30 -10.73 60.34
C CYS A 156 -0.89 -11.68 59.22
N ASN A 157 -0.98 -11.20 57.98
CA ASN A 157 -0.84 -12.06 56.81
C ASN A 157 0.06 -11.41 55.75
N LEU A 158 1.22 -10.91 56.16
CA LEU A 158 2.16 -10.27 55.26
C LEU A 158 3.20 -11.30 54.82
N SER A 159 3.16 -11.66 53.53
CA SER A 159 4.16 -12.52 52.94
C SER A 159 5.25 -11.72 52.21
N TRP A 160 5.14 -10.39 52.21
CA TRP A 160 6.07 -9.52 51.49
C TRP A 160 6.21 -9.97 50.04
N ARG A 161 5.16 -9.76 49.25
CA ARG A 161 5.15 -10.16 47.84
C ARG A 161 6.47 -9.81 47.15
N CYS A 162 7.01 -10.78 46.42
CA CYS A 162 8.20 -10.61 45.61
C CYS A 162 8.03 -11.31 44.28
N GLY A 163 8.44 -10.63 43.21
CA GLY A 163 8.54 -11.21 41.90
C GLY A 163 7.50 -10.68 40.94
N LEU A 164 7.89 -9.63 40.20
CA LEU A 164 7.19 -9.13 39.04
C LEU A 164 8.19 -8.35 38.22
N LYS A 165 8.63 -8.94 37.12
CA LYS A 165 9.73 -8.34 36.38
C LYS A 165 9.45 -8.36 34.89
N SER A 166 9.59 -7.20 34.25
CA SER A 166 9.81 -7.08 32.81
C SER A 166 8.58 -7.59 32.07
N THR A 167 8.73 -8.19 30.89
CA THR A 167 7.66 -8.88 30.17
C THR A 167 8.24 -10.21 29.70
N HIS A 168 9.30 -10.63 30.39
CA HIS A 168 10.05 -11.88 30.16
C HIS A 168 10.89 -11.79 28.90
N ILE A 169 10.69 -10.74 28.11
CA ILE A 169 11.50 -10.46 26.92
C ILE A 169 11.68 -8.96 26.82
N GLU A 170 12.91 -8.49 27.01
CA GLU A 170 13.24 -7.07 27.11
C GLU A 170 12.36 -6.46 28.20
N VAL A 171 12.31 -5.13 28.28
CA VAL A 171 11.27 -4.43 29.03
C VAL A 171 10.68 -3.36 28.14
N ARG A 172 9.37 -3.28 28.15
CA ARG A 172 8.59 -2.31 27.41
C ARG A 172 8.82 -0.93 28.03
N LEU A 173 8.18 0.09 27.44
CA LEU A 173 8.19 1.49 27.86
C LEU A 173 9.48 2.23 27.50
N GLN A 174 10.52 1.53 27.03
CA GLN A 174 11.73 2.18 26.51
C GLN A 174 12.75 1.15 26.02
N ALA A 175 13.80 1.62 25.33
CA ALA A 175 14.99 0.82 25.05
C ALA A 175 16.21 1.58 25.57
N SER A 176 17.38 0.95 25.56
CA SER A 176 18.55 1.54 26.21
C SER A 176 19.21 2.54 25.28
N GLY A 177 19.38 3.76 25.76
CA GLY A 177 20.05 4.80 25.00
C GLY A 177 20.85 5.73 25.89
N GLY A 178 21.64 6.59 25.26
CA GLY A 178 22.39 7.58 25.98
C GLY A 178 21.88 9.00 25.72
N LEU A 179 22.07 9.87 26.71
CA LEU A 179 21.62 11.25 26.61
C LEU A 179 22.79 12.18 26.90
N VAL A 180 22.72 13.39 26.34
CA VAL A 180 23.80 14.36 26.48
C VAL A 180 23.79 14.94 27.89
N SER A 181 24.93 14.88 28.57
CA SER A 181 25.08 15.42 29.91
C SER A 181 26.36 16.22 30.00
N MET A 182 26.58 17.12 29.02
CA MET A 182 27.80 17.92 28.90
C MET A 182 28.98 17.03 28.53
N VAL A 183 29.42 16.18 29.45
CA VAL A 183 30.54 15.29 29.20
C VAL A 183 30.10 13.85 29.26
N ALA A 184 29.58 13.42 30.41
CA ALA A 184 29.17 12.04 30.62
C ALA A 184 27.98 11.67 29.76
N VAL A 185 27.89 10.40 29.36
CA VAL A 185 26.76 9.90 28.60
C VAL A 185 25.75 9.29 29.56
N MET A 186 24.54 9.85 29.61
CA MET A 186 23.52 9.31 30.49
C MET A 186 22.98 8.00 29.94
N PRO A 187 22.80 6.97 30.78
CA PRO A 187 22.09 5.76 30.34
C PRO A 187 20.59 5.95 30.41
N ASN A 188 20.18 7.21 30.49
CA ASN A 188 18.79 7.63 30.58
C ASN A 188 18.11 7.60 29.21
N GLY A 189 17.02 8.36 29.06
CA GLY A 189 16.16 8.26 27.90
C GLY A 189 14.73 8.67 28.24
N THR A 190 14.43 8.70 29.54
CA THR A 190 13.44 9.63 30.09
C THR A 190 12.06 9.59 29.45
N LEU A 191 11.30 8.51 29.61
CA LEU A 191 9.93 8.63 29.14
C LEU A 191 8.85 8.50 30.22
N ILE A 192 8.54 7.31 30.74
CA ILE A 192 7.65 7.25 31.91
C ILE A 192 8.24 6.87 33.28
N PRO A 193 8.91 5.68 33.44
CA PRO A 193 8.92 5.04 34.77
C PRO A 193 10.14 5.05 35.71
N ILE A 194 11.34 5.46 35.31
CA ILE A 194 12.54 5.10 36.08
C ILE A 194 13.48 6.31 36.22
N GLU A 195 14.70 6.12 36.72
CA GLU A 195 15.73 7.15 36.66
C GLU A 195 15.84 7.68 35.24
N GLY A 196 16.01 9.00 35.12
CA GLY A 196 15.61 9.63 33.89
C GLY A 196 14.16 9.22 33.84
N THR A 197 13.82 8.33 32.90
CA THR A 197 12.83 7.25 33.00
C THR A 197 13.08 6.25 31.87
N ARG A 198 13.67 5.09 32.18
CA ARG A 198 14.21 4.23 31.13
C ARG A 198 14.22 2.75 31.52
N PRO A 199 13.22 1.96 31.10
CA PRO A 199 13.27 0.50 31.37
C PRO A 199 13.90 -0.34 30.26
N THR A 200 14.64 -1.37 30.66
CA THR A 200 15.41 -2.25 29.77
C THR A 200 15.61 -3.64 30.37
N TYR A 201 16.52 -4.43 29.78
CA TYR A 201 16.29 -5.85 29.49
C TYR A 201 15.50 -6.68 30.50
N TRP A 202 16.00 -6.95 31.71
CA TRP A 202 15.11 -7.64 32.65
C TRP A 202 15.56 -7.43 34.10
N THR A 203 14.97 -6.45 34.78
CA THR A 203 14.73 -6.57 36.22
C THR A 203 13.37 -6.02 36.63
N GLU A 204 12.94 -4.92 36.01
CA GLU A 204 12.15 -3.93 36.71
C GLU A 204 10.93 -3.48 35.91
N ASP A 205 9.94 -2.98 36.66
CA ASP A 205 8.77 -2.33 36.08
C ASP A 205 8.55 -0.95 36.70
N SER A 206 8.80 -0.81 37.99
CA SER A 206 8.44 0.36 38.79
C SER A 206 9.68 0.91 39.50
N PHE A 207 9.47 1.82 40.46
CA PHE A 207 10.52 2.51 41.20
C PHE A 207 10.90 1.68 42.43
N ALA A 208 12.21 1.38 42.57
CA ALA A 208 12.85 1.08 43.85
C ALA A 208 14.26 0.51 43.73
N TYR A 209 14.41 -0.81 43.89
CA TYR A 209 15.72 -1.42 44.11
C TYR A 209 16.10 -2.55 43.15
N LEU A 210 15.16 -3.39 42.73
CA LEU A 210 15.52 -4.55 41.92
C LEU A 210 15.88 -4.13 40.50
N TYR A 211 17.16 -3.83 40.27
CA TYR A 211 17.70 -3.48 38.96
C TYR A 211 19.21 -3.52 39.11
N ASP A 212 19.88 -4.38 38.36
CA ASP A 212 21.23 -4.79 38.73
C ASP A 212 22.05 -5.00 37.46
N PRO A 213 23.38 -4.87 37.55
CA PRO A 213 24.22 -5.04 36.36
C PRO A 213 24.09 -6.43 35.76
N ALA A 214 23.88 -6.47 34.44
CA ALA A 214 23.83 -7.71 33.69
C ALA A 214 24.64 -7.65 32.41
N GLY A 215 25.57 -6.71 32.28
CA GLY A 215 26.33 -6.56 31.07
C GLY A 215 26.42 -5.13 30.57
N THR A 216 26.04 -4.18 31.42
CA THR A 216 25.96 -2.76 31.06
C THR A 216 27.36 -2.16 31.10
N GLU A 217 27.87 -1.77 29.94
CA GLU A 217 29.15 -1.07 29.83
C GLU A 217 29.09 -0.10 28.65
N LYS A 218 30.18 0.62 28.44
CA LYS A 218 30.31 1.57 27.34
C LYS A 218 31.52 1.17 26.51
N LYS A 219 31.29 0.89 25.22
CA LYS A 219 32.34 0.28 24.39
C LYS A 219 33.47 1.27 24.11
N THR A 220 33.13 2.51 23.77
CA THR A 220 34.10 3.57 23.51
C THR A 220 35.06 3.17 22.39
N GLU A 221 34.53 3.04 21.17
CA GLU A 221 35.36 2.70 20.01
C GLU A 221 36.02 3.94 19.41
N SER A 222 36.60 3.77 18.22
CA SER A 222 37.26 4.88 17.52
C SER A 222 37.12 4.72 16.00
N THR A 223 36.19 5.45 15.41
CA THR A 223 35.90 5.33 13.98
C THR A 223 36.19 6.70 13.32
N PHE A 224 36.05 6.77 11.99
CA PHE A 224 36.36 7.99 11.25
C PHE A 224 35.17 8.68 10.62
N LEU A 225 34.06 7.98 10.38
CA LEU A 225 32.80 8.65 10.02
C LEU A 225 32.89 9.52 8.77
N TRP A 226 32.99 8.89 7.59
CA TRP A 226 32.95 9.61 6.32
C TRP A 226 31.94 10.75 6.35
N CYS A 227 32.36 11.90 5.82
CA CYS A 227 31.62 13.14 5.98
C CYS A 227 31.83 14.04 4.78
N PHE A 228 31.24 15.24 4.87
CA PHE A 228 31.32 16.28 3.86
C PHE A 228 31.35 17.63 4.57
N LYS A 229 31.79 18.66 3.87
CA LYS A 229 31.86 19.99 4.44
C LYS A 229 30.92 20.96 3.73
N GLU A 230 30.67 22.09 4.39
CA GLU A 230 29.84 23.16 3.85
C GLU A 230 30.45 24.48 4.27
N HIS A 231 30.64 25.38 3.30
CA HIS A 231 31.15 26.71 3.58
C HIS A 231 30.05 27.60 4.13
N ILE A 232 30.43 28.55 4.98
CA ILE A 232 29.49 29.51 5.55
C ILE A 232 29.77 30.88 4.98
N ARG A 233 29.00 31.28 3.96
CA ARG A 233 29.19 32.58 3.33
C ARG A 233 28.07 33.53 3.74
N PRO A 234 28.42 34.69 4.32
CA PRO A 234 27.40 35.65 4.71
C PRO A 234 26.63 36.18 3.51
N THR A 235 25.35 36.48 3.74
CA THR A 235 24.43 36.90 2.69
C THR A 235 23.74 38.20 3.10
N THR A 236 23.43 39.01 2.10
CA THR A 236 22.71 40.26 2.24
C THR A 236 21.26 40.04 1.77
N GLU A 237 20.37 40.96 2.10
CA GLU A 237 18.96 40.84 1.72
C GLU A 237 18.48 42.09 1.01
N LEU A 238 19.32 42.64 0.13
CA LEU A 238 18.95 43.84 -0.60
C LEU A 238 17.75 43.57 -1.52
N SER A 239 16.85 44.54 -1.59
CA SER A 239 15.60 44.44 -2.36
C SER A 239 14.86 43.19 -1.88
N GLY A 240 14.45 42.28 -2.76
CA GLY A 240 13.85 41.04 -2.33
C GLY A 240 14.68 39.84 -2.72
N ALA A 241 16.00 40.01 -2.80
CA ALA A 241 16.89 38.97 -3.25
C ALA A 241 17.90 38.66 -2.16
N VAL A 242 18.71 37.63 -2.40
CA VAL A 242 19.74 37.21 -1.46
C VAL A 242 21.10 37.23 -2.13
N TYR A 243 21.83 38.32 -1.99
CA TYR A 243 23.18 38.41 -2.53
C TYR A 243 24.17 37.78 -1.57
N ASP A 244 25.45 37.86 -1.92
CA ASP A 244 26.55 37.46 -1.06
C ASP A 244 27.28 38.71 -0.59
N THR A 245 27.68 38.74 0.67
CA THR A 245 28.25 39.93 1.30
C THR A 245 29.76 39.95 1.08
N HIS A 246 30.19 39.12 0.13
CA HIS A 246 31.61 39.05 -0.23
C HIS A 246 31.78 39.29 -1.71
N TYR A 247 30.69 39.20 -2.48
CA TYR A 247 30.73 39.41 -3.91
C TYR A 247 30.22 40.78 -4.33
N LEU A 248 29.39 41.43 -3.51
CA LEU A 248 28.97 42.79 -3.81
C LEU A 248 30.12 43.77 -3.65
N GLY A 249 30.88 43.65 -2.57
CA GLY A 249 32.00 44.54 -2.32
C GLY A 249 33.29 44.10 -2.99
N GLY A 250 33.33 42.86 -3.45
CA GLY A 250 34.50 42.32 -4.11
C GLY A 250 35.62 41.90 -3.19
N THR A 251 35.40 41.84 -1.88
CA THR A 251 36.42 41.46 -0.92
C THR A 251 36.30 39.98 -0.57
N TYR A 252 37.42 39.39 -0.19
CA TYR A 252 37.47 38.00 0.21
C TYR A 252 37.37 37.87 1.72
N ASP A 253 37.30 36.62 2.18
CA ASP A 253 37.06 36.31 3.59
C ASP A 253 38.35 35.80 4.21
N LYS A 254 38.69 36.35 5.37
CA LYS A 254 39.84 35.89 6.15
C LYS A 254 39.36 35.07 7.34
N ASN A 255 40.09 33.99 7.62
CA ASN A 255 39.74 33.03 8.66
C ASN A 255 38.31 32.51 8.48
N PRO A 256 38.06 31.71 7.46
CA PRO A 256 36.71 31.18 7.25
C PRO A 256 36.39 30.05 8.22
N GLN A 257 35.11 29.70 8.27
CA GLN A 257 34.63 28.64 9.14
C GLN A 257 33.73 27.71 8.33
N PHE A 258 33.88 26.40 8.55
CA PHE A 258 33.14 25.39 7.83
C PHE A 258 32.27 24.59 8.78
N ASN A 259 31.29 23.89 8.22
CA ASN A 259 30.37 23.04 8.97
C ASN A 259 30.40 21.64 8.37
N TYR A 260 30.60 20.63 9.21
CA TYR A 260 30.79 19.27 8.74
C TYR A 260 29.56 18.42 9.00
N TYR A 261 29.14 17.68 7.97
CA TYR A 261 28.03 16.73 8.06
C TYR A 261 28.58 15.33 7.85
N CYS A 262 28.40 14.46 8.85
CA CYS A 262 28.92 13.10 8.80
C CYS A 262 27.78 12.12 8.59
N ARG A 263 28.12 10.95 8.06
CA ARG A 263 27.12 9.89 7.89
C ARG A 263 27.60 8.62 8.59
N ASP A 264 26.71 8.03 9.38
CA ASP A 264 26.94 6.76 10.06
C ASP A 264 25.80 5.81 9.75
N ASN A 265 25.73 4.68 10.44
CA ASN A 265 24.70 3.68 10.18
C ASN A 265 23.30 4.28 10.13
N GLY A 266 22.69 4.23 8.95
CA GLY A 266 21.39 4.81 8.67
C GLY A 266 21.17 6.23 9.16
N TYR A 267 22.25 6.96 9.43
CA TYR A 267 22.17 8.25 10.08
C TYR A 267 22.98 9.28 9.30
N TYR A 268 22.47 10.51 9.26
CA TYR A 268 23.12 11.63 8.58
C TYR A 268 23.03 12.84 9.50
N PHE A 269 24.09 13.11 10.25
CA PHE A 269 24.02 14.15 11.27
C PHE A 269 25.09 15.21 11.04
N GLU A 270 25.14 16.23 11.92
CA GLU A 270 26.04 17.37 11.80
C GLU A 270 26.99 17.38 12.99
N LEU A 271 28.26 17.08 12.72
CA LEU A 271 29.29 17.07 13.76
C LEU A 271 29.75 18.48 14.09
N PRO A 272 29.64 18.91 15.34
CA PRO A 272 30.13 20.23 15.73
C PRO A 272 31.58 20.19 16.21
N ALA A 273 32.06 21.35 16.64
CA ALA A 273 33.43 21.47 17.12
C ALA A 273 33.70 20.54 18.29
N ASN A 274 33.07 20.79 19.44
CA ASN A 274 33.26 19.97 20.65
C ASN A 274 31.93 19.87 21.38
N ARG A 275 31.16 18.82 21.08
CA ARG A 275 29.89 18.58 21.76
C ARG A 275 29.65 17.08 21.85
N LEU A 276 28.43 16.69 22.23
CA LEU A 276 27.96 15.29 22.26
C LEU A 276 26.64 15.28 21.48
N VAL A 277 26.73 15.10 20.17
CA VAL A 277 25.54 15.11 19.33
C VAL A 277 24.92 13.73 19.25
N CYS A 278 24.11 13.39 20.25
CA CYS A 278 23.56 12.04 20.31
C CYS A 278 22.03 11.95 20.22
N LEU A 279 21.63 11.99 18.96
CA LEU A 279 20.65 11.08 18.41
C LEU A 279 20.97 9.65 18.87
N PRO A 280 19.97 8.76 18.93
CA PRO A 280 20.12 7.46 19.63
C PRO A 280 21.42 6.69 19.46
N THR A 281 22.08 6.46 20.60
CA THR A 281 22.93 5.29 20.90
C THR A 281 24.26 5.16 20.15
N SER A 282 24.86 6.26 19.71
CA SER A 282 26.28 6.21 19.36
C SER A 282 27.02 7.36 20.02
N CYS A 283 26.36 8.50 20.06
CA CYS A 283 26.61 9.67 20.88
C CYS A 283 28.09 10.04 20.90
N TYR A 284 28.55 10.48 19.74
CA TYR A 284 29.92 10.43 19.25
C TYR A 284 30.95 11.27 20.00
N LYS A 285 30.85 12.60 19.89
CA LYS A 285 31.87 13.56 20.27
C LYS A 285 33.06 13.50 19.31
N ARG A 286 33.64 14.65 19.00
CA ARG A 286 34.70 14.78 18.01
C ARG A 286 36.07 14.98 18.67
N GLU A 287 37.09 14.39 18.05
CA GLU A 287 38.49 14.68 18.38
C GLU A 287 39.13 15.64 17.39
N GLY A 288 39.07 15.34 16.09
CA GLY A 288 39.54 16.25 15.07
C GLY A 288 40.89 15.89 14.47
N ALA A 289 40.89 15.27 13.29
CA ALA A 289 42.11 15.01 12.56
C ALA A 289 42.00 15.51 11.13
N ILE A 290 40.82 15.35 10.52
CA ILE A 290 40.51 15.81 9.17
C ILE A 290 41.51 15.23 8.17
N VAL A 291 41.12 14.13 7.53
CA VAL A 291 41.97 13.43 6.58
C VAL A 291 41.31 13.53 5.21
N ASN A 292 41.79 14.44 4.38
CA ASN A 292 41.25 14.61 3.03
C ASN A 292 42.01 13.76 2.02
N THR A 293 41.32 13.36 0.96
CA THR A 293 41.92 12.54 -0.10
C THR A 293 41.66 13.12 -1.49
N MET A 294 41.46 14.43 -1.61
CA MET A 294 41.25 14.99 -2.94
C MET A 294 42.57 15.27 -3.65
N HIS A 295 43.36 16.19 -3.11
CA HIS A 295 44.67 16.54 -3.65
C HIS A 295 45.32 17.52 -2.68
N PRO A 296 46.66 17.44 -2.56
CA PRO A 296 47.19 18.41 -1.60
C PRO A 296 46.99 19.86 -2.04
N ASP A 297 46.63 20.10 -3.29
CA ASP A 297 46.45 21.45 -3.79
C ASP A 297 45.01 21.85 -3.98
N THR A 298 44.08 20.96 -3.66
CA THR A 298 42.70 21.36 -3.69
C THR A 298 42.34 21.47 -2.24
N TRP A 299 43.13 20.88 -1.34
CA TRP A 299 42.86 21.12 0.07
C TRP A 299 43.51 22.42 0.53
N LYS A 300 44.18 23.12 -0.38
CA LYS A 300 44.80 24.39 -0.07
C LYS A 300 43.96 25.53 -0.64
N VAL A 301 43.18 25.21 -1.68
CA VAL A 301 42.26 26.19 -2.26
C VAL A 301 40.97 26.30 -1.46
N SER A 302 40.46 25.19 -0.93
CA SER A 302 39.17 25.16 -0.25
C SER A 302 39.32 25.28 1.27
N GLU A 303 40.36 25.97 1.73
CA GLU A 303 40.52 26.26 3.15
C GLU A 303 40.64 27.77 3.33
N LYS A 304 41.30 28.41 2.38
CA LYS A 304 41.37 29.87 2.25
C LYS A 304 40.87 30.16 0.84
N LEU A 305 39.56 30.32 0.70
CA LEU A 305 38.91 30.19 -0.59
C LEU A 305 39.38 31.22 -1.62
N HIS A 306 39.05 32.48 -1.43
CA HIS A 306 39.46 33.52 -2.37
C HIS A 306 40.71 34.26 -1.91
N SER A 307 41.78 33.54 -1.56
CA SER A 307 43.01 34.19 -1.15
C SER A 307 44.01 34.23 -2.29
N ALA A 308 45.23 34.67 -2.02
CA ALA A 308 46.31 34.62 -3.00
C ALA A 308 46.95 33.25 -3.11
N SER A 309 47.26 32.62 -1.97
CA SER A 309 47.78 31.26 -1.89
C SER A 309 48.99 31.02 -2.79
N GLN A 310 49.28 29.76 -3.07
CA GLN A 310 50.37 29.39 -3.97
C GLN A 310 49.96 28.25 -4.90
N PHE A 311 48.67 28.05 -5.12
CA PHE A 311 48.20 26.92 -5.91
C PHE A 311 48.71 27.01 -7.34
N ASP A 312 49.05 25.85 -7.91
CA ASP A 312 49.43 25.74 -9.31
C ASP A 312 48.23 25.26 -10.11
N VAL A 313 47.88 26.03 -11.13
CA VAL A 313 46.66 25.82 -11.91
C VAL A 313 46.67 24.45 -12.57
N ASN A 314 47.81 24.07 -13.14
CA ASN A 314 47.93 22.87 -13.96
C ASN A 314 47.43 21.63 -13.23
N ASN A 315 47.62 21.57 -11.91
CA ASN A 315 47.08 20.46 -11.13
C ASN A 315 45.63 20.68 -10.73
N VAL A 316 45.27 21.90 -10.34
CA VAL A 316 43.92 22.15 -9.84
C VAL A 316 42.88 21.92 -10.95
N VAL A 317 43.16 22.35 -12.17
CA VAL A 317 42.24 22.09 -13.27
C VAL A 317 42.23 20.63 -13.69
N HIS A 318 43.20 19.84 -13.23
CA HIS A 318 43.15 18.40 -13.44
C HIS A 318 42.22 17.72 -12.45
N SER A 319 42.51 17.88 -11.15
CA SER A 319 41.72 17.23 -10.11
C SER A 319 40.23 17.50 -10.29
N LEU A 320 39.87 18.76 -10.52
CA LEU A 320 38.46 19.11 -10.72
C LEU A 320 37.82 18.23 -11.77
N VAL A 321 38.47 18.06 -12.93
CA VAL A 321 37.96 17.18 -13.96
C VAL A 321 37.63 15.81 -13.35
N TYR A 322 38.62 15.18 -12.74
CA TYR A 322 38.41 13.94 -12.00
C TYR A 322 37.14 14.03 -11.16
N GLU A 323 37.09 15.01 -10.25
CA GLU A 323 35.94 15.12 -9.35
C GLU A 323 34.64 15.17 -10.12
N THR A 324 34.59 16.00 -11.18
CA THR A 324 33.35 16.11 -11.94
C THR A 324 32.89 14.76 -12.43
N GLU A 325 33.80 13.97 -13.01
CA GLU A 325 33.43 12.65 -13.50
C GLU A 325 32.75 11.86 -12.40
N GLY A 326 33.37 11.81 -11.21
CA GLY A 326 32.78 11.08 -10.11
C GLY A 326 31.36 11.53 -9.85
N LEU A 327 31.15 12.84 -9.72
CA LEU A 327 29.81 13.35 -9.45
C LEU A 327 28.85 12.87 -10.53
N ARG A 328 29.24 12.97 -11.79
CA ARG A 328 28.38 12.51 -12.88
C ARG A 328 27.99 11.06 -12.64
N LEU A 329 28.98 10.20 -12.40
CA LEU A 329 28.69 8.79 -12.18
C LEU A 329 27.70 8.61 -11.04
N ALA A 330 27.91 9.36 -9.95
CA ALA A 330 27.00 9.25 -8.81
C ALA A 330 25.57 9.50 -9.25
N LEU A 331 25.34 10.62 -9.94
CA LEU A 331 23.99 10.92 -10.42
C LEU A 331 23.41 9.74 -11.17
N SER A 332 24.21 9.15 -12.06
CA SER A 332 23.72 8.05 -12.87
C SER A 332 23.13 6.97 -11.99
N GLN A 333 23.90 6.52 -11.00
CA GLN A 333 23.41 5.44 -10.14
C GLN A 333 22.08 5.84 -9.51
N LEU A 334 22.04 7.05 -8.92
CA LEU A 334 20.81 7.51 -8.29
C LEU A 334 19.64 7.41 -9.26
N ASP A 335 19.84 7.92 -10.47
CA ASP A 335 18.77 7.90 -11.47
C ASP A 335 18.24 6.49 -11.63
N HIS A 336 19.14 5.52 -11.86
CA HIS A 336 18.70 4.15 -12.05
C HIS A 336 17.89 3.69 -10.85
N ARG A 337 18.42 3.91 -9.65
CA ARG A 337 17.71 3.49 -8.45
C ARG A 337 16.35 4.16 -8.38
N PHE A 338 16.31 5.47 -8.67
CA PHE A 338 15.04 6.18 -8.62
C PHE A 338 14.04 5.55 -9.58
N ALA A 339 14.51 5.15 -10.76
CA ALA A 339 13.61 4.48 -11.71
C ALA A 339 13.02 3.23 -11.09
N THR A 340 13.86 2.41 -10.46
CA THR A 340 13.35 1.16 -9.87
C THR A 340 12.44 1.44 -8.70
N LEU A 341 12.40 2.68 -8.21
CA LEU A 341 11.45 3.04 -7.18
C LEU A 341 10.21 3.71 -7.75
N SER A 342 10.31 4.31 -8.94
CA SER A 342 9.17 4.95 -9.56
C SER A 342 8.28 3.99 -10.31
N ARG A 343 8.74 2.76 -10.56
CA ARG A 343 7.92 1.77 -11.24
C ARG A 343 7.13 0.93 -10.23
N LEU A 344 7.82 0.36 -9.25
CA LEU A 344 7.17 -0.47 -8.24
C LEU A 344 6.09 0.27 -7.48
N PHE A 345 6.24 1.57 -7.27
CA PHE A 345 5.17 2.37 -6.68
C PHE A 345 3.97 2.48 -7.61
N ASN A 346 4.21 2.71 -8.91
CA ASN A 346 3.10 2.82 -9.86
C ASN A 346 2.33 1.51 -9.96
N ARG A 347 3.01 0.37 -9.80
CA ARG A 347 2.34 -0.92 -9.78
C ARG A 347 1.70 -1.22 -8.43
N LEU A 348 2.03 -0.44 -7.40
CA LEU A 348 1.47 -0.63 -6.08
C LEU A 348 0.18 0.15 -5.87
N THR A 349 -0.11 1.12 -6.73
CA THR A 349 -1.36 1.88 -6.68
C THR A 349 -2.34 1.38 -7.73
N GLN A 350 -1.98 0.31 -8.43
CA GLN A 350 -2.90 -0.32 -9.37
C GLN A 350 -3.44 -1.64 -8.84
N SER A 351 -2.89 -2.18 -7.75
CA SER A 351 -3.42 -3.39 -7.15
C SER A 351 -3.92 -3.18 -5.74
N LEU A 352 -3.69 -2.01 -5.13
CA LEU A 352 -4.25 -1.68 -3.83
C LEU A 352 -5.36 -0.66 -3.94
N ALA A 353 -5.57 -0.09 -5.13
CA ALA A 353 -6.69 0.81 -5.38
C ALA A 353 -7.98 0.07 -5.64
N LYS A 354 -7.93 -1.26 -5.80
CA LYS A 354 -9.12 -2.08 -5.93
C LYS A 354 -9.69 -2.50 -4.58
N ILE A 355 -8.86 -2.55 -3.55
CA ILE A 355 -9.35 -2.84 -2.20
C ILE A 355 -9.83 -1.58 -1.49
N ASP A 356 -8.95 -0.60 -1.34
CA ASP A 356 -9.28 0.66 -0.68
C ASP A 356 -10.02 1.55 -1.68
N ASP A 357 -11.24 1.95 -1.34
CA ASP A 357 -12.04 2.78 -2.24
C ASP A 357 -11.42 4.16 -2.42
N ARG A 358 -11.10 4.83 -1.31
CA ARG A 358 -10.58 6.19 -1.36
C ARG A 358 -9.05 6.20 -1.31
N LEU A 359 -8.45 5.49 -2.27
CA LEU A 359 -7.02 5.54 -2.48
C LEU A 359 -6.61 6.49 -3.60
N LEU A 360 -7.37 6.50 -4.70
CA LEU A 360 -7.17 7.49 -5.75
C LEU A 360 -7.90 8.79 -5.46
N GLY A 361 -8.60 8.86 -4.33
CA GLY A 361 -9.22 10.09 -3.88
C GLY A 361 -8.44 10.68 -2.72
N THR A 362 -7.18 10.28 -2.60
CA THR A 362 -6.27 10.87 -1.63
C THR A 362 -4.99 11.31 -2.32
N LEU A 363 -4.54 10.52 -3.31
CA LEU A 363 -3.36 10.87 -4.08
C LEU A 363 -3.60 12.05 -5.01
N LEU A 364 -4.85 12.32 -5.37
CA LEU A 364 -5.19 13.39 -6.30
C LEU A 364 -5.63 14.66 -5.60
N GLY A 365 -5.55 14.70 -4.26
CA GLY A 365 -5.93 15.90 -3.53
C GLY A 365 -7.41 15.95 -3.21
N GLN A 366 -8.24 15.95 -4.25
CA GLN A 366 -9.68 15.99 -4.07
C GLN A 366 -10.18 14.70 -3.43
N ASP A 367 -11.47 14.68 -3.10
CA ASP A 367 -12.06 13.51 -2.48
C ASP A 367 -13.07 12.86 -3.42
N VAL A 368 -12.70 11.70 -3.96
CA VAL A 368 -13.57 10.91 -4.83
C VAL A 368 -13.41 9.44 -4.47
N SER A 369 -14.32 8.61 -4.96
CA SER A 369 -14.26 7.17 -4.72
C SER A 369 -14.10 6.46 -6.04
N SER A 370 -13.20 5.48 -6.09
CA SER A 370 -12.90 4.77 -7.32
C SER A 370 -13.76 3.51 -7.44
N LYS A 371 -13.83 2.97 -8.66
CA LYS A 371 -14.52 1.72 -8.92
C LYS A 371 -13.94 1.05 -10.16
N PHE A 372 -13.21 -0.04 -9.98
CA PHE A 372 -12.55 -0.71 -11.11
C PHE A 372 -13.54 -1.62 -11.80
N ILE A 373 -13.93 -1.25 -13.03
CA ILE A 373 -14.81 -2.10 -13.82
C ILE A 373 -14.00 -3.05 -14.70
N SER A 374 -12.77 -2.66 -15.03
CA SER A 374 -11.86 -3.43 -15.87
C SER A 374 -10.53 -3.52 -15.15
N PRO A 375 -9.69 -4.54 -15.42
CA PRO A 375 -8.41 -4.64 -14.70
C PRO A 375 -7.41 -3.55 -15.07
N THR A 376 -7.81 -2.63 -15.96
CA THR A 376 -6.96 -1.49 -16.28
C THR A 376 -7.77 -0.20 -16.19
N LYS A 377 -9.09 -0.31 -16.22
CA LYS A 377 -9.98 0.83 -16.23
C LYS A 377 -10.69 0.96 -14.89
N PHE A 378 -10.63 2.16 -14.32
CA PHE A 378 -11.34 2.48 -13.09
C PHE A 378 -12.26 3.67 -13.36
N MET A 379 -13.21 3.87 -12.46
CA MET A 379 -14.24 4.88 -12.65
C MET A 379 -14.40 5.67 -11.36
N LEU A 380 -14.45 6.99 -11.47
CA LEU A 380 -14.45 7.88 -10.30
C LEU A 380 -15.85 8.34 -9.98
N SER A 381 -16.31 8.06 -8.75
CA SER A 381 -17.49 8.59 -8.09
C SER A 381 -17.09 9.55 -6.98
N PRO A 382 -17.71 10.71 -6.90
CA PRO A 382 -17.23 11.76 -5.98
C PRO A 382 -17.82 11.68 -4.57
N CYS A 383 -17.38 10.70 -3.78
CA CYS A 383 -17.61 10.77 -2.35
C CYS A 383 -16.79 11.92 -1.76
N LEU A 384 -17.48 13.02 -1.48
CA LEU A 384 -16.80 14.27 -1.12
C LEU A 384 -16.40 14.33 0.35
N SER A 385 -16.07 15.52 0.83
CA SER A 385 -15.44 15.69 2.14
C SER A 385 -16.48 16.05 3.19
N THR A 386 -16.05 16.02 4.50
CA THR A 386 -16.66 16.34 5.78
C THR A 386 -15.76 17.26 6.59
N PRO A 387 -16.32 18.07 7.51
CA PRO A 387 -15.47 18.88 8.39
C PRO A 387 -14.85 18.06 9.51
N GLU A 388 -14.13 18.73 10.40
CA GLU A 388 -13.47 18.05 11.53
C GLU A 388 -13.58 18.97 12.74
N GLY A 389 -12.88 18.62 13.82
CA GLY A 389 -12.99 19.33 15.08
C GLY A 389 -14.14 18.88 15.95
N ASP A 390 -14.80 17.78 15.60
CA ASP A 390 -15.94 17.28 16.36
C ASP A 390 -15.50 16.46 17.58
N SER A 391 -16.47 15.81 18.23
CA SER A 391 -16.20 15.00 19.41
C SER A 391 -16.75 13.59 19.21
N ASN A 392 -17.02 13.24 17.95
CA ASN A 392 -17.42 11.88 17.56
C ASN A 392 -18.82 11.54 18.08
N CYS A 393 -19.50 12.53 18.65
CA CYS A 393 -20.91 12.39 19.03
C CYS A 393 -21.69 13.67 18.80
N HIS A 394 -22.51 13.63 17.74
CA HIS A 394 -23.26 14.77 17.23
C HIS A 394 -24.48 14.15 16.55
N ASN A 395 -25.10 14.81 15.56
CA ASN A 395 -26.39 14.33 15.08
C ASN A 395 -26.34 12.98 14.32
N HIS A 396 -25.64 12.87 13.18
CA HIS A 396 -25.66 11.59 12.44
C HIS A 396 -24.34 11.29 11.70
N SER A 397 -23.31 10.74 12.37
CA SER A 397 -22.22 9.95 11.78
C SER A 397 -21.17 9.57 12.82
N ILE A 398 -20.64 8.33 12.76
CA ILE A 398 -19.36 8.08 13.45
C ILE A 398 -18.43 7.19 12.61
N TYR A 399 -17.23 6.92 13.16
CA TYR A 399 -16.11 6.44 12.36
C TYR A 399 -15.83 4.96 12.49
N ARG A 400 -15.48 4.48 13.68
CA ARG A 400 -14.81 3.19 13.83
C ARG A 400 -13.65 3.04 12.86
N ASP A 401 -13.82 2.24 11.81
CA ASP A 401 -12.66 1.86 11.01
C ASP A 401 -12.23 2.97 10.04
N GLY A 402 -13.05 3.26 9.03
CA GLY A 402 -12.66 4.31 8.09
C GLY A 402 -13.66 5.40 7.74
N ARG A 403 -14.95 5.09 7.74
CA ARG A 403 -16.01 5.98 7.27
C ARG A 403 -17.32 5.72 8.01
N TRP A 404 -18.43 6.04 7.35
CA TRP A 404 -19.53 6.60 8.12
C TRP A 404 -20.87 5.91 7.73
N VAL A 405 -21.13 4.66 8.15
CA VAL A 405 -22.45 4.07 7.86
C VAL A 405 -22.98 3.20 9.00
N HIS A 406 -24.26 2.86 8.88
CA HIS A 406 -25.18 2.53 9.98
C HIS A 406 -24.64 1.58 11.07
N ASN A 407 -25.07 1.87 12.31
CA ASN A 407 -25.03 1.00 13.50
C ASN A 407 -26.31 1.21 14.32
N SER A 408 -26.27 0.79 15.59
CA SER A 408 -27.42 0.76 16.48
C SER A 408 -27.19 1.45 17.84
N ASP A 409 -26.35 2.48 17.89
CA ASP A 409 -26.29 3.43 19.01
C ASP A 409 -25.89 2.88 20.39
N PRO A 410 -24.61 2.49 20.58
CA PRO A 410 -24.12 2.25 21.95
C PRO A 410 -23.68 3.49 22.75
N THR A 411 -23.64 4.67 22.14
CA THR A 411 -23.17 5.91 22.77
C THR A 411 -21.74 5.83 23.31
N GLN A 412 -20.75 5.77 22.41
CA GLN A 412 -19.35 5.50 22.74
C GLN A 412 -18.41 6.69 22.49
N CYS A 413 -18.78 7.91 22.90
CA CYS A 413 -17.96 9.10 22.64
C CYS A 413 -16.51 8.93 23.06
N PHE A 414 -15.61 9.63 22.36
CA PHE A 414 -14.18 9.62 22.66
C PHE A 414 -13.63 10.99 23.08
N SER A 415 -14.32 12.07 22.73
CA SER A 415 -13.99 13.45 23.11
C SER A 415 -12.79 14.02 22.36
N LEU A 416 -12.05 13.18 21.63
CA LEU A 416 -11.09 13.62 20.62
C LEU A 416 -10.16 14.74 21.05
N SER A 417 -9.25 14.48 21.99
CA SER A 417 -8.33 15.51 22.47
C SER A 417 -7.29 15.88 21.41
N LYS A 418 -6.34 16.75 21.76
CA LYS A 418 -5.36 17.28 20.82
C LYS A 418 -4.24 16.28 20.65
N SER A 419 -3.62 16.28 19.47
CA SER A 419 -2.68 15.24 19.07
C SER A 419 -1.27 15.79 18.92
N GLN A 420 -0.33 14.87 18.71
CA GLN A 420 1.07 15.22 18.52
C GLN A 420 1.50 14.87 17.09
N PRO A 421 2.56 15.52 16.58
CA PRO A 421 3.11 15.13 15.28
C PRO A 421 4.08 13.95 15.41
N VAL A 422 4.21 13.16 14.36
CA VAL A 422 5.05 11.96 14.38
C VAL A 422 6.15 12.02 13.31
N ASP A 423 5.89 12.73 12.21
CA ASP A 423 6.90 12.93 11.18
C ASP A 423 7.43 11.60 10.63
N LEU A 424 6.58 10.90 9.88
CA LEU A 424 6.83 9.50 9.48
C LEU A 424 8.27 9.24 9.03
N TYR A 425 8.93 10.22 8.42
CA TYR A 425 10.28 9.97 7.90
C TYR A 425 11.30 9.89 9.03
N SER A 426 11.46 10.97 9.80
CA SER A 426 12.35 10.97 10.94
C SER A 426 11.57 10.61 12.19
N PHE A 427 11.86 9.44 12.76
CA PHE A 427 11.05 8.87 13.83
C PHE A 427 11.88 8.71 15.10
N LYS A 428 11.37 9.24 16.21
CA LYS A 428 11.86 8.94 17.55
C LYS A 428 10.60 8.77 18.43
N GLU A 429 10.09 7.54 18.47
CA GLU A 429 8.86 7.27 19.20
C GLU A 429 8.71 5.77 19.40
N LEU A 430 8.40 5.39 20.65
CA LEU A 430 8.32 4.01 21.09
C LEU A 430 7.37 3.88 22.26
N TRP A 431 7.56 2.84 23.08
CA TRP A 431 7.24 2.80 24.51
C TRP A 431 5.77 2.57 24.91
N LEU A 432 5.60 1.82 26.02
CA LEU A 432 4.45 1.66 26.93
C LEU A 432 3.59 0.44 26.63
N PRO A 433 3.08 -0.24 27.68
CA PRO A 433 2.09 -1.31 27.47
C PRO A 433 0.66 -0.81 27.58
N GLN A 434 -0.29 -1.67 27.21
CA GLN A 434 -1.71 -1.33 27.25
C GLN A 434 -2.43 -2.27 28.21
N LEU A 435 -2.36 -3.55 27.88
CA LEU A 435 -2.89 -4.76 28.49
C LEU A 435 -2.01 -5.91 28.04
N LEU A 436 -2.59 -7.12 27.94
CA LEU A 436 -2.42 -8.07 26.83
C LEU A 436 -1.79 -9.39 27.23
N ASP A 437 -1.79 -10.32 26.28
CA ASP A 437 -1.21 -11.64 26.41
C ASP A 437 -0.27 -11.90 25.24
N VAL A 438 0.25 -13.12 25.12
CA VAL A 438 1.28 -13.41 24.12
C VAL A 438 0.71 -14.19 22.96
N ASN A 439 1.46 -14.23 21.85
CA ASN A 439 1.13 -15.06 20.69
C ASN A 439 2.28 -16.04 20.49
N VAL A 440 2.15 -17.24 21.04
CA VAL A 440 3.38 -17.96 21.35
C VAL A 440 3.74 -19.07 20.35
N GLU A 441 2.99 -20.17 20.29
CA GLU A 441 3.63 -21.27 19.56
C GLU A 441 2.87 -21.99 18.44
N GLY A 442 1.72 -22.62 18.70
CA GLY A 442 1.21 -23.60 17.72
C GLY A 442 -0.24 -24.04 17.92
N VAL A 443 -0.48 -25.34 17.73
CA VAL A 443 -1.83 -25.90 17.62
C VAL A 443 -2.69 -25.11 16.64
N VAL A 444 -3.07 -25.76 15.54
CA VAL A 444 -3.58 -25.10 14.34
C VAL A 444 -4.92 -24.41 14.54
N ALA A 445 -5.40 -24.31 15.77
CA ALA A 445 -6.68 -23.68 16.05
C ALA A 445 -6.57 -22.15 16.18
N ASP A 446 -5.56 -21.52 15.56
CA ASP A 446 -5.35 -20.15 16.01
C ASP A 446 -5.08 -19.06 14.94
N GLU A 447 -4.96 -19.36 13.65
CA GLU A 447 -5.62 -18.64 12.53
C GLU A 447 -6.14 -17.19 12.58
N GLU A 448 -5.36 -16.11 12.63
CA GLU A 448 -6.00 -14.86 12.16
C GLU A 448 -5.13 -14.12 11.14
N GLY A 449 -5.62 -12.96 10.72
CA GLY A 449 -4.91 -12.07 9.82
C GLY A 449 -4.58 -10.71 10.42
N TRP A 450 -5.30 -9.69 9.96
CA TRP A 450 -4.98 -8.30 10.25
C TRP A 450 -6.09 -7.62 11.05
N SER A 451 -7.33 -8.04 10.85
CA SER A 451 -8.47 -7.37 11.46
C SER A 451 -9.58 -8.37 11.74
N PHE A 452 -10.79 -7.85 11.96
CA PHE A 452 -11.98 -8.67 12.16
C PHE A 452 -12.23 -9.66 11.03
N VAL A 453 -11.78 -9.35 9.82
CA VAL A 453 -12.18 -10.09 8.64
C VAL A 453 -11.44 -11.42 8.59
N ALA A 454 -10.37 -11.54 9.38
CA ALA A 454 -9.66 -12.80 9.49
C ALA A 454 -9.66 -13.24 10.96
N GLN A 455 -10.12 -12.35 11.83
CA GLN A 455 -10.53 -12.71 13.18
C GLN A 455 -11.65 -13.74 13.19
N SER A 456 -12.54 -13.69 12.21
CA SER A 456 -13.72 -14.53 12.17
C SER A 456 -13.90 -15.11 10.76
N LYS A 457 -12.82 -15.61 10.17
CA LYS A 457 -12.91 -16.28 8.88
C LYS A 457 -13.47 -17.68 8.96
N GLN A 458 -13.14 -18.44 10.01
CA GLN A 458 -13.73 -19.76 10.20
C GLN A 458 -15.20 -19.66 10.59
N ALA A 459 -15.56 -18.69 11.44
CA ALA A 459 -16.94 -18.55 11.88
C ALA A 459 -17.86 -18.23 10.71
N LEU A 460 -17.44 -17.34 9.82
CA LEU A 460 -18.27 -16.99 8.67
C LEU A 460 -18.44 -18.18 7.74
N ILE A 461 -17.36 -18.91 7.47
CA ILE A 461 -17.44 -20.07 6.59
C ILE A 461 -18.39 -21.11 7.19
N ASP A 462 -18.27 -21.32 8.50
CA ASP A 462 -19.18 -22.22 9.20
C ASP A 462 -20.62 -21.75 9.05
N THR A 463 -20.83 -20.44 9.16
CA THR A 463 -22.18 -19.88 9.03
C THR A 463 -22.76 -20.18 7.66
N MET A 464 -22.05 -19.81 6.59
CA MET A 464 -22.59 -20.06 5.26
C MET A 464 -22.81 -21.55 5.00
N THR A 465 -21.85 -22.39 5.42
CA THR A 465 -21.97 -23.81 5.14
C THR A 465 -23.12 -24.46 5.92
N TYR A 466 -23.08 -24.35 7.25
CA TYR A 466 -24.05 -25.05 8.08
C TYR A 466 -25.42 -24.40 8.00
N THR A 467 -25.50 -23.08 8.23
CA THR A 467 -26.81 -22.45 8.31
C THR A 467 -27.49 -22.38 6.95
N LYS A 468 -26.71 -22.36 5.87
CA LYS A 468 -27.20 -22.28 4.50
C LYS A 468 -27.82 -20.91 4.23
N ASN A 469 -27.70 -20.43 2.99
CA ASN A 469 -28.21 -19.11 2.63
C ASN A 469 -29.70 -18.98 2.93
N GLY A 470 -30.42 -20.09 2.92
CA GLY A 470 -31.79 -20.10 3.38
C GLY A 470 -32.79 -19.62 2.35
N GLY A 471 -32.71 -20.16 1.14
CA GLY A 471 -33.64 -19.78 0.09
C GLY A 471 -35.07 -20.20 0.38
N LYS A 472 -35.26 -21.39 0.95
CA LYS A 472 -36.59 -21.91 1.18
C LYS A 472 -36.71 -22.57 2.56
N GLY A 473 -35.60 -22.95 3.19
CA GLY A 473 -35.63 -23.72 4.42
C GLY A 473 -36.35 -23.06 5.58
N THR A 474 -36.06 -21.77 5.84
CA THR A 474 -36.68 -21.08 6.95
C THR A 474 -38.14 -20.77 6.62
N SER A 475 -39.02 -21.73 6.88
CA SER A 475 -40.40 -21.69 6.41
C SER A 475 -41.27 -20.97 7.43
N LEU A 476 -41.34 -19.64 7.29
CA LEU A 476 -42.20 -18.79 8.12
C LEU A 476 -41.91 -18.98 9.60
N GLU A 477 -40.71 -19.47 9.91
CA GLU A 477 -40.28 -19.62 11.30
C GLU A 477 -39.93 -18.30 11.94
N ASP A 478 -39.60 -17.28 11.14
CA ASP A 478 -39.29 -15.95 11.65
C ASP A 478 -40.57 -15.15 11.76
N VAL A 479 -41.41 -15.52 12.73
CA VAL A 479 -42.65 -14.79 12.98
C VAL A 479 -42.68 -14.27 14.42
N LEU A 480 -42.63 -15.18 15.40
CA LEU A 480 -42.61 -14.82 16.81
C LEU A 480 -42.12 -15.98 17.67
N GLY A 481 -42.30 -15.89 18.98
CA GLY A 481 -41.79 -16.90 19.89
C GLY A 481 -42.80 -17.88 20.44
N TYR A 482 -43.67 -18.42 19.58
CA TYR A 482 -44.66 -19.38 20.07
C TYR A 482 -44.93 -20.59 19.17
N PRO A 483 -43.91 -21.33 18.69
CA PRO A 483 -44.24 -22.54 17.92
C PRO A 483 -44.87 -23.62 18.78
N SER A 484 -46.20 -23.78 18.68
CA SER A 484 -46.95 -24.82 19.38
C SER A 484 -46.70 -24.81 20.89
N GLY A 485 -46.07 -23.73 21.38
CA GLY A 485 -45.71 -23.58 22.77
C GLY A 485 -45.38 -24.96 23.26
N TRP A 486 -44.80 -25.89 22.50
CA TRP A 486 -44.68 -27.34 22.94
C TRP A 486 -45.89 -28.10 23.64
N ILE A 487 -46.14 -27.71 24.86
CA ILE A 487 -47.23 -28.38 25.55
C ILE A 487 -48.64 -28.05 25.07
N ASN A 488 -48.85 -27.38 23.94
CA ASN A 488 -50.23 -27.19 23.47
C ASN A 488 -50.51 -28.50 22.86
N GLY A 489 -49.54 -28.98 22.10
CA GLY A 489 -49.66 -30.29 21.58
C GLY A 489 -49.71 -31.17 22.79
N LYS A 490 -48.89 -30.90 23.81
CA LYS A 490 -49.05 -31.84 24.96
C LYS A 490 -50.46 -31.93 25.61
N LEU A 491 -51.18 -30.81 25.66
CA LEU A 491 -52.51 -30.78 26.28
C LEU A 491 -53.52 -31.40 25.35
N GLN A 492 -53.32 -31.22 24.06
CA GLN A 492 -54.23 -31.90 23.16
C GLN A 492 -54.05 -33.35 23.52
N GLY A 493 -52.80 -33.76 23.65
CA GLY A 493 -52.53 -35.14 24.02
C GLY A 493 -53.25 -35.60 25.28
N LEU A 494 -53.17 -34.86 26.38
CA LEU A 494 -53.95 -35.25 27.58
C LEU A 494 -55.49 -35.34 27.40
N LEU A 495 -56.05 -34.36 26.73
CA LEU A 495 -57.48 -34.43 26.52
C LEU A 495 -57.83 -35.66 25.69
N LEU A 496 -56.97 -36.02 24.74
CA LEU A 496 -57.24 -37.18 23.91
C LEU A 496 -57.10 -38.43 24.75
N ASN A 497 -56.11 -38.48 25.61
CA ASN A 497 -55.99 -39.58 26.54
C ASN A 497 -57.26 -39.77 27.37
N GLY A 498 -57.98 -38.70 27.75
CA GLY A 498 -59.32 -38.90 28.44
C GLY A 498 -60.42 -39.40 27.46
N ALA A 499 -60.47 -38.74 26.28
CA ALA A 499 -61.40 -39.20 25.20
C ALA A 499 -61.24 -40.60 25.44
N ILE A 500 -59.98 -41.03 25.64
CA ILE A 500 -59.73 -42.30 26.16
C ILE A 500 -60.02 -42.66 27.64
N SER A 501 -59.21 -43.37 28.04
CA SER A 501 -59.81 -44.10 29.09
C SER A 501 -61.27 -44.56 28.28
N TRP A 502 -62.06 -43.76 27.35
CA TRP A 502 -63.24 -44.25 26.47
C TRP A 502 -64.32 -43.72 27.19
N VAL A 503 -64.07 -42.46 27.54
CA VAL A 503 -64.99 -41.88 28.46
C VAL A 503 -64.87 -42.97 29.51
N VAL A 504 -63.63 -43.38 29.85
CA VAL A 504 -63.50 -44.36 30.93
C VAL A 504 -64.42 -45.57 30.77
N VAL A 505 -64.24 -46.34 29.71
CA VAL A 505 -65.06 -47.51 29.43
C VAL A 505 -66.51 -47.25 29.66
N ILE A 506 -67.08 -46.29 28.94
CA ILE A 506 -68.52 -46.07 29.05
C ILE A 506 -68.92 -45.77 30.47
N GLY A 507 -68.26 -44.79 31.07
CA GLY A 507 -68.57 -44.42 32.45
C GLY A 507 -68.64 -45.63 33.38
N ILE B 20 -1.83 -15.79 19.93
CA ILE B 20 -2.99 -14.95 20.20
C ILE B 20 -2.57 -13.47 20.16
N GLU B 21 -2.42 -12.88 21.34
CA GLU B 21 -2.08 -11.46 21.51
C GLU B 21 -3.03 -10.57 20.72
N VAL B 22 -4.27 -10.49 21.20
CA VAL B 22 -5.17 -9.42 20.78
C VAL B 22 -4.97 -8.26 21.75
N CYS B 23 -4.17 -7.27 21.33
CA CYS B 23 -3.85 -6.18 22.26
C CYS B 23 -5.04 -5.26 22.45
N ASN B 24 -5.73 -5.44 23.58
CA ASN B 24 -6.92 -4.68 23.94
C ASN B 24 -6.47 -3.40 24.64
N LYS B 25 -7.44 -2.59 25.08
CA LYS B 25 -7.17 -1.20 25.44
C LYS B 25 -7.38 -0.89 26.93
N ALA B 26 -6.30 -0.66 27.69
CA ALA B 26 -6.42 -0.14 29.05
C ALA B 26 -5.63 1.15 29.24
N GLN B 27 -4.39 1.19 28.76
CA GLN B 27 -3.45 2.29 29.03
C GLN B 27 -3.23 3.15 27.80
N GLN B 28 -4.32 3.47 27.11
CA GLN B 28 -4.32 4.06 25.77
C GLN B 28 -3.55 5.38 25.73
N GLN B 29 -2.73 5.56 24.70
CA GLN B 29 -1.77 6.65 24.65
C GLN B 29 -2.44 7.95 24.19
N GLY B 30 -1.62 8.96 23.92
CA GLY B 30 -2.08 10.18 23.29
C GLY B 30 -2.30 10.00 21.80
N PRO B 31 -3.32 10.64 21.25
CA PRO B 31 -3.57 10.58 19.81
C PRO B 31 -2.41 11.15 19.00
N TYR B 32 -2.14 10.56 17.84
CA TYR B 32 -1.07 11.01 16.96
C TYR B 32 -1.63 11.42 15.60
N THR B 33 -0.85 12.21 14.87
CA THR B 33 -1.22 12.64 13.53
C THR B 33 0.00 12.59 12.62
N LEU B 34 -0.17 11.97 11.46
CA LEU B 34 0.86 12.00 10.43
C LEU B 34 0.84 13.34 9.72
N VAL B 35 1.89 14.12 9.89
CA VAL B 35 1.96 15.46 9.32
C VAL B 35 2.27 15.34 7.83
N ASP B 36 1.65 16.23 7.05
CA ASP B 36 1.87 16.23 5.62
C ASP B 36 3.31 16.63 5.29
N TYR B 37 3.75 16.24 4.09
CA TYR B 37 5.11 16.48 3.68
C TYR B 37 5.38 17.97 3.50
N GLN B 38 6.51 18.43 4.04
CA GLN B 38 6.97 19.80 3.88
C GLN B 38 8.18 19.80 2.95
N GLU B 39 8.14 20.62 1.92
CA GLU B 39 9.22 20.65 0.94
C GLU B 39 10.47 21.28 1.55
N LYS B 40 11.62 20.66 1.26
CA LYS B 40 12.92 21.15 1.71
C LYS B 40 13.85 21.21 0.51
N PRO B 41 13.66 22.21 -0.36
CA PRO B 41 14.46 22.29 -1.59
C PRO B 41 15.94 22.46 -1.27
N LEU B 42 16.79 21.83 -2.09
CA LEU B 42 18.23 21.93 -1.90
C LEU B 42 18.72 23.33 -2.28
N ASN B 43 19.77 23.78 -1.59
CA ASN B 43 20.36 25.09 -1.86
C ASN B 43 21.45 24.93 -2.92
N ILE B 44 21.01 24.78 -4.16
CA ILE B 44 21.91 24.67 -5.30
C ILE B 44 21.63 25.73 -6.36
N SER B 45 20.60 26.55 -6.17
CA SER B 45 20.27 27.61 -7.11
C SER B 45 21.22 28.79 -6.94
N ARG B 46 21.50 29.45 -8.05
CA ARG B 46 22.43 30.59 -8.04
C ARG B 46 21.89 31.77 -8.84
N ILE B 47 20.81 31.57 -9.59
CA ILE B 47 20.28 32.59 -10.48
C ILE B 47 18.81 32.82 -10.12
N GLN B 48 18.42 34.09 -10.06
CA GLN B 48 17.05 34.50 -9.78
C GLN B 48 16.56 35.45 -10.86
N ILE B 49 15.28 35.37 -11.18
CA ILE B 49 14.69 36.20 -12.23
C ILE B 49 13.71 37.18 -11.57
N LYS B 50 13.11 38.07 -12.36
CA LYS B 50 12.12 39.01 -11.83
C LYS B 50 10.79 38.71 -12.50
N VAL B 51 9.82 38.23 -11.72
CA VAL B 51 8.51 37.87 -12.24
C VAL B 51 7.43 38.65 -11.51
N VAL B 52 6.20 38.60 -12.04
CA VAL B 52 5.06 39.21 -11.38
C VAL B 52 3.92 38.18 -11.27
N LYS B 53 3.86 37.49 -10.13
CA LYS B 53 2.84 36.48 -9.92
C LYS B 53 1.46 37.12 -9.88
N THR B 54 0.46 36.35 -10.29
CA THR B 54 -0.95 36.72 -10.12
C THR B 54 -1.69 35.52 -9.54
N SER B 55 -2.73 35.80 -8.77
CA SER B 55 -3.44 34.70 -8.13
C SER B 55 -4.91 35.02 -7.94
N VAL B 56 -5.78 34.20 -8.52
CA VAL B 56 -7.21 34.32 -8.30
C VAL B 56 -7.51 33.55 -7.01
N ALA B 57 -7.30 32.23 -7.05
CA ALA B 57 -7.23 31.33 -5.90
C ALA B 57 -7.97 31.82 -4.66
N THR B 58 -7.22 32.40 -3.72
CA THR B 58 -7.80 32.84 -2.45
C THR B 58 -8.74 34.02 -2.64
N LYS B 59 -8.20 35.14 -3.15
CA LYS B 59 -9.00 36.35 -3.37
C LYS B 59 -9.68 36.26 -4.73
N GLY B 60 -10.32 35.11 -4.95
CA GLY B 60 -10.95 34.79 -6.22
C GLY B 60 -12.29 34.12 -6.08
N LEU B 61 -13.08 34.54 -5.08
CA LEU B 61 -14.09 33.67 -4.47
C LEU B 61 -14.96 32.95 -5.50
N ASN B 62 -15.81 33.65 -6.25
CA ASN B 62 -16.49 32.88 -7.30
C ASN B 62 -16.74 33.56 -8.64
N PHE B 63 -17.02 34.85 -8.65
CA PHE B 63 -17.83 35.50 -9.69
C PHE B 63 -17.23 35.43 -11.09
N HIS B 64 -18.01 34.92 -12.07
CA HIS B 64 -17.91 35.55 -13.39
C HIS B 64 -19.23 35.78 -14.14
N ILE B 65 -20.19 34.84 -14.22
CA ILE B 65 -21.45 35.21 -14.88
C ILE B 65 -22.75 34.91 -14.13
N GLY B 66 -23.19 33.66 -14.06
CA GLY B 66 -24.58 33.51 -13.64
C GLY B 66 -25.13 32.10 -13.49
N TYR B 67 -26.39 32.08 -13.02
CA TYR B 67 -27.27 30.93 -12.81
C TYR B 67 -28.71 31.41 -12.67
N ARG B 68 -29.67 30.55 -13.02
CA ARG B 68 -31.09 30.77 -12.75
C ARG B 68 -31.85 29.45 -12.73
N ALA B 69 -33.16 29.56 -12.46
CA ALA B 69 -34.09 28.42 -12.43
C ALA B 69 -35.52 28.93 -12.56
N VAL B 70 -36.38 28.16 -13.23
CA VAL B 70 -37.72 28.63 -13.58
C VAL B 70 -38.79 27.58 -13.28
N TRP B 71 -39.88 28.00 -12.64
CA TRP B 71 -41.06 27.17 -12.52
C TRP B 71 -42.20 27.73 -13.37
N ARG B 72 -43.02 26.84 -13.91
CA ARG B 72 -44.24 27.19 -14.63
C ARG B 72 -45.40 26.32 -14.14
N SER B 73 -46.57 26.92 -14.00
CA SER B 73 -47.70 26.20 -13.46
C SER B 73 -49.07 26.54 -14.05
N TYR B 74 -49.11 27.11 -15.25
CA TYR B 74 -50.37 27.48 -15.86
C TYR B 74 -51.27 26.26 -16.02
N CYS B 75 -52.52 26.37 -15.57
CA CYS B 75 -53.47 25.27 -15.66
C CYS B 75 -54.85 25.82 -15.98
N TYR B 76 -55.73 24.92 -16.42
CA TYR B 76 -57.11 25.23 -16.74
C TYR B 76 -57.97 24.04 -16.34
N ASN B 77 -58.59 24.11 -15.16
CA ASN B 77 -59.30 22.96 -14.61
C ASN B 77 -60.59 22.69 -15.37
N GLY B 78 -60.55 21.71 -16.27
CA GLY B 78 -61.75 21.38 -17.03
C GLY B 78 -62.84 20.79 -16.17
N GLY B 79 -62.47 19.89 -15.25
CA GLY B 79 -63.41 19.25 -14.34
C GLY B 79 -63.47 17.77 -14.61
N SER B 80 -64.52 17.15 -14.08
CA SER B 80 -64.74 15.71 -14.26
C SER B 80 -65.57 15.38 -15.49
N LEU B 81 -66.47 16.28 -15.89
CA LEU B 81 -67.23 16.07 -17.12
C LEU B 81 -66.38 16.39 -18.34
N ASP B 82 -65.90 17.64 -18.42
CA ASP B 82 -64.91 18.02 -19.42
C ASP B 82 -63.54 17.66 -18.86
N LYS B 83 -63.14 16.41 -19.11
CA LYS B 83 -61.94 15.84 -18.53
C LYS B 83 -60.68 16.56 -18.97
N ASN B 84 -60.76 17.32 -20.06
CA ASN B 84 -59.58 17.93 -20.65
C ASN B 84 -58.94 18.96 -19.73
N THR B 85 -57.84 18.59 -19.08
CA THR B 85 -56.96 19.52 -18.39
C THR B 85 -55.53 19.15 -18.75
N GLY B 86 -55.06 19.65 -19.89
CA GLY B 86 -53.70 19.41 -20.34
C GLY B 86 -52.75 20.50 -19.95
N CYS B 87 -52.43 20.63 -18.66
CA CYS B 87 -51.66 21.76 -18.18
C CYS B 87 -50.28 21.29 -17.72
N TYR B 88 -49.44 22.23 -17.30
CA TYR B 88 -47.99 22.02 -17.25
C TYR B 88 -47.38 22.51 -15.94
N ASN B 89 -47.89 22.05 -14.80
CA ASN B 89 -47.16 22.29 -13.56
C ASN B 89 -45.90 21.45 -13.57
N ASP B 90 -44.77 22.07 -13.93
CA ASP B 90 -43.54 21.34 -14.21
C ASP B 90 -42.34 22.09 -13.67
N LEU B 91 -41.24 21.37 -13.48
CA LEU B 91 -39.97 21.96 -13.07
C LEU B 91 -39.10 22.13 -14.31
N ILE B 92 -39.37 23.22 -15.03
CA ILE B 92 -38.69 23.47 -16.30
C ILE B 92 -37.73 24.65 -16.15
N PRO B 93 -36.44 24.41 -15.94
CA PRO B 93 -35.50 25.52 -15.75
C PRO B 93 -35.12 26.22 -17.05
N LYS B 94 -35.96 27.16 -17.49
CA LYS B 94 -35.63 27.97 -18.65
C LYS B 94 -34.36 28.76 -18.36
N SER B 95 -33.27 28.43 -19.06
CA SER B 95 -31.95 28.95 -18.70
C SER B 95 -31.41 29.82 -19.83
N PRO B 96 -31.55 31.15 -19.74
CA PRO B 96 -30.86 32.04 -20.66
C PRO B 96 -29.42 32.30 -20.23
N THR B 97 -28.77 33.27 -20.87
CA THR B 97 -27.36 33.54 -20.63
C THR B 97 -27.21 35.07 -20.53
N GLU B 98 -25.99 35.58 -20.67
CA GLU B 98 -25.63 36.93 -20.23
C GLU B 98 -26.31 38.02 -21.06
N SER B 99 -27.63 38.15 -20.94
CA SER B 99 -28.34 39.27 -21.57
C SER B 99 -28.59 40.40 -20.58
N GLU B 100 -29.30 40.12 -19.50
CA GLU B 100 -29.61 41.10 -18.46
C GLU B 100 -28.70 40.94 -17.25
N LEU B 101 -27.50 40.43 -17.44
CA LEU B 101 -26.59 40.23 -16.30
C LEU B 101 -26.02 41.55 -15.80
N ARG B 102 -25.80 42.51 -16.70
CA ARG B 102 -25.33 43.83 -16.30
C ARG B 102 -26.36 44.61 -15.50
N THR B 103 -27.63 44.21 -15.54
CA THR B 103 -28.64 44.76 -14.65
C THR B 103 -28.76 43.97 -13.35
N TRP B 104 -28.58 42.65 -13.39
CA TRP B 104 -28.41 41.86 -12.18
C TRP B 104 -27.19 42.27 -11.38
N SER B 105 -26.16 42.83 -12.03
CA SER B 105 -25.00 43.35 -11.34
C SER B 105 -25.30 44.62 -10.55
N LYS B 106 -26.47 45.23 -10.78
CA LYS B 106 -26.90 46.39 -10.03
C LYS B 106 -27.73 46.03 -8.81
N SER B 107 -28.14 44.77 -8.68
CA SER B 107 -28.89 44.31 -7.52
C SER B 107 -28.20 43.13 -6.87
N GLN B 108 -27.65 42.24 -7.69
CA GLN B 108 -26.89 41.08 -7.24
C GLN B 108 -27.70 40.20 -6.28
N LYS B 109 -28.82 39.70 -6.79
CA LYS B 109 -29.68 38.80 -6.03
C LYS B 109 -30.59 38.08 -7.01
N CYS B 110 -31.56 37.33 -6.46
CA CYS B 110 -32.48 36.55 -7.28
C CYS B 110 -33.64 37.39 -7.81
N CYS B 111 -33.56 37.82 -9.06
CA CYS B 111 -34.69 38.52 -9.66
C CYS B 111 -35.82 37.59 -10.05
N THR B 112 -36.83 37.54 -9.19
CA THR B 112 -38.02 36.71 -9.39
C THR B 112 -39.08 37.51 -10.12
N GLY B 113 -39.72 36.88 -11.10
CA GLY B 113 -40.77 37.52 -11.87
C GLY B 113 -42.07 37.56 -11.11
N PRO B 114 -43.18 37.37 -11.82
CA PRO B 114 -44.49 37.43 -11.16
C PRO B 114 -44.75 36.22 -10.26
N ASP B 115 -44.69 36.42 -8.95
CA ASP B 115 -45.04 35.35 -8.02
C ASP B 115 -46.55 35.16 -7.92
N ALA B 116 -47.33 36.10 -8.45
CA ALA B 116 -48.78 35.97 -8.43
C ALA B 116 -49.22 34.79 -9.30
N VAL B 117 -50.34 34.18 -8.91
CA VAL B 117 -50.84 33.00 -9.59
C VAL B 117 -52.33 33.16 -9.89
N ASP B 118 -52.94 32.12 -10.44
CA ASP B 118 -54.38 32.06 -10.70
C ASP B 118 -54.82 33.15 -11.68
N ALA B 119 -54.27 33.06 -12.88
CA ALA B 119 -54.73 33.87 -14.01
C ALA B 119 -55.70 33.06 -14.86
N TRP B 120 -56.45 33.77 -15.70
CA TRP B 120 -57.52 33.13 -16.46
C TRP B 120 -57.81 33.93 -17.71
N GLY B 121 -58.50 33.27 -18.65
CA GLY B 121 -59.07 33.97 -19.80
C GLY B 121 -58.04 34.71 -20.62
N SER B 122 -58.39 35.94 -21.01
CA SER B 122 -57.51 36.74 -21.85
C SER B 122 -56.28 37.19 -21.06
N ASP B 123 -56.47 37.70 -19.85
CA ASP B 123 -55.35 38.14 -19.01
C ASP B 123 -54.75 36.96 -18.24
N ALA B 124 -54.27 35.99 -19.01
CA ALA B 124 -53.60 34.80 -18.48
C ALA B 124 -52.10 34.85 -18.70
N ARG B 125 -51.56 36.04 -18.97
CA ARG B 125 -50.14 36.23 -19.24
C ARG B 125 -49.36 36.51 -17.95
N ILE B 126 -49.57 35.66 -16.95
CA ILE B 126 -48.85 35.77 -15.68
C ILE B 126 -48.04 34.51 -15.47
N CYS B 127 -48.70 33.36 -15.59
CA CYS B 127 -48.08 32.05 -15.39
C CYS B 127 -47.92 31.29 -16.69
N TRP B 128 -48.11 31.96 -17.83
CA TRP B 128 -47.98 31.33 -19.14
C TRP B 128 -47.14 32.22 -20.05
N ALA B 129 -46.86 33.44 -19.61
CA ALA B 129 -46.16 34.42 -20.42
C ALA B 129 -44.66 34.17 -20.43
N GLU B 130 -43.89 35.15 -20.92
CA GLU B 130 -42.44 35.04 -21.02
C GLU B 130 -41.82 34.82 -19.64
N TRP B 131 -41.01 33.77 -19.51
CA TRP B 131 -40.37 33.42 -18.24
C TRP B 131 -39.08 34.22 -18.09
N LYS B 132 -39.24 35.46 -17.64
CA LYS B 132 -38.15 36.41 -17.53
C LYS B 132 -38.08 37.00 -16.13
N MET B 133 -37.00 37.75 -15.89
CA MET B 133 -36.60 38.15 -14.56
C MET B 133 -36.62 39.67 -14.41
N GLU B 134 -37.31 40.14 -13.37
CA GLU B 134 -37.50 41.58 -13.21
C GLU B 134 -37.19 42.13 -11.81
N LEU B 135 -37.56 41.40 -10.76
CA LEU B 135 -37.51 41.94 -9.39
C LEU B 135 -36.68 41.04 -8.50
N CYS B 136 -35.53 41.55 -8.05
CA CYS B 136 -34.63 40.77 -7.20
C CYS B 136 -35.05 40.82 -5.74
N HIS B 137 -35.05 39.64 -5.10
CA HIS B 137 -35.38 39.49 -3.70
C HIS B 137 -34.28 38.70 -3.00
N THR B 138 -34.11 38.96 -1.71
CA THR B 138 -32.98 38.42 -0.95
C THR B 138 -32.95 36.90 -0.92
N ALA B 139 -33.95 36.28 -0.31
CA ALA B 139 -34.01 34.83 -0.14
C ALA B 139 -35.33 34.27 -0.67
N LYS B 140 -35.74 34.72 -1.86
CA LYS B 140 -36.99 34.29 -2.43
C LYS B 140 -36.95 32.80 -2.75
N GLU B 141 -38.11 32.14 -2.65
CA GLU B 141 -38.19 30.70 -2.87
C GLU B 141 -39.44 30.36 -3.67
N LEU B 142 -39.77 29.07 -3.73
CA LEU B 142 -40.94 28.61 -4.46
C LEU B 142 -42.01 28.19 -3.46
N LYS B 143 -43.26 28.17 -3.94
CA LYS B 143 -44.37 27.65 -3.16
C LYS B 143 -44.93 26.37 -3.76
N LYS B 144 -44.47 25.99 -4.96
CA LYS B 144 -44.98 24.82 -5.68
C LYS B 144 -46.50 24.86 -5.76
N TYR B 145 -47.02 25.91 -6.40
CA TYR B 145 -48.45 26.07 -6.55
C TYR B 145 -49.01 24.95 -7.44
N SER B 146 -50.04 24.28 -6.94
CA SER B 146 -50.67 23.21 -7.70
C SER B 146 -52.20 23.28 -7.58
N ASN B 147 -52.69 24.16 -6.71
CA ASN B 147 -54.11 24.24 -6.40
C ASN B 147 -54.95 24.64 -7.62
N ASN B 148 -55.86 23.76 -8.03
CA ASN B 148 -56.81 24.05 -9.09
C ASN B 148 -58.22 24.08 -8.50
N ASN B 149 -58.90 25.22 -8.68
CA ASN B 149 -60.22 25.38 -8.10
C ASN B 149 -61.21 26.03 -9.05
N HIS B 150 -60.75 26.40 -10.25
CA HIS B 150 -61.59 27.11 -11.22
C HIS B 150 -62.11 26.12 -12.25
N PHE B 151 -63.32 25.61 -12.01
CA PHE B 151 -64.00 24.80 -13.01
C PHE B 151 -64.36 25.65 -14.21
N ALA B 152 -64.01 25.16 -15.41
CA ALA B 152 -64.24 25.86 -16.67
C ALA B 152 -63.47 27.18 -16.76
N TYR B 153 -62.56 27.41 -15.80
CA TYR B 153 -61.65 28.55 -15.90
C TYR B 153 -60.22 28.11 -15.64
N HIS B 154 -59.28 29.04 -15.67
CA HIS B 154 -57.86 28.72 -15.64
C HIS B 154 -57.28 29.00 -14.26
N THR B 155 -56.35 28.13 -13.84
CA THR B 155 -55.64 28.28 -12.57
C THR B 155 -54.13 28.21 -12.85
N CYS B 156 -53.54 29.36 -13.16
CA CYS B 156 -52.11 29.40 -13.36
C CYS B 156 -51.39 29.31 -12.01
N ASN B 157 -50.28 28.58 -11.98
CA ASN B 157 -49.62 28.23 -10.73
C ASN B 157 -48.10 28.42 -10.83
N LEU B 158 -47.67 29.57 -11.34
CA LEU B 158 -46.25 29.88 -11.48
C LEU B 158 -45.80 30.67 -10.26
N SER B 159 -44.94 30.05 -9.45
CA SER B 159 -44.31 30.72 -8.32
C SER B 159 -42.90 31.21 -8.66
N TRP B 160 -42.45 30.99 -9.89
CA TRP B 160 -41.10 31.35 -10.32
C TRP B 160 -40.06 30.81 -9.34
N ARG B 161 -39.88 29.49 -9.33
CA ARG B 161 -38.93 28.85 -8.43
C ARG B 161 -37.61 29.62 -8.36
N CYS B 162 -37.15 29.82 -7.12
CA CYS B 162 -35.86 30.45 -6.86
C CYS B 162 -35.17 29.73 -5.72
N GLY B 163 -33.87 29.49 -5.89
CA GLY B 163 -33.01 28.99 -4.84
C GLY B 163 -32.56 27.56 -5.08
N LEU B 164 -31.39 27.44 -5.72
CA LEU B 164 -30.63 26.21 -5.81
C LEU B 164 -29.20 26.61 -6.10
N LYS B 165 -28.35 26.51 -5.08
CA LYS B 165 -27.00 27.04 -5.25
C LYS B 165 -25.98 26.07 -4.69
N SER B 166 -24.97 25.76 -5.49
CA SER B 166 -23.68 25.23 -5.03
C SER B 166 -23.89 23.85 -4.41
N THR B 167 -23.12 23.49 -3.38
CA THR B 167 -23.34 22.28 -2.60
C THR B 167 -23.20 22.69 -1.13
N HIS B 168 -23.38 23.99 -0.89
CA HIS B 168 -23.32 24.66 0.41
C HIS B 168 -21.88 24.76 0.90
N ILE B 169 -20.96 24.09 0.22
CA ILE B 169 -19.52 24.18 0.50
C ILE B 169 -18.78 24.13 -0.82
N GLU B 170 -18.15 25.24 -1.19
CA GLU B 170 -17.53 25.44 -2.51
C GLU B 170 -18.58 25.13 -3.58
N VAL B 171 -18.16 24.99 -4.83
CA VAL B 171 -18.99 24.38 -5.86
C VAL B 171 -18.17 23.32 -6.58
N ARG B 172 -18.79 22.18 -6.78
CA ARG B 172 -18.20 21.04 -7.47
C ARG B 172 -18.06 21.40 -8.95
N LEU B 173 -17.53 20.46 -9.72
CA LEU B 173 -17.31 20.51 -11.18
C LEU B 173 -16.12 21.39 -11.58
N GLN B 174 -15.51 22.13 -10.66
CA GLN B 174 -14.26 22.85 -10.92
C GLN B 174 -13.77 23.61 -9.69
N ALA B 175 -12.54 24.13 -9.74
CA ALA B 175 -12.05 25.12 -8.79
C ALA B 175 -11.57 26.35 -9.55
N SER B 176 -11.23 27.42 -8.84
CA SER B 176 -10.94 28.69 -9.51
C SER B 176 -9.50 28.70 -10.01
N GLY B 177 -9.34 28.96 -11.30
CA GLY B 177 -8.01 29.05 -11.89
C GLY B 177 -7.98 30.09 -12.99
N GLY B 178 -6.77 30.37 -13.47
CA GLY B 178 -6.58 31.27 -14.58
C GLY B 178 -6.09 30.55 -15.82
N LEU B 179 -6.43 31.10 -16.99
CA LEU B 179 -6.06 30.53 -18.27
C LEU B 179 -5.35 31.58 -19.11
N VAL B 180 -4.49 31.13 -20.01
CA VAL B 180 -3.70 32.03 -20.84
C VAL B 180 -4.60 32.64 -21.92
N SER B 181 -4.59 33.97 -22.00
CA SER B 181 -5.36 34.68 -23.00
C SER B 181 -4.50 35.76 -23.63
N MET B 182 -3.29 35.38 -24.06
CA MET B 182 -2.29 36.29 -24.62
C MET B 182 -1.76 37.23 -23.55
N VAL B 183 -2.60 38.15 -23.07
CA VAL B 183 -2.19 39.10 -22.05
C VAL B 183 -3.00 38.89 -20.78
N ALA B 184 -4.32 39.05 -20.89
CA ALA B 184 -5.22 38.95 -19.74
C ALA B 184 -5.26 37.53 -19.19
N VAL B 185 -5.48 37.39 -17.88
CA VAL B 185 -5.62 36.08 -17.25
C VAL B 185 -7.10 35.75 -17.17
N MET B 186 -7.52 34.67 -17.83
CA MET B 186 -8.91 34.26 -17.78
C MET B 186 -9.25 33.67 -16.41
N PRO B 187 -10.39 34.03 -15.81
CA PRO B 187 -10.85 33.33 -14.61
C PRO B 187 -11.56 32.03 -14.97
N ASN B 188 -11.34 31.59 -16.19
CA ASN B 188 -11.94 30.38 -16.76
C ASN B 188 -11.20 29.13 -16.27
N GLY B 189 -11.32 28.04 -17.02
CA GLY B 189 -10.87 26.73 -16.57
C GLY B 189 -11.67 25.62 -17.22
N THR B 190 -12.83 25.99 -17.79
CA THR B 190 -13.39 25.31 -18.95
C THR B 190 -13.57 23.80 -18.82
N LEU B 191 -14.49 23.33 -17.96
CA LEU B 191 -14.74 21.90 -18.03
C LEU B 191 -16.16 21.50 -18.45
N ILE B 192 -17.18 21.62 -17.58
CA ILE B 192 -18.56 21.43 -18.06
C ILE B 192 -19.49 22.64 -18.19
N PRO B 193 -19.74 23.42 -17.09
CA PRO B 193 -21.03 24.14 -17.00
C PRO B 193 -21.17 25.65 -17.24
N ILE B 194 -20.10 26.46 -17.34
CA ILE B 194 -20.26 27.92 -17.19
C ILE B 194 -19.45 28.67 -18.26
N GLU B 195 -19.33 30.00 -18.14
CA GLU B 195 -18.39 30.75 -18.96
C GLU B 195 -17.01 30.09 -18.90
N GLY B 196 -16.33 30.05 -20.03
CA GLY B 196 -15.32 29.03 -20.18
C GLY B 196 -16.14 27.79 -19.94
N THR B 197 -15.91 27.13 -18.80
CA THR B 197 -16.88 26.44 -17.95
C THR B 197 -16.26 26.21 -16.57
N ARG B 198 -16.65 27.00 -15.56
CA ARG B 198 -15.90 27.04 -14.31
C ARG B 198 -16.76 27.40 -13.11
N PRO B 199 -17.22 26.41 -12.31
CA PRO B 199 -17.96 26.74 -11.09
C PRO B 199 -17.10 26.83 -9.82
N THR B 200 -17.45 27.78 -8.95
CA THR B 200 -16.72 28.10 -7.72
C THR B 200 -17.62 28.71 -6.65
N TYR B 201 -17.02 29.30 -5.61
CA TYR B 201 -17.44 29.11 -4.22
C TYR B 201 -18.94 29.00 -3.93
N TRP B 202 -19.75 30.05 -4.09
CA TRP B 202 -21.19 29.81 -3.91
C TRP B 202 -22.03 30.89 -4.61
N THR B 203 -22.47 30.61 -5.83
CA THR B 203 -23.76 31.11 -6.30
C THR B 203 -24.54 30.08 -7.10
N GLU B 204 -23.84 29.29 -7.90
CA GLU B 204 -24.40 28.83 -9.18
C GLU B 204 -24.20 27.34 -9.40
N ASP B 205 -25.07 26.79 -10.26
CA ASP B 205 -24.94 25.43 -10.75
C ASP B 205 -25.00 25.39 -12.28
N SER B 206 -25.85 26.22 -12.87
CA SER B 206 -26.20 26.18 -14.28
C SER B 206 -25.94 27.55 -14.94
N PHE B 207 -26.46 27.73 -16.17
CA PHE B 207 -26.27 28.93 -16.98
C PHE B 207 -27.35 29.94 -16.64
N ALA B 208 -26.95 31.18 -16.29
CA ALA B 208 -27.75 32.40 -16.43
C ALA B 208 -27.18 33.61 -15.71
N TYR B 209 -27.75 33.97 -14.54
CA TYR B 209 -27.51 35.27 -13.93
C TYR B 209 -27.00 35.25 -12.49
N LEU B 210 -27.45 34.31 -11.65
CA LEU B 210 -27.08 34.36 -10.24
C LEU B 210 -25.63 33.93 -10.05
N TYR B 211 -24.71 34.90 -10.10
CA TYR B 211 -23.29 34.70 -9.87
C TYR B 211 -22.68 36.07 -9.74
N ASP B 212 -22.09 36.39 -8.58
CA ASP B 212 -21.88 37.77 -8.22
C ASP B 212 -20.57 37.89 -7.45
N PRO B 213 -19.94 39.07 -7.47
CA PRO B 213 -18.66 39.24 -6.76
C PRO B 213 -18.79 38.99 -5.28
N ALA B 214 -17.87 38.17 -4.76
CA ALA B 214 -17.78 37.88 -3.34
C ALA B 214 -16.35 37.96 -2.82
N GLY B 215 -15.44 38.60 -3.54
CA GLY B 215 -14.06 38.66 -3.13
C GLY B 215 -13.08 38.34 -4.25
N THR B 216 -13.57 38.32 -5.49
CA THR B 216 -12.78 37.93 -6.65
C THR B 216 -11.90 39.10 -7.07
N GLU B 217 -10.59 38.93 -6.94
CA GLU B 217 -9.61 39.92 -7.41
C GLU B 217 -8.35 39.18 -7.85
N LYS B 218 -7.37 39.95 -8.32
CA LYS B 218 -6.08 39.43 -8.76
C LYS B 218 -5.00 40.12 -7.94
N LYS B 219 -4.21 39.33 -7.21
CA LYS B 219 -3.27 39.88 -6.24
C LYS B 219 -2.13 40.63 -6.92
N THR B 220 -1.55 40.04 -7.97
CA THR B 220 -0.47 40.64 -8.74
C THR B 220 0.73 40.97 -7.84
N GLU B 221 1.38 39.93 -7.31
CA GLU B 221 2.56 40.13 -6.47
C GLU B 221 3.83 40.28 -7.30
N SER B 222 4.98 40.21 -6.64
CA SER B 222 6.28 40.33 -7.32
C SER B 222 7.34 39.49 -6.61
N THR B 223 7.63 38.30 -7.15
CA THR B 223 8.57 37.37 -6.53
C THR B 223 9.75 37.16 -7.49
N PHE B 224 10.74 36.39 -7.07
CA PHE B 224 11.95 36.17 -7.88
C PHE B 224 12.12 34.75 -8.40
N LEU B 225 11.51 33.74 -7.78
CA LEU B 225 11.43 32.40 -8.38
C LEU B 225 12.79 31.78 -8.68
N TRP B 226 13.52 31.36 -7.65
CA TRP B 226 14.77 30.63 -7.83
C TRP B 226 14.69 29.65 -8.99
N CYS B 227 15.76 29.64 -9.80
CA CYS B 227 15.74 28.95 -11.07
C CYS B 227 17.14 28.44 -11.42
N PHE B 228 17.23 27.86 -12.62
CA PHE B 228 18.46 27.33 -13.18
C PHE B 228 18.43 27.56 -14.69
N LYS B 229 19.59 27.48 -15.32
CA LYS B 229 19.68 27.68 -16.75
C LYS B 229 20.15 26.42 -17.47
N GLU B 230 19.95 26.41 -18.78
CA GLU B 230 20.37 25.32 -19.65
C GLU B 230 20.85 25.91 -20.96
N HIS B 231 22.04 25.49 -21.40
CA HIS B 231 22.58 25.94 -22.67
C HIS B 231 21.95 25.15 -23.81
N ILE B 232 21.84 25.80 -24.96
CA ILE B 232 21.30 25.16 -26.16
C ILE B 232 22.40 24.98 -27.18
N ARG B 233 22.98 23.78 -27.24
CA ARG B 233 24.06 23.50 -28.16
C ARG B 233 23.56 22.64 -29.31
N PRO B 234 23.71 23.09 -30.56
CA PRO B 234 23.28 22.30 -31.71
C PRO B 234 24.05 20.99 -31.81
N THR B 235 23.35 19.96 -32.30
CA THR B 235 23.89 18.61 -32.39
C THR B 235 23.73 18.07 -33.81
N THR B 236 24.68 17.23 -34.20
CA THR B 236 24.70 16.54 -35.47
C THR B 236 24.27 15.09 -35.23
N GLU B 237 23.93 14.37 -36.31
CA GLU B 237 23.49 12.98 -36.19
C GLU B 237 24.29 12.09 -37.12
N LEU B 238 25.61 12.32 -37.20
CA LEU B 238 26.46 11.52 -38.06
C LEU B 238 26.49 10.07 -37.58
N SER B 239 26.47 9.15 -38.54
CA SER B 239 26.44 7.70 -38.29
C SER B 239 25.22 7.42 -37.40
N GLY B 240 25.37 6.74 -36.27
CA GLY B 240 24.26 6.55 -35.36
C GLY B 240 24.52 7.21 -34.02
N ALA B 241 25.28 8.30 -34.02
CA ALA B 241 25.67 8.96 -32.78
C ALA B 241 25.19 10.40 -32.82
N VAL B 242 25.38 11.10 -31.70
CA VAL B 242 24.98 12.49 -31.57
C VAL B 242 26.18 13.34 -31.18
N TYR B 243 26.84 13.92 -32.16
CA TYR B 243 27.96 14.82 -31.91
C TYR B 243 27.45 16.22 -31.58
N ASP B 244 28.38 17.14 -31.39
CA ASP B 244 28.09 18.56 -31.25
C ASP B 244 28.56 19.29 -32.49
N THR B 245 27.76 20.25 -32.96
CA THR B 245 28.01 20.93 -34.23
C THR B 245 28.93 22.12 -34.02
N HIS B 246 29.56 22.12 -32.84
CA HIS B 246 30.50 23.18 -32.50
C HIS B 246 31.85 22.58 -32.13
N TYR B 247 31.88 21.28 -31.87
CA TYR B 247 33.11 20.58 -31.51
C TYR B 247 33.71 19.80 -32.65
N LEU B 248 32.91 19.41 -33.65
CA LEU B 248 33.46 18.75 -34.83
C LEU B 248 34.27 19.73 -35.67
N GLY B 249 33.75 20.93 -35.90
CA GLY B 249 34.44 21.92 -36.69
C GLY B 249 35.43 22.76 -35.90
N GLY B 250 35.32 22.71 -34.58
CA GLY B 250 36.21 23.46 -33.72
C GLY B 250 35.88 24.92 -33.55
N THR B 251 34.72 25.37 -34.02
CA THR B 251 34.31 26.76 -33.94
C THR B 251 33.42 26.98 -32.73
N TYR B 252 33.44 28.21 -32.23
CA TYR B 252 32.62 28.60 -31.09
C TYR B 252 31.33 29.25 -31.56
N ASP B 253 30.46 29.55 -30.60
CA ASP B 253 29.12 30.06 -30.86
C ASP B 253 29.06 31.54 -30.51
N LYS B 254 28.53 32.34 -31.43
CA LYS B 254 28.31 33.75 -31.18
C LYS B 254 26.83 34.00 -30.93
N ASN B 255 26.55 34.89 -29.97
CA ASN B 255 25.19 35.20 -29.53
C ASN B 255 24.44 33.93 -29.13
N PRO B 256 24.82 33.29 -28.02
CA PRO B 256 24.12 32.07 -27.60
C PRO B 256 22.77 32.40 -26.97
N GLN B 257 21.98 31.34 -26.80
CA GLN B 257 20.65 31.46 -26.21
C GLN B 257 20.49 30.39 -25.13
N PHE B 258 19.89 30.76 -24.01
CA PHE B 258 19.71 29.88 -22.87
C PHE B 258 18.22 29.67 -22.59
N ASN B 259 17.93 28.62 -21.84
CA ASN B 259 16.57 28.27 -21.44
C ASN B 259 16.52 28.15 -19.92
N TYR B 260 15.57 28.84 -19.30
CA TYR B 260 15.51 28.93 -17.84
C TYR B 260 14.39 28.07 -17.30
N TYR B 261 14.71 27.28 -16.27
CA TYR B 261 13.73 26.47 -15.54
C TYR B 261 13.63 26.99 -14.11
N CYS B 262 12.43 27.40 -13.72
CA CYS B 262 12.20 27.98 -12.41
C CYS B 262 11.43 26.99 -11.54
N ARG B 263 11.56 27.16 -10.22
CA ARG B 263 10.81 26.32 -9.28
C ARG B 263 10.01 27.21 -8.34
N ASP B 264 8.73 26.87 -8.20
CA ASP B 264 7.82 27.55 -7.27
C ASP B 264 7.15 26.50 -6.39
N ASN B 265 6.13 26.91 -5.63
CA ASN B 265 5.45 25.99 -4.72
C ASN B 265 5.04 24.68 -5.39
N GLY B 266 5.66 23.58 -4.96
CA GLY B 266 5.46 22.26 -5.52
C GLY B 266 5.51 22.16 -7.03
N TYR B 267 6.10 23.16 -7.69
CA TYR B 267 6.05 23.27 -9.14
C TYR B 267 7.45 23.48 -9.69
N TYR B 268 7.70 22.89 -10.86
CA TYR B 268 8.98 23.00 -11.56
C TYR B 268 8.68 23.24 -13.03
N PHE B 269 8.70 24.51 -13.46
CA PHE B 269 8.27 24.83 -14.81
C PHE B 269 9.38 25.53 -15.59
N GLU B 270 9.10 25.90 -16.85
CA GLU B 270 10.07 26.49 -17.77
C GLU B 270 9.60 27.90 -18.14
N LEU B 271 10.32 28.90 -17.63
CA LEU B 271 9.99 30.30 -17.90
C LEU B 271 10.50 30.71 -19.27
N PRO B 272 9.63 31.18 -20.16
CA PRO B 272 10.07 31.66 -21.47
C PRO B 272 10.39 33.15 -21.46
N ALA B 273 10.72 33.65 -22.64
CA ALA B 273 11.06 35.06 -22.80
C ALA B 273 9.92 35.98 -22.37
N ASN B 274 8.80 35.95 -23.09
CA ASN B 274 7.64 36.79 -22.78
C ASN B 274 6.37 36.01 -23.11
N ARG B 275 5.83 35.30 -22.12
CA ARG B 275 4.59 34.56 -22.29
C ARG B 275 3.83 34.56 -20.96
N LEU B 276 2.78 33.72 -20.89
CA LEU B 276 2.01 33.47 -19.66
C LEU B 276 1.96 31.96 -19.49
N VAL B 277 2.96 31.41 -18.81
CA VAL B 277 3.06 29.96 -18.62
C VAL B 277 2.28 29.54 -17.39
N CYS B 278 0.97 29.36 -17.54
CA CYS B 278 0.14 29.06 -16.39
C CYS B 278 -0.57 27.69 -16.42
N LEU B 279 0.24 26.73 -16.03
CA LEU B 279 -0.15 25.71 -15.07
C LEU B 279 -0.90 26.36 -13.90
N PRO B 280 -1.78 25.61 -13.21
CA PRO B 280 -2.75 26.22 -12.27
C PRO B 280 -2.28 27.36 -11.36
N THR B 281 -2.94 28.51 -11.52
CA THR B 281 -3.20 29.50 -10.47
C THR B 281 -2.03 30.31 -9.93
N SER B 282 -0.96 30.50 -10.71
CA SER B 282 -0.01 31.55 -10.38
C SER B 282 0.26 32.41 -11.61
N CYS B 283 0.36 31.73 -12.74
CA CYS B 283 0.27 32.23 -14.11
C CYS B 283 1.12 33.49 -14.30
N TYR B 284 2.43 33.26 -14.22
CA TYR B 284 3.46 34.22 -13.83
C TYR B 284 3.70 35.39 -14.79
N LYS B 285 4.24 35.10 -15.98
CA LYS B 285 4.81 36.08 -16.91
C LYS B 285 6.11 36.65 -16.36
N ARG B 286 7.08 36.88 -17.24
CA ARG B 286 8.42 37.30 -16.87
C ARG B 286 8.65 38.79 -17.16
N GLU B 287 9.41 39.44 -16.28
CA GLU B 287 9.95 40.77 -16.52
C GLU B 287 11.40 40.75 -16.95
N GLY B 288 12.27 40.10 -16.19
CA GLY B 288 13.66 39.92 -16.58
C GLY B 288 14.65 40.84 -15.89
N ALA B 289 15.33 40.31 -14.87
CA ALA B 289 16.41 41.05 -14.22
C ALA B 289 17.67 40.20 -14.15
N ILE B 290 17.51 38.90 -13.90
CA ILE B 290 18.59 37.92 -13.83
C ILE B 290 19.64 38.35 -12.82
N VAL B 291 19.53 37.83 -11.59
CA VAL B 291 20.43 38.18 -10.49
C VAL B 291 21.23 36.93 -10.13
N ASN B 292 22.46 36.84 -10.61
CA ASN B 292 23.31 35.70 -10.31
C ASN B 292 24.15 35.97 -9.06
N THR B 293 24.50 34.88 -8.36
CA THR B 293 25.31 34.97 -7.15
C THR B 293 26.49 34.01 -7.16
N MET B 294 26.99 33.64 -8.34
CA MET B 294 28.15 32.75 -8.37
C MET B 294 29.45 33.52 -8.21
N HIS B 295 29.77 34.38 -9.19
CA HIS B 295 30.97 35.20 -9.17
C HIS B 295 30.90 36.14 -10.36
N PRO B 296 31.42 37.37 -10.21
CA PRO B 296 31.30 38.19 -11.40
C PRO B 296 32.09 37.66 -12.58
N ASP B 297 32.99 36.71 -12.37
CA ASP B 297 33.82 36.16 -13.44
C ASP B 297 33.42 34.78 -13.87
N THR B 298 32.37 34.23 -13.29
CA THR B 298 31.88 32.97 -13.79
C THR B 298 30.60 33.36 -14.47
N TRP B 299 30.06 34.54 -14.18
CA TRP B 299 28.91 34.97 -14.98
C TRP B 299 29.36 35.62 -16.28
N LYS B 300 30.67 35.68 -16.51
CA LYS B 300 31.21 36.24 -17.73
C LYS B 300 31.69 35.12 -18.64
N VAL B 301 32.00 33.97 -18.03
CA VAL B 301 32.39 32.78 -18.81
C VAL B 301 31.17 32.04 -19.35
N SER B 302 30.08 31.98 -18.59
CA SER B 302 28.91 31.19 -18.95
C SER B 302 27.83 32.04 -19.63
N GLU B 303 28.24 33.10 -20.33
CA GLU B 303 27.31 33.90 -21.13
C GLU B 303 27.81 33.94 -22.56
N LYS B 304 29.13 33.97 -22.72
CA LYS B 304 29.82 33.82 -24.00
C LYS B 304 30.79 32.68 -23.77
N LEU B 305 30.31 31.45 -24.01
CA LEU B 305 30.97 30.27 -23.47
C LEU B 305 32.40 30.07 -23.97
N HIS B 306 32.56 29.74 -25.23
CA HIS B 306 33.91 29.54 -25.78
C HIS B 306 34.43 30.76 -26.51
N SER B 307 34.41 31.93 -25.88
CA SER B 307 34.93 33.14 -26.50
C SER B 307 36.34 33.43 -25.99
N ALA B 308 36.89 34.58 -26.37
CA ALA B 308 38.16 35.05 -25.84
C ALA B 308 38.03 35.69 -24.48
N SER B 309 37.05 36.58 -24.30
CA SER B 309 36.73 37.21 -23.03
C SER B 309 37.92 37.85 -22.34
N GLN B 310 37.81 38.10 -21.05
CA GLN B 310 38.89 38.65 -20.25
C GLN B 310 38.99 37.96 -18.89
N PHE B 311 38.47 36.74 -18.75
CA PHE B 311 38.42 36.07 -17.47
C PHE B 311 39.83 35.81 -16.94
N ASP B 312 39.99 35.95 -15.64
CA ASP B 312 41.24 35.61 -14.96
C ASP B 312 41.10 34.23 -14.33
N VAL B 313 42.03 33.34 -14.69
CA VAL B 313 41.97 31.93 -14.32
C VAL B 313 41.97 31.76 -12.81
N ASN B 314 42.82 32.52 -12.12
CA ASN B 314 43.06 32.36 -10.70
C ASN B 314 41.77 32.40 -9.89
N ASN B 315 40.81 33.20 -10.31
CA ASN B 315 39.51 33.24 -9.66
C ASN B 315 38.57 32.15 -10.16
N VAL B 316 38.55 31.91 -11.47
CA VAL B 316 37.60 30.94 -12.03
C VAL B 316 37.87 29.54 -11.49
N VAL B 317 39.14 29.14 -11.39
CA VAL B 317 39.45 27.83 -10.83
C VAL B 317 39.22 27.77 -9.33
N HIS B 318 39.03 28.92 -8.67
CA HIS B 318 38.62 28.92 -7.28
C HIS B 318 37.13 28.68 -7.13
N SER B 319 36.31 29.53 -7.75
CA SER B 319 34.87 29.43 -7.63
C SER B 319 34.38 28.03 -7.96
N LEU B 320 34.87 27.47 -9.07
CA LEU B 320 34.47 26.11 -9.46
C LEU B 320 34.65 25.13 -8.31
N VAL B 321 35.81 25.16 -7.66
CA VAL B 321 36.03 24.30 -6.50
C VAL B 321 34.87 24.45 -5.52
N TYR B 322 34.63 25.69 -5.07
CA TYR B 322 33.47 25.98 -4.24
C TYR B 322 32.22 25.29 -4.77
N GLU B 323 31.87 25.58 -6.02
CA GLU B 323 30.64 25.02 -6.58
C GLU B 323 30.64 23.50 -6.47
N THR B 324 31.76 22.86 -6.83
CA THR B 324 31.79 21.40 -6.78
C THR B 324 31.43 20.90 -5.39
N GLU B 325 32.03 21.50 -4.35
CA GLU B 325 31.73 21.08 -2.99
C GLU B 325 30.23 21.11 -2.75
N GLY B 326 29.59 22.22 -3.10
CA GLY B 326 28.16 22.33 -2.91
C GLY B 326 27.42 21.17 -3.57
N LEU B 327 27.72 20.92 -4.85
CA LEU B 327 27.06 19.84 -5.55
C LEU B 327 27.24 18.53 -4.80
N ARG B 328 28.47 18.24 -4.38
CA ARG B 328 28.73 17.02 -3.62
C ARG B 328 27.79 16.94 -2.42
N LEU B 329 27.75 18.01 -1.62
CA LEU B 329 26.91 18.01 -0.43
C LEU B 329 25.46 17.73 -0.82
N ALA B 330 24.99 18.37 -1.90
CA ALA B 330 23.61 18.15 -2.33
C ALA B 330 23.36 16.66 -2.54
N LEU B 331 24.22 16.00 -3.32
CA LEU B 331 24.05 14.57 -3.57
C LEU B 331 23.89 13.83 -2.25
N SER B 332 24.77 14.15 -1.28
CA SER B 332 24.75 13.45 -0.01
C SER B 332 23.36 13.47 0.59
N GLN B 333 22.78 14.67 0.70
CA GLN B 333 21.45 14.78 1.30
C GLN B 333 20.46 13.89 0.55
N LEU B 334 20.44 14.02 -0.78
CA LEU B 334 19.52 13.21 -1.56
C LEU B 334 19.68 11.74 -1.23
N ASP B 335 20.93 11.26 -1.21
CA ASP B 335 21.17 9.85 -0.92
C ASP B 335 20.50 9.46 0.37
N HIS B 336 20.75 10.23 1.44
CA HIS B 336 20.16 9.90 2.73
C HIS B 336 18.65 9.83 2.61
N ARG B 337 18.05 10.86 2.01
CA ARG B 337 16.60 10.87 1.87
C ARG B 337 16.13 9.66 1.07
N PHE B 338 16.85 9.34 -0.02
CA PHE B 338 16.46 8.19 -0.82
C PHE B 338 16.49 6.92 0.02
N ALA B 339 17.49 6.80 0.89
CA ALA B 339 17.54 5.63 1.77
C ALA B 339 16.29 5.54 2.62
N THR B 340 15.88 6.67 3.23
CA THR B 340 14.71 6.64 4.09
C THR B 340 13.45 6.39 3.30
N LEU B 341 13.52 6.47 1.96
CA LEU B 341 12.38 6.10 1.14
C LEU B 341 12.48 4.68 0.61
N SER B 342 13.70 4.13 0.53
CA SER B 342 13.87 2.76 0.05
C SER B 342 13.65 1.73 1.14
N ARG B 343 13.61 2.14 2.41
CA ARG B 343 13.35 1.21 3.50
C ARG B 343 11.86 1.09 3.79
N LEU B 344 11.20 2.24 4.02
CA LEU B 344 9.79 2.25 4.32
C LEU B 344 8.94 1.61 3.24
N PHE B 345 9.35 1.70 1.98
CA PHE B 345 8.68 0.97 0.91
C PHE B 345 8.86 -0.53 1.04
N ASN B 346 10.08 -0.97 1.36
CA ASN B 346 10.32 -2.40 1.50
C ASN B 346 9.53 -2.99 2.66
N ARG B 347 9.30 -2.20 3.72
CA ARG B 347 8.46 -2.63 4.83
C ARG B 347 6.98 -2.51 4.51
N LEU B 348 6.63 -1.80 3.44
CA LEU B 348 5.25 -1.61 3.05
C LEU B 348 4.75 -2.72 2.13
N THR B 349 5.66 -3.50 1.54
CA THR B 349 5.29 -4.63 0.69
C THR B 349 5.46 -5.94 1.44
N GLN B 350 5.78 -5.86 2.74
CA GLN B 350 5.82 -7.05 3.57
C GLN B 350 4.64 -7.11 4.53
N SER B 351 3.84 -6.06 4.66
CA SER B 351 2.65 -6.09 5.50
C SER B 351 1.38 -5.85 4.71
N LEU B 352 1.47 -5.49 3.43
CA LEU B 352 0.29 -5.37 2.57
C LEU B 352 0.23 -6.50 1.55
N ALA B 353 1.28 -7.31 1.47
CA ALA B 353 1.27 -8.50 0.63
C ALA B 353 0.56 -9.67 1.27
N LYS B 354 0.21 -9.56 2.55
CA LYS B 354 -0.58 -10.58 3.23
C LYS B 354 -2.09 -10.37 3.04
N ILE B 355 -2.51 -9.15 2.77
CA ILE B 355 -3.92 -8.88 2.48
C ILE B 355 -4.22 -9.08 1.01
N ASP B 356 -3.54 -8.35 0.13
CA ASP B 356 -3.74 -8.45 -1.30
C ASP B 356 -2.98 -9.67 -1.82
N ASP B 357 -3.68 -10.61 -2.44
CA ASP B 357 -3.05 -11.82 -2.95
C ASP B 357 -2.08 -11.52 -4.08
N ARG B 358 -2.54 -10.77 -5.08
CA ARG B 358 -1.73 -10.48 -6.27
C ARG B 358 -1.01 -9.14 -6.13
N LEU B 359 -0.24 -9.01 -5.06
CA LEU B 359 0.64 -7.87 -4.87
C LEU B 359 2.08 -8.16 -5.26
N LEU B 360 2.58 -9.35 -4.94
CA LEU B 360 3.88 -9.80 -5.41
C LEU B 360 3.79 -10.44 -6.80
N GLY B 361 2.59 -10.50 -7.36
CA GLY B 361 2.41 -10.94 -8.73
C GLY B 361 2.10 -9.76 -9.64
N THR B 362 2.46 -8.57 -9.18
CA THR B 362 2.37 -7.37 -10.00
C THR B 362 3.72 -6.65 -10.01
N LEU B 363 4.40 -6.66 -8.86
CA LEU B 363 5.71 -6.04 -8.77
C LEU B 363 6.78 -6.83 -9.53
N LEU B 364 6.56 -8.12 -9.76
CA LEU B 364 7.54 -8.98 -10.42
C LEU B 364 7.25 -9.15 -11.90
N GLY B 365 6.26 -8.43 -12.44
CA GLY B 365 5.95 -8.53 -13.86
C GLY B 365 5.01 -9.67 -14.19
N GLN B 366 5.41 -10.89 -13.87
CA GLN B 366 4.58 -12.06 -14.12
C GLN B 366 3.35 -12.04 -13.24
N ASP B 367 2.45 -12.99 -13.48
CA ASP B 367 1.22 -13.09 -12.70
C ASP B 367 1.22 -14.35 -11.85
N VAL B 368 1.39 -14.17 -10.54
CA VAL B 368 1.35 -15.27 -9.57
C VAL B 368 0.58 -14.80 -8.35
N SER B 369 0.20 -15.74 -7.48
CA SER B 369 -0.52 -15.41 -6.25
C SER B 369 0.34 -15.84 -5.07
N SER B 370 0.44 -14.98 -4.07
CA SER B 370 1.28 -15.26 -2.92
C SER B 370 0.47 -15.93 -1.80
N LYS B 371 1.19 -16.53 -0.85
CA LYS B 371 0.58 -17.11 0.33
C LYS B 371 1.58 -17.15 1.47
N PHE B 372 1.38 -16.31 2.49
CA PHE B 372 2.33 -16.21 3.59
C PHE B 372 2.05 -17.32 4.61
N ILE B 373 2.96 -18.29 4.69
CA ILE B 373 2.83 -19.35 5.68
C ILE B 373 3.56 -18.98 6.97
N SER B 374 4.56 -18.12 6.86
CA SER B 374 5.36 -17.66 7.99
C SER B 374 5.41 -16.13 7.94
N PRO B 375 5.65 -15.44 9.06
CA PRO B 375 5.67 -13.97 9.01
C PRO B 375 6.87 -13.40 8.26
N THR B 376 7.71 -14.26 7.71
CA THR B 376 8.82 -13.82 6.88
C THR B 376 8.85 -14.60 5.57
N LYS B 377 8.19 -15.76 5.55
CA LYS B 377 8.19 -16.65 4.40
C LYS B 377 6.84 -16.62 3.70
N PHE B 378 6.88 -16.41 2.39
CA PHE B 378 5.70 -16.47 1.56
C PHE B 378 5.91 -17.52 0.47
N MET B 379 4.82 -17.93 -0.16
CA MET B 379 4.85 -19.02 -1.13
C MET B 379 4.06 -18.60 -2.35
N LEU B 380 4.63 -18.85 -3.54
CA LEU B 380 4.05 -18.37 -4.79
C LEU B 380 3.29 -19.49 -5.49
N SER B 381 1.99 -19.24 -5.75
CA SER B 381 1.11 -20.01 -6.61
C SER B 381 0.79 -19.22 -7.87
N PRO B 382 0.87 -19.85 -9.03
CA PRO B 382 0.79 -19.09 -10.29
C PRO B 382 -0.63 -18.90 -10.82
N CYS B 383 -1.42 -18.04 -10.18
CA CYS B 383 -2.63 -17.54 -10.81
C CYS B 383 -2.25 -16.67 -12.01
N LEU B 384 -2.39 -17.24 -13.20
CA LEU B 384 -1.86 -16.61 -14.42
C LEU B 384 -2.80 -15.55 -14.99
N SER B 385 -2.56 -15.16 -16.24
CA SER B 385 -3.21 -13.99 -16.82
C SER B 385 -4.41 -14.42 -17.66
N THR B 386 -5.24 -13.40 -18.09
CA THR B 386 -6.42 -13.35 -18.94
C THR B 386 -6.27 -12.26 -20.00
N PRO B 387 -6.95 -12.39 -21.14
CA PRO B 387 -6.92 -11.31 -22.14
C PRO B 387 -7.81 -10.14 -21.76
N GLU B 388 -7.91 -9.14 -22.64
CA GLU B 388 -8.72 -7.96 -22.38
C GLU B 388 -9.38 -7.56 -23.69
N GLY B 389 -10.01 -6.39 -23.71
CA GLY B 389 -10.79 -5.95 -24.86
C GLY B 389 -12.21 -6.47 -24.89
N ASP B 390 -12.68 -7.09 -23.82
CA ASP B 390 -14.02 -7.66 -23.77
C ASP B 390 -15.07 -6.61 -23.44
N SER B 391 -16.30 -7.06 -23.19
CA SER B 391 -17.41 -6.16 -22.87
C SER B 391 -18.06 -6.59 -21.56
N ASN B 392 -17.34 -7.40 -20.79
CA ASN B 392 -17.74 -7.80 -19.43
C ASN B 392 -18.97 -8.72 -19.46
N CYS B 393 -19.37 -9.13 -20.66
CA CYS B 393 -20.40 -10.15 -20.82
C CYS B 393 -20.12 -11.09 -21.99
N HIS B 394 -19.69 -12.30 -21.64
CA HIS B 394 -19.22 -13.32 -22.56
C HIS B 394 -19.52 -14.64 -21.86
N ASN B 395 -18.80 -15.73 -22.15
CA ASN B 395 -19.23 -17.03 -21.65
C ASN B 395 -19.13 -17.23 -20.12
N HIS B 396 -17.93 -17.16 -19.50
CA HIS B 396 -17.85 -17.39 -18.06
C HIS B 396 -16.74 -16.59 -17.36
N SER B 397 -16.98 -15.31 -17.02
CA SER B 397 -16.28 -14.58 -15.94
C SER B 397 -16.73 -13.11 -15.88
N ILE B 398 -16.90 -12.55 -14.66
CA ILE B 398 -16.90 -11.08 -14.56
C ILE B 398 -16.14 -10.59 -13.34
N TYR B 399 -16.09 -9.26 -13.17
CA TYR B 399 -15.10 -8.61 -12.31
C TYR B 399 -15.63 -8.16 -10.97
N ARG B 400 -16.58 -7.23 -10.95
CA ARG B 400 -16.87 -6.43 -9.75
C ARG B 400 -15.59 -5.88 -9.12
N ASP B 401 -15.16 -6.46 -8.00
CA ASP B 401 -14.11 -5.81 -7.23
C ASP B 401 -12.71 -6.03 -7.82
N GLY B 402 -12.21 -7.26 -7.80
CA GLY B 402 -10.88 -7.49 -8.36
C GLY B 402 -10.67 -8.64 -9.33
N ARG B 403 -11.42 -9.72 -9.17
CA ARG B 403 -11.23 -10.96 -9.93
C ARG B 403 -12.55 -11.71 -10.11
N TRP B 404 -12.46 -13.03 -10.28
CA TRP B 404 -13.37 -13.68 -11.19
C TRP B 404 -13.99 -14.94 -10.54
N VAL B 405 -14.92 -14.83 -9.58
CA VAL B 405 -15.56 -16.06 -9.07
C VAL B 405 -17.05 -15.87 -8.76
N HIS B 406 -17.71 -17.01 -8.53
CA HIS B 406 -19.14 -17.23 -8.74
C HIS B 406 -20.11 -16.14 -8.24
N ASN B 407 -21.18 -15.93 -9.02
CA ASN B 407 -22.42 -15.23 -8.68
C ASN B 407 -23.61 -15.95 -9.31
N SER B 408 -24.75 -15.26 -9.41
CA SER B 408 -26.02 -15.83 -9.85
C SER B 408 -26.71 -15.04 -10.97
N ASP B 409 -25.95 -14.39 -11.85
CA ASP B 409 -26.43 -13.89 -13.14
C ASP B 409 -27.53 -12.82 -13.13
N PRO B 410 -27.21 -11.57 -12.70
CA PRO B 410 -28.14 -10.45 -12.96
C PRO B 410 -28.07 -9.81 -14.35
N THR B 411 -27.12 -10.21 -15.20
CA THR B 411 -26.92 -9.62 -16.54
C THR B 411 -26.67 -8.11 -16.52
N GLN B 412 -25.51 -7.68 -16.01
CA GLN B 412 -25.19 -6.28 -15.76
C GLN B 412 -24.08 -5.71 -16.65
N CYS B 413 -24.11 -5.96 -17.95
CA CYS B 413 -23.06 -5.49 -18.87
C CYS B 413 -22.75 -4.01 -18.73
N PHE B 414 -21.49 -3.64 -19.01
CA PHE B 414 -21.03 -2.27 -18.97
C PHE B 414 -20.57 -1.72 -20.33
N SER B 415 -20.22 -2.61 -21.26
CA SER B 415 -19.83 -2.28 -22.63
C SER B 415 -18.44 -1.67 -22.75
N LEU B 416 -17.82 -1.30 -21.62
CA LEU B 416 -16.40 -0.99 -21.53
C LEU B 416 -15.85 -0.10 -22.64
N SER B 417 -16.25 1.17 -22.66
CA SER B 417 -15.78 2.09 -23.69
C SER B 417 -14.30 2.44 -23.52
N LYS B 418 -13.78 3.34 -24.36
CA LYS B 418 -12.36 3.68 -24.39
C LYS B 418 -12.06 4.68 -23.28
N SER B 419 -10.83 4.63 -22.77
CA SER B 419 -10.45 5.36 -21.56
C SER B 419 -9.44 6.45 -21.87
N GLN B 420 -9.17 7.27 -20.84
CA GLN B 420 -8.20 8.35 -20.94
C GLN B 420 -7.00 8.07 -20.03
N PRO B 421 -5.84 8.66 -20.33
CA PRO B 421 -4.71 8.56 -19.41
C PRO B 421 -4.78 9.58 -18.28
N VAL B 422 -4.19 9.26 -17.13
CA VAL B 422 -4.26 10.12 -15.96
C VAL B 422 -2.87 10.55 -15.49
N ASP B 423 -1.85 9.72 -15.75
CA ASP B 423 -0.47 10.07 -15.44
C ASP B 423 -0.29 10.39 -13.95
N LEU B 424 -0.38 9.37 -13.10
CA LEU B 424 -0.48 9.54 -11.65
C LEU B 424 0.47 10.60 -11.09
N TYR B 425 1.65 10.77 -11.68
CA TYR B 425 2.62 11.71 -11.12
C TYR B 425 2.20 13.16 -11.37
N SER B 426 2.09 13.55 -12.63
CA SER B 426 1.62 14.89 -12.97
C SER B 426 0.12 14.86 -13.20
N PHE B 427 -0.63 15.51 -12.31
CA PHE B 427 -2.08 15.39 -12.29
C PHE B 427 -2.73 16.74 -12.54
N LYS B 428 -3.66 16.78 -13.50
CA LYS B 428 -4.59 17.90 -13.70
C LYS B 428 -5.95 17.25 -14.00
N GLU B 429 -6.70 16.95 -12.94
CA GLU B 429 -7.97 16.27 -13.11
C GLU B 429 -8.78 16.39 -11.82
N LEU B 430 -10.05 16.78 -11.98
CA LEU B 430 -10.96 17.06 -10.88
C LEU B 430 -12.40 16.82 -11.31
N TRP B 431 -13.35 17.49 -10.65
CA TRP B 431 -14.64 17.92 -11.19
C TRP B 431 -15.76 16.87 -11.28
N LEU B 432 -17.00 17.34 -11.04
CA LEU B 432 -18.33 16.80 -11.35
C LEU B 432 -18.98 16.04 -10.21
N PRO B 433 -20.32 16.18 -10.04
CA PRO B 433 -21.05 15.34 -9.08
C PRO B 433 -21.65 14.10 -9.74
N GLN B 434 -22.14 13.18 -8.91
CA GLN B 434 -22.73 11.94 -9.38
C GLN B 434 -24.20 11.87 -8.96
N LEU B 435 -24.39 11.90 -7.64
CA LEU B 435 -25.59 11.86 -6.83
C LEU B 435 -25.25 12.54 -5.50
N LEU B 436 -25.91 12.11 -4.42
CA LEU B 436 -25.33 11.83 -3.11
C LEU B 436 -25.84 12.70 -1.97
N ASP B 437 -25.44 12.33 -0.76
CA ASP B 437 -25.77 13.05 0.47
C ASP B 437 -24.49 13.31 1.25
N VAL B 438 -24.61 13.83 2.48
CA VAL B 438 -23.44 14.28 3.22
C VAL B 438 -23.10 13.29 4.33
N ASN B 439 -21.88 13.41 4.86
CA ASN B 439 -21.45 12.65 6.03
C ASN B 439 -21.10 13.65 7.12
N VAL B 440 -22.06 13.93 8.01
CA VAL B 440 -21.98 15.22 8.68
C VAL B 440 -21.44 15.17 10.12
N GLU B 441 -22.17 14.59 11.08
CA GLU B 441 -21.71 14.91 12.42
C GLU B 441 -21.48 13.78 13.44
N GLY B 442 -22.48 12.98 13.80
CA GLY B 442 -22.33 12.17 15.02
C GLY B 442 -23.37 11.06 15.20
N VAL B 443 -23.83 10.89 16.44
CA VAL B 443 -24.62 9.72 16.85
C VAL B 443 -23.97 8.42 16.41
N VAL B 444 -23.54 7.63 17.40
CA VAL B 444 -22.59 6.53 17.19
C VAL B 444 -23.14 5.39 16.34
N ALA B 445 -24.30 5.57 15.73
CA ALA B 445 -24.90 4.51 14.91
C ALA B 445 -24.37 4.52 13.47
N ASP B 446 -23.14 5.03 13.23
CA ASP B 446 -22.88 5.28 11.82
C ASP B 446 -21.49 4.88 11.27
N GLU B 447 -20.53 4.38 12.05
CA GLU B 447 -19.70 3.19 11.74
C GLU B 447 -19.43 2.61 10.34
N GLU B 448 -18.69 3.21 9.40
CA GLU B 448 -18.15 2.29 8.38
C GLU B 448 -16.64 2.47 8.17
N GLY B 449 -16.10 1.71 7.21
CA GLY B 449 -14.72 1.81 6.81
C GLY B 449 -14.51 2.23 5.38
N TRP B 450 -14.11 1.27 4.55
CA TRP B 450 -13.65 1.55 3.18
C TRP B 450 -14.56 0.91 2.14
N SER B 451 -15.16 -0.23 2.48
CA SER B 451 -15.94 -0.99 1.51
C SER B 451 -17.09 -1.71 2.19
N PHE B 452 -17.65 -2.71 1.52
CA PHE B 452 -18.70 -3.55 2.06
C PHE B 452 -18.31 -4.21 3.38
N VAL B 453 -17.02 -4.45 3.61
CA VAL B 453 -16.57 -5.29 4.70
C VAL B 453 -16.68 -4.53 6.02
N ALA B 454 -16.83 -3.21 5.93
CA ALA B 454 -17.05 -2.40 7.12
C ALA B 454 -18.37 -1.64 6.97
N GLN B 455 -18.94 -1.72 5.77
CA GLN B 455 -20.34 -1.37 5.54
C GLN B 455 -21.28 -2.23 6.36
N SER B 456 -20.92 -3.49 6.60
CA SER B 456 -21.79 -4.44 7.27
C SER B 456 -21.00 -5.22 8.31
N LYS B 457 -20.19 -4.52 9.12
CA LYS B 457 -19.48 -5.16 10.21
C LYS B 457 -20.36 -5.45 11.41
N GLN B 458 -21.31 -4.57 11.75
CA GLN B 458 -22.25 -4.86 12.82
C GLN B 458 -23.23 -5.95 12.42
N ALA B 459 -23.71 -5.95 11.17
CA ALA B 459 -24.67 -6.94 10.73
C ALA B 459 -24.08 -8.35 10.79
N LEU B 460 -22.83 -8.51 10.35
CA LEU B 460 -22.21 -9.82 10.39
C LEU B 460 -22.01 -10.30 11.83
N ILE B 461 -21.55 -9.42 12.71
CA ILE B 461 -21.35 -9.80 14.10
C ILE B 461 -22.68 -10.21 14.72
N ASP B 462 -23.73 -9.45 14.43
CA ASP B 462 -25.06 -9.81 14.90
C ASP B 462 -25.47 -11.18 14.37
N THR B 463 -25.15 -11.45 13.10
CA THR B 463 -25.50 -12.73 12.50
C THR B 463 -24.82 -13.88 13.23
N MET B 464 -23.50 -13.82 13.39
CA MET B 464 -22.81 -14.91 14.07
C MET B 464 -23.28 -15.07 15.51
N THR B 465 -23.46 -13.96 16.22
CA THR B 465 -23.84 -14.04 17.63
C THR B 465 -25.26 -14.59 17.80
N TYR B 466 -26.24 -13.91 17.21
CA TYR B 466 -27.64 -14.27 17.42
C TYR B 466 -27.99 -15.58 16.72
N THR B 467 -27.71 -15.67 15.41
CA THR B 467 -28.17 -16.83 14.66
C THR B 467 -27.41 -18.08 15.05
N LYS B 468 -26.17 -17.94 15.52
CA LYS B 468 -25.31 -19.05 15.92
C LYS B 468 -24.87 -19.85 14.70
N ASN B 469 -23.66 -20.41 14.74
CA ASN B 469 -23.11 -21.16 13.62
C ASN B 469 -24.03 -22.33 13.23
N GLY B 470 -24.80 -22.83 14.18
CA GLY B 470 -25.83 -23.80 13.87
C GLY B 470 -25.33 -25.22 13.72
N GLY B 471 -24.55 -25.68 14.68
CA GLY B 471 -24.03 -27.04 14.65
C GLY B 471 -25.11 -28.10 14.77
N LYS B 472 -26.10 -27.85 15.62
CA LYS B 472 -27.14 -28.84 15.88
C LYS B 472 -28.53 -28.20 15.94
N GLY B 473 -28.63 -26.89 16.16
CA GLY B 473 -29.90 -26.24 16.39
C GLY B 473 -30.91 -26.37 15.27
N THR B 474 -30.48 -26.12 14.03
CA THR B 474 -31.40 -26.19 12.90
C THR B 474 -31.72 -27.66 12.59
N SER B 475 -32.73 -28.19 13.28
CA SER B 475 -33.02 -29.62 13.28
C SER B 475 -33.96 -29.96 12.13
N LEU B 476 -33.38 -30.23 10.97
CA LEU B 476 -34.13 -30.65 9.78
C LEU B 476 -35.23 -29.66 9.41
N GLU B 477 -35.07 -28.42 9.87
CA GLU B 477 -36.00 -27.35 9.53
C GLU B 477 -35.83 -26.88 8.10
N ASP B 478 -34.65 -27.08 7.51
CA ASP B 478 -34.40 -26.70 6.12
C ASP B 478 -34.80 -27.85 5.20
N VAL B 479 -36.12 -28.06 5.09
CA VAL B 479 -36.63 -29.09 4.20
C VAL B 479 -37.58 -28.48 3.17
N LEU B 480 -38.67 -27.85 3.63
CA LEU B 480 -39.64 -27.19 2.76
C LEU B 480 -40.51 -26.23 3.57
N GLY B 481 -41.60 -25.74 2.95
CA GLY B 481 -42.44 -24.76 3.58
C GLY B 481 -43.74 -25.27 4.17
N TYR B 482 -43.70 -26.38 4.91
CA TYR B 482 -44.93 -26.90 5.49
C TYR B 482 -44.82 -27.44 6.92
N PRO B 483 -44.24 -26.71 7.89
CA PRO B 483 -44.25 -27.25 9.26
C PRO B 483 -45.64 -27.27 9.86
N SER B 484 -46.28 -28.45 9.89
CA SER B 484 -47.59 -28.64 10.51
C SER B 484 -48.65 -27.70 9.95
N GLY B 485 -48.31 -27.03 8.84
CA GLY B 485 -49.18 -26.04 8.20
C GLY B 485 -49.93 -25.38 9.32
N TRP B 486 -49.40 -25.16 10.52
CA TRP B 486 -50.24 -24.68 11.70
C TRP B 486 -51.67 -25.31 12.01
N ILE B 487 -52.60 -24.97 11.16
CA ILE B 487 -53.92 -25.51 11.40
C ILE B 487 -54.11 -27.00 11.13
N ASN B 488 -53.07 -27.81 10.92
CA ASN B 488 -53.30 -29.25 10.79
C ASN B 488 -53.46 -29.65 12.20
N GLY B 489 -52.58 -29.14 13.02
CA GLY B 489 -52.72 -29.35 14.42
C GLY B 489 -54.03 -28.71 14.76
N LYS B 490 -54.34 -27.53 14.20
CA LYS B 490 -55.68 -27.01 14.61
C LYS B 490 -56.91 -27.91 14.29
N LEU B 491 -56.88 -28.62 13.18
CA LEU B 491 -57.99 -29.47 12.78
C LEU B 491 -58.00 -30.74 13.59
N GLN B 492 -56.81 -31.22 13.94
CA GLN B 492 -56.81 -32.38 14.82
C GLN B 492 -57.56 -31.89 16.02
N GLY B 493 -57.20 -30.70 16.50
CA GLY B 493 -57.89 -30.14 17.64
C GLY B 493 -59.41 -30.11 17.50
N LEU B 494 -59.95 -29.58 16.41
CA LEU B 494 -61.42 -29.63 16.23
C LEU B 494 -62.06 -31.04 16.23
N LEU B 495 -61.43 -31.95 15.52
CA LEU B 495 -62.00 -33.29 15.51
C LEU B 495 -61.99 -33.87 16.92
N LEU B 496 -60.96 -33.55 17.70
CA LEU B 496 -60.88 -34.06 19.07
C LEU B 496 -61.95 -33.40 19.91
N ASN B 497 -62.17 -32.12 19.72
CA ASN B 497 -63.25 -31.44 20.38
C ASN B 497 -64.59 -32.12 20.13
N GLY B 498 -64.84 -32.68 18.92
CA GLY B 498 -66.11 -33.48 18.69
C GLY B 498 -66.07 -34.85 19.41
N ALA B 499 -64.91 -35.54 19.25
CA ALA B 499 -64.70 -36.82 19.99
C ALA B 499 -65.34 -36.42 21.21
N ILE B 500 -65.04 -35.19 21.66
CA ILE B 500 -65.82 -34.58 22.66
C ILE B 500 -67.26 -34.08 22.38
N SER B 501 -67.44 -33.12 22.97
CA SER B 501 -68.85 -33.04 23.18
C SER B 501 -69.10 -34.65 23.74
N TRP B 502 -68.45 -35.87 23.29
CA TRP B 502 -68.52 -37.26 23.96
C TRP B 502 -69.42 -37.91 23.08
N VAL B 503 -69.09 -37.66 21.81
CA VAL B 503 -70.03 -38.07 20.84
C VAL B 503 -71.21 -37.34 21.45
N VAL B 504 -71.03 -36.05 21.82
CA VAL B 504 -72.19 -35.32 22.33
C VAL B 504 -72.97 -36.06 23.40
N VAL B 505 -72.35 -36.34 24.53
CA VAL B 505 -72.98 -37.06 25.63
C VAL B 505 -73.77 -38.23 25.15
N ILE B 506 -73.11 -39.19 24.49
CA ILE B 506 -73.81 -40.41 24.09
C ILE B 506 -75.01 -40.09 23.23
N GLY B 507 -74.78 -39.33 22.17
CA GLY B 507 -75.88 -38.96 21.28
C GLY B 507 -77.11 -38.44 22.03
N ILE C 20 -22.58 9.79 6.68
CA ILE C 20 -23.02 8.82 5.69
C ILE C 20 -22.23 9.01 4.39
N GLU C 21 -22.85 9.66 3.42
CA GLU C 21 -22.28 9.88 2.09
C GLU C 21 -21.78 8.57 1.46
N VAL C 22 -22.73 7.73 1.09
CA VAL C 22 -22.43 6.63 0.17
C VAL C 22 -22.65 7.16 -1.25
N CYS C 23 -21.56 7.55 -1.91
CA CYS C 23 -21.71 8.16 -3.23
C CYS C 23 -22.09 7.12 -4.28
N ASN C 24 -23.39 7.10 -4.61
CA ASN C 24 -23.95 6.16 -5.57
C ASN C 24 -23.80 6.76 -6.96
N LYS C 25 -24.30 6.04 -7.98
CA LYS C 25 -23.93 6.31 -9.38
C LYS C 25 -25.08 6.82 -10.25
N ALA C 26 -25.06 8.10 -10.64
CA ALA C 26 -25.99 8.60 -11.65
C ALA C 26 -25.26 9.24 -12.83
N GLN C 27 -24.27 10.08 -12.55
CA GLN C 27 -23.60 10.91 -13.56
C GLN C 27 -22.19 10.41 -13.86
N GLN C 28 -22.07 9.10 -14.01
CA GLN C 28 -20.79 8.39 -14.03
C GLN C 28 -19.87 8.89 -15.15
N GLN C 29 -18.59 9.08 -14.83
CA GLN C 29 -17.68 9.78 -15.72
C GLN C 29 -17.14 8.83 -16.80
N GLY C 30 -16.15 9.31 -17.54
CA GLY C 30 -15.41 8.48 -18.46
C GLY C 30 -14.43 7.58 -17.75
N PRO C 31 -14.24 6.36 -18.25
CA PRO C 31 -13.25 5.45 -17.66
C PRO C 31 -11.83 5.98 -17.76
N TYR C 32 -11.02 5.73 -16.74
CA TYR C 32 -9.63 6.18 -16.71
C TYR C 32 -8.68 4.99 -16.61
N THR C 33 -7.42 5.23 -16.99
CA THR C 33 -6.39 4.20 -16.91
C THR C 33 -5.10 4.83 -16.38
N LEU C 34 -4.51 4.18 -15.39
CA LEU C 34 -3.19 4.57 -14.91
C LEU C 34 -2.13 4.06 -15.88
N VAL C 35 -1.46 4.98 -16.55
CA VAL C 35 -0.46 4.62 -17.55
C VAL C 35 0.82 4.17 -16.85
N ASP C 36 1.46 3.17 -17.43
CA ASP C 36 2.70 2.65 -16.86
C ASP C 36 3.82 3.69 -16.95
N TYR C 37 4.82 3.53 -16.09
CA TYR C 37 5.90 4.49 -16.01
C TYR C 37 6.73 4.49 -17.29
N GLN C 38 7.04 5.67 -17.79
CA GLN C 38 7.92 5.85 -18.94
C GLN C 38 9.23 6.45 -18.46
N GLU C 39 10.34 5.82 -18.83
CA GLU C 39 11.64 6.28 -18.38
C GLU C 39 12.02 7.59 -19.04
N LYS C 40 12.57 8.51 -18.25
CA LYS C 40 13.03 9.82 -18.73
C LYS C 40 14.45 10.02 -18.24
N PRO C 41 15.42 9.33 -18.84
CA PRO C 41 16.81 9.43 -18.36
C PRO C 41 17.35 10.84 -18.49
N LEU C 42 18.16 11.24 -17.51
CA LEU C 42 18.76 12.57 -17.53
C LEU C 42 19.83 12.66 -18.60
N ASN C 43 19.97 13.86 -19.17
CA ASN C 43 20.97 14.11 -20.22
C ASN C 43 22.27 14.55 -19.56
N ILE C 44 22.98 13.57 -18.99
CA ILE C 44 24.27 13.81 -18.35
C ILE C 44 25.37 12.95 -18.96
N SER C 45 25.03 12.06 -19.89
CA SER C 45 26.01 11.21 -20.53
C SER C 45 26.79 12.00 -21.58
N ARG C 46 28.06 11.62 -21.74
CA ARG C 46 28.93 12.31 -22.68
C ARG C 46 29.75 11.33 -23.52
N ILE C 47 29.73 10.05 -23.16
CA ILE C 47 30.56 9.05 -23.81
C ILE C 47 29.65 7.93 -24.32
N GLN C 48 29.90 7.49 -25.55
CA GLN C 48 29.17 6.39 -26.17
C GLN C 48 30.14 5.34 -26.67
N ILE C 49 29.74 4.07 -26.63
CA ILE C 49 30.59 2.97 -27.04
C ILE C 49 29.97 2.34 -28.29
N LYS C 50 30.64 1.33 -28.87
CA LYS C 50 30.10 0.65 -30.04
C LYS C 50 29.86 -0.81 -29.65
N VAL C 51 28.59 -1.22 -29.61
CA VAL C 51 28.23 -2.57 -29.20
C VAL C 51 27.42 -3.24 -30.31
N VAL C 52 27.22 -4.55 -30.19
CA VAL C 52 26.38 -5.29 -31.13
C VAL C 52 25.34 -6.11 -30.34
N LYS C 53 24.15 -5.53 -30.15
CA LYS C 53 23.11 -6.21 -29.41
C LYS C 53 22.65 -7.45 -30.15
N THR C 54 22.19 -8.44 -29.39
CA THR C 54 21.51 -9.62 -29.94
C THR C 54 20.23 -9.85 -29.15
N SER C 55 19.23 -10.41 -29.79
CA SER C 55 17.96 -10.59 -29.10
C SER C 55 17.21 -11.81 -29.63
N VAL C 56 16.94 -12.76 -28.74
CA VAL C 56 16.10 -13.90 -29.09
C VAL C 56 14.66 -13.46 -28.90
N ALA C 57 14.29 -13.16 -27.65
CA ALA C 57 13.07 -12.44 -27.26
C ALA C 57 11.93 -12.52 -28.27
N THR C 58 11.77 -11.48 -29.08
CA THR C 58 10.66 -11.40 -30.02
C THR C 58 10.81 -12.44 -31.14
N LYS C 59 11.89 -12.33 -31.91
CA LYS C 59 12.14 -13.27 -33.01
C LYS C 59 12.85 -14.51 -32.47
N GLY C 60 12.27 -15.05 -31.41
CA GLY C 60 12.83 -16.19 -30.71
C GLY C 60 11.81 -17.21 -30.28
N LEU C 61 10.80 -17.45 -31.12
CA LEU C 61 9.51 -17.94 -30.66
C LEU C 61 9.61 -19.12 -29.70
N ASN C 62 10.05 -20.29 -30.14
CA ASN C 62 10.25 -21.30 -29.11
C ASN C 62 11.45 -22.25 -29.24
N PHE C 63 11.81 -22.64 -30.46
CA PHE C 63 12.47 -23.91 -30.73
C PHE C 63 13.84 -24.06 -30.07
N HIS C 64 14.03 -25.16 -29.32
CA HIS C 64 15.36 -25.79 -29.37
C HIS C 64 15.39 -27.32 -29.44
N ILE C 65 14.63 -28.10 -28.65
CA ILE C 65 14.68 -29.56 -28.86
C ILE C 65 13.34 -30.28 -29.00
N GLY C 66 12.58 -30.49 -27.93
CA GLY C 66 11.52 -31.48 -28.09
C GLY C 66 10.60 -31.74 -26.92
N TYR C 67 9.60 -32.60 -27.21
CA TYR C 67 8.57 -33.14 -26.32
C TYR C 67 7.94 -34.36 -26.97
N ARG C 68 7.43 -35.28 -26.14
CA ARG C 68 6.61 -36.41 -26.59
C ARG C 68 5.71 -36.91 -25.47
N ALA C 69 4.90 -37.92 -25.80
CA ALA C 69 3.99 -38.59 -24.88
C ALA C 69 3.59 -39.95 -25.43
N VAL C 70 3.41 -40.94 -24.56
CA VAL C 70 3.21 -42.33 -25.01
C VAL C 70 2.05 -43.00 -24.26
N TRP C 71 1.17 -43.68 -25.01
CA TRP C 71 0.18 -44.55 -24.41
C TRP C 71 0.51 -46.02 -24.71
N ARG C 72 0.19 -46.90 -23.78
CA ARG C 72 0.30 -48.35 -23.95
C ARG C 72 -0.98 -49.01 -23.46
N SER C 73 -1.43 -50.03 -24.19
CA SER C 73 -2.68 -50.68 -23.86
C SER C 73 -2.76 -52.17 -24.08
N TYR C 74 -1.62 -52.85 -24.15
CA TYR C 74 -1.61 -54.29 -24.39
C TYR C 74 -2.39 -55.01 -23.29
N CYS C 75 -3.31 -55.89 -23.70
CA CYS C 75 -4.12 -56.64 -22.75
C CYS C 75 -4.34 -58.05 -23.28
N TYR C 76 -4.76 -58.94 -22.38
CA TYR C 76 -5.07 -60.32 -22.68
C TYR C 76 -6.26 -60.74 -21.82
N ASN C 77 -7.46 -60.71 -22.41
CA ASN C 77 -8.68 -60.93 -21.64
C ASN C 77 -8.80 -62.40 -21.23
N GLY C 78 -8.45 -62.71 -19.98
CA GLY C 78 -8.56 -64.08 -19.50
C GLY C 78 -10.00 -64.55 -19.42
N GLY C 79 -10.89 -63.68 -18.91
CA GLY C 79 -12.30 -63.98 -18.76
C GLY C 79 -12.70 -64.01 -17.31
N SER C 80 -13.86 -64.59 -17.03
CA SER C 80 -14.37 -64.72 -15.67
C SER C 80 -13.93 -66.01 -14.99
N LEU C 81 -13.72 -67.08 -15.76
CA LEU C 81 -13.20 -68.31 -15.16
C LEU C 81 -11.71 -68.20 -14.92
N ASP C 82 -10.93 -67.97 -15.98
CA ASP C 82 -9.52 -67.63 -15.84
C ASP C 82 -9.42 -66.13 -15.58
N LYS C 83 -9.52 -65.78 -14.30
CA LYS C 83 -9.60 -64.39 -13.87
C LYS C 83 -8.36 -63.59 -14.24
N ASN C 84 -7.26 -64.27 -14.53
CA ASN C 84 -5.99 -63.60 -14.73
C ASN C 84 -6.00 -62.71 -15.97
N THR C 85 -6.12 -61.40 -15.76
CA THR C 85 -5.88 -60.39 -16.79
C THR C 85 -5.04 -59.29 -16.15
N GLY C 86 -3.72 -59.49 -16.14
CA GLY C 86 -2.81 -58.50 -15.60
C GLY C 86 -2.23 -57.60 -16.66
N CYS C 87 -3.03 -56.72 -17.23
CA CYS C 87 -2.61 -55.93 -18.37
C CYS C 87 -2.47 -54.46 -17.98
N TYR C 88 -2.03 -53.62 -18.91
CA TYR C 88 -1.44 -52.33 -18.60
C TYR C 88 -1.99 -51.21 -19.48
N ASN C 89 -3.31 -51.05 -19.54
CA ASN C 89 -3.84 -49.84 -20.17
C ASN C 89 -3.53 -48.66 -19.26
N ASP C 90 -2.46 -47.92 -19.57
CA ASP C 90 -1.92 -46.92 -18.67
C ASP C 90 -1.47 -45.69 -19.44
N LEU C 91 -1.37 -44.56 -18.74
CA LEU C 91 -0.84 -43.32 -19.31
C LEU C 91 0.63 -43.20 -18.90
N ILE C 92 1.48 -43.90 -19.64
CA ILE C 92 2.90 -43.94 -19.32
C ILE C 92 3.70 -43.17 -20.37
N PRO C 93 4.07 -41.93 -20.09
CA PRO C 93 4.80 -41.13 -21.09
C PRO C 93 6.27 -41.51 -21.19
N LYS C 94 6.57 -42.55 -21.97
CA LYS C 94 7.96 -42.92 -22.24
C LYS C 94 8.65 -41.76 -22.94
N SER C 95 9.60 -41.11 -22.26
CA SER C 95 10.17 -39.85 -22.73
C SER C 95 11.64 -40.02 -23.04
N PRO C 96 12.01 -40.24 -24.31
CA PRO C 96 13.42 -40.19 -24.71
C PRO C 96 13.88 -38.76 -24.96
N THR C 97 15.06 -38.61 -25.54
CA THR C 97 15.66 -37.29 -25.74
C THR C 97 16.25 -37.28 -27.16
N GLU C 98 17.14 -36.34 -27.46
CA GLU C 98 17.49 -35.96 -28.83
C GLU C 98 18.23 -37.07 -29.58
N SER C 99 17.53 -38.17 -29.90
CA SER C 99 18.12 -39.20 -30.74
C SER C 99 17.65 -39.05 -32.18
N GLU C 100 16.34 -39.12 -32.42
CA GLU C 100 15.76 -38.99 -33.74
C GLU C 100 15.18 -37.59 -33.98
N LEU C 101 15.72 -36.58 -33.30
CA LEU C 101 15.20 -35.23 -33.45
C LEU C 101 15.58 -34.62 -34.80
N ARG C 102 16.76 -34.98 -35.32
CA ARG C 102 17.18 -34.50 -36.63
C ARG C 102 16.36 -35.09 -37.76
N THR C 103 15.62 -36.17 -37.51
CA THR C 103 14.64 -36.67 -38.45
C THR C 103 13.26 -36.06 -38.24
N TRP C 104 12.87 -35.79 -37.00
CA TRP C 104 11.70 -34.97 -36.72
C TRP C 104 11.83 -33.56 -37.28
N SER C 105 13.05 -33.04 -37.43
CA SER C 105 13.27 -31.75 -38.06
C SER C 105 13.00 -31.78 -39.55
N LYS C 106 12.83 -32.95 -40.15
CA LYS C 106 12.48 -33.09 -41.55
C LYS C 106 10.98 -33.17 -41.78
N SER C 107 10.19 -33.33 -40.70
CA SER C 107 8.74 -33.37 -40.81
C SER C 107 8.12 -32.32 -39.89
N GLN C 108 8.68 -32.16 -38.70
CA GLN C 108 8.26 -31.14 -37.73
C GLN C 108 6.77 -31.30 -37.39
N LYS C 109 6.44 -32.46 -36.84
CA LYS C 109 5.08 -32.74 -36.39
C LYS C 109 5.13 -33.94 -35.45
N CYS C 110 3.94 -34.43 -35.08
CA CYS C 110 3.84 -35.55 -34.14
C CYS C 110 4.01 -36.89 -34.83
N CYS C 111 5.20 -37.49 -34.73
CA CYS C 111 5.39 -38.83 -35.27
C CYS C 111 4.78 -39.90 -34.38
N THR C 112 3.59 -40.35 -34.76
CA THR C 112 2.86 -41.39 -34.05
C THR C 112 3.22 -42.76 -34.61
N GLY C 113 3.43 -43.72 -33.73
CA GLY C 113 3.77 -45.07 -34.13
C GLY C 113 2.56 -45.84 -34.60
N PRO C 114 2.50 -47.12 -34.27
CA PRO C 114 1.36 -47.94 -34.72
C PRO C 114 0.08 -47.61 -33.97
N ASP C 115 -0.85 -46.93 -34.64
CA ASP C 115 -2.16 -46.68 -34.06
C ASP C 115 -3.05 -47.92 -34.07
N ALA C 116 -2.66 -48.94 -34.82
CA ALA C 116 -3.43 -50.17 -34.86
C ALA C 116 -3.42 -50.85 -33.49
N VAL C 117 -4.50 -51.57 -33.19
CA VAL C 117 -4.66 -52.21 -31.90
C VAL C 117 -5.08 -53.66 -32.08
N ASP C 118 -5.35 -54.35 -30.98
CA ASP C 118 -5.87 -55.71 -30.97
C ASP C 118 -4.90 -56.69 -31.64
N ALA C 119 -3.72 -56.80 -31.05
CA ALA C 119 -2.75 -57.82 -31.41
C ALA C 119 -2.87 -59.00 -30.44
N TRP C 120 -2.30 -60.14 -30.84
CA TRP C 120 -2.47 -61.36 -30.08
C TRP C 120 -1.32 -62.32 -30.37
N GLY C 121 -1.17 -63.30 -29.48
CA GLY C 121 -0.28 -64.42 -29.73
C GLY C 121 1.15 -64.02 -30.00
N SER C 122 1.76 -64.64 -31.01
CA SER C 122 3.14 -64.36 -31.33
C SER C 122 3.30 -62.96 -31.92
N ASP C 123 2.45 -62.59 -32.86
CA ASP C 123 2.51 -61.26 -33.48
C ASP C 123 1.75 -60.24 -32.63
N ALA C 124 2.21 -60.09 -31.39
CA ALA C 124 1.67 -59.14 -30.44
C ALA C 124 2.59 -57.94 -30.24
N ARG C 125 3.52 -57.73 -31.17
CA ARG C 125 4.50 -56.64 -31.09
C ARG C 125 3.98 -55.38 -31.76
N ILE C 126 2.77 -54.98 -31.39
CA ILE C 126 2.16 -53.75 -31.91
C ILE C 126 1.90 -52.81 -30.75
N CYS C 127 1.24 -53.32 -29.71
CA CYS C 127 0.87 -52.55 -28.52
C CYS C 127 1.69 -52.96 -27.30
N TRP C 128 2.75 -53.76 -27.52
CA TRP C 128 3.60 -54.22 -26.43
C TRP C 128 5.07 -54.03 -26.79
N ALA C 129 5.32 -53.70 -28.06
CA ALA C 129 6.68 -53.59 -28.58
C ALA C 129 7.32 -52.27 -28.19
N GLU C 130 8.45 -51.94 -28.82
CA GLU C 130 9.19 -50.72 -28.52
C GLU C 130 8.33 -49.48 -28.79
N TRP C 131 8.23 -48.61 -27.79
CA TRP C 131 7.40 -47.40 -27.88
C TRP C 131 8.22 -46.29 -28.55
N LYS C 132 8.26 -46.34 -29.88
CA LYS C 132 9.07 -45.44 -30.68
C LYS C 132 8.24 -44.77 -31.75
N MET C 133 8.86 -43.79 -32.41
CA MET C 133 8.16 -42.83 -33.25
C MET C 133 8.61 -42.93 -34.71
N GLU C 134 7.64 -43.08 -35.60
CA GLU C 134 7.97 -43.31 -37.01
C GLU C 134 7.23 -42.42 -38.02
N LEU C 135 5.94 -42.15 -37.79
CA LEU C 135 5.11 -41.51 -38.80
C LEU C 135 4.46 -40.25 -38.23
N CYS C 136 4.87 -39.09 -38.75
CA CYS C 136 4.34 -37.82 -38.26
C CYS C 136 3.01 -37.48 -38.91
N HIS C 137 2.05 -37.04 -38.08
CA HIS C 137 0.73 -36.62 -38.50
C HIS C 137 0.43 -35.25 -37.93
N THR C 138 -0.41 -34.50 -38.64
CA THR C 138 -0.66 -33.10 -38.33
C THR C 138 -1.25 -32.89 -36.94
N ALA C 139 -2.45 -33.40 -36.72
CA ALA C 139 -3.17 -33.22 -35.45
C ALA C 139 -3.61 -34.56 -34.87
N LYS C 140 -2.71 -35.53 -34.86
CA LYS C 140 -3.03 -36.86 -34.38
C LYS C 140 -3.33 -36.82 -32.89
N GLU C 141 -4.22 -37.71 -32.45
CA GLU C 141 -4.64 -37.74 -31.06
C GLU C 141 -4.75 -39.17 -30.55
N LEU C 142 -5.36 -39.35 -29.38
CA LEU C 142 -5.53 -40.68 -28.80
C LEU C 142 -7.00 -41.07 -28.91
N LYS C 143 -7.24 -42.38 -28.84
CA LYS C 143 -8.60 -42.91 -28.76
C LYS C 143 -8.88 -43.56 -27.42
N LYS C 144 -7.87 -43.70 -26.57
CA LYS C 144 -7.99 -44.37 -25.28
C LYS C 144 -8.66 -45.73 -25.44
N TYR C 145 -8.01 -46.60 -26.21
CA TYR C 145 -8.52 -47.94 -26.44
C TYR C 145 -8.53 -48.74 -25.14
N SER C 146 -9.68 -49.31 -24.81
CA SER C 146 -9.80 -50.12 -23.61
C SER C 146 -10.60 -51.39 -23.88
N ASN C 147 -11.19 -51.48 -25.07
CA ASN C 147 -12.09 -52.58 -25.41
C ASN C 147 -11.41 -53.94 -25.40
N ASN C 148 -11.86 -54.83 -24.53
CA ASN C 148 -11.38 -56.21 -24.49
C ASN C 148 -12.51 -57.15 -24.89
N ASN C 149 -12.26 -57.95 -25.92
CA ASN C 149 -13.31 -58.82 -26.45
C ASN C 149 -12.80 -60.21 -26.79
N HIS C 150 -11.49 -60.44 -26.61
CA HIS C 150 -10.87 -61.71 -26.98
C HIS C 150 -10.69 -62.56 -25.73
N PHE C 151 -11.66 -63.44 -25.49
CA PHE C 151 -11.52 -64.42 -24.42
C PHE C 151 -10.42 -65.42 -24.78
N ALA C 152 -9.50 -65.64 -23.84
CA ALA C 152 -8.36 -66.53 -24.02
C ALA C 152 -7.41 -66.04 -25.11
N TYR C 153 -7.62 -64.82 -25.60
CA TYR C 153 -6.68 -64.19 -26.53
C TYR C 153 -6.35 -62.78 -26.06
N HIS C 154 -5.51 -62.08 -26.81
CA HIS C 154 -4.96 -60.80 -26.38
C HIS C 154 -5.65 -59.66 -27.10
N THR C 155 -5.86 -58.55 -26.38
CA THR C 155 -6.46 -57.33 -26.92
C THR C 155 -5.53 -56.16 -26.60
N CYS C 156 -4.56 -55.91 -27.47
CA CYS C 156 -3.69 -54.78 -27.28
C CYS C 156 -4.43 -53.48 -27.64
N ASN C 157 -4.19 -52.43 -26.87
CA ASN C 157 -4.99 -51.21 -26.95
C ASN C 157 -4.10 -49.96 -26.93
N LEU C 158 -3.04 -49.96 -27.75
CA LEU C 158 -2.12 -48.84 -27.84
C LEU C 158 -2.57 -47.92 -28.98
N SER C 159 -3.02 -46.72 -28.63
CA SER C 159 -3.34 -45.70 -29.61
C SER C 159 -2.20 -44.69 -29.80
N TRP C 160 -1.09 -44.88 -29.06
CA TRP C 160 0.04 -43.96 -29.10
C TRP C 160 -0.43 -42.52 -28.87
N ARG C 161 -0.85 -42.22 -27.64
CA ARG C 161 -1.34 -40.89 -27.29
C ARG C 161 -0.47 -39.79 -27.90
N CYS C 162 -1.12 -38.81 -28.50
CA CYS C 162 -0.47 -37.63 -29.05
C CYS C 162 -1.31 -36.40 -28.75
N GLY C 163 -0.63 -35.33 -28.33
CA GLY C 163 -1.22 -34.03 -28.18
C GLY C 163 -1.36 -33.60 -26.74
N LEU C 164 -0.34 -32.89 -26.26
CA LEU C 164 -0.37 -32.14 -25.02
C LEU C 164 0.71 -31.08 -25.12
N LYS C 165 0.30 -29.84 -25.33
CA LYS C 165 1.29 -28.81 -25.62
C LYS C 165 0.97 -27.55 -24.83
N SER C 166 1.98 -27.03 -24.14
CA SER C 166 2.04 -25.63 -23.70
C SER C 166 0.92 -25.36 -22.69
N THR C 167 0.35 -24.16 -22.66
CA THR C 167 -0.84 -23.84 -21.88
C THR C 167 -1.76 -23.05 -22.80
N HIS C 168 -1.54 -23.23 -24.11
CA HIS C 168 -2.27 -22.61 -25.21
C HIS C 168 -1.92 -21.14 -25.35
N ILE C 169 -1.19 -20.59 -24.38
CA ILE C 169 -0.67 -19.23 -24.42
C ILE C 169 0.71 -19.22 -23.79
N GLU C 170 1.73 -18.97 -24.61
CA GLU C 170 3.14 -19.10 -24.21
C GLU C 170 3.35 -20.50 -23.63
N VAL C 171 4.48 -20.72 -22.98
CA VAL C 171 4.66 -21.88 -22.12
C VAL C 171 5.21 -21.41 -20.78
N ARG C 172 4.64 -21.93 -19.72
CA ARG C 172 5.03 -21.64 -18.35
C ARG C 172 6.40 -22.26 -18.09
N LEU C 173 6.90 -22.08 -16.87
CA LEU C 173 8.16 -22.60 -16.35
C LEU C 173 9.40 -21.87 -16.88
N GLN C 174 9.26 -20.96 -17.85
CA GLN C 174 10.36 -20.09 -18.28
C GLN C 174 9.91 -19.14 -19.40
N ALA C 175 10.75 -18.16 -19.73
CA ALA C 175 10.62 -17.37 -20.95
C ALA C 175 11.92 -17.45 -21.74
N SER C 176 11.95 -16.93 -22.96
CA SER C 176 13.09 -17.13 -23.84
C SER C 176 14.19 -16.13 -23.50
N GLY C 177 15.38 -16.64 -23.24
CA GLY C 177 16.52 -15.79 -22.96
C GLY C 177 17.81 -16.41 -23.48
N GLY C 178 18.87 -15.62 -23.44
CA GLY C 178 20.19 -16.11 -23.82
C GLY C 178 21.13 -16.20 -22.63
N LEU C 179 22.08 -17.12 -22.72
CA LEU C 179 23.05 -17.36 -21.67
C LEU C 179 24.45 -17.28 -22.25
N VAL C 180 25.41 -16.91 -21.39
CA VAL C 180 26.80 -16.73 -21.82
C VAL C 180 27.44 -18.10 -22.06
N SER C 181 28.01 -18.27 -23.25
CA SER C 181 28.69 -19.50 -23.61
C SER C 181 30.02 -19.18 -24.27
N MET C 182 30.81 -18.30 -23.63
CA MET C 182 32.08 -17.81 -24.14
C MET C 182 31.85 -16.91 -25.36
N VAL C 183 31.42 -17.50 -26.48
CA VAL C 183 31.18 -16.76 -27.69
C VAL C 183 29.71 -16.82 -28.07
N ALA C 184 29.21 -18.03 -28.31
CA ALA C 184 27.83 -18.24 -28.75
C ALA C 184 26.83 -17.86 -27.66
N VAL C 185 25.65 -17.40 -28.06
CA VAL C 185 24.59 -17.08 -27.12
C VAL C 185 23.67 -18.28 -26.99
N MET C 186 23.57 -18.85 -25.79
CA MET C 186 22.70 -19.99 -25.59
C MET C 186 21.23 -19.55 -25.60
N PRO C 187 20.34 -20.29 -26.28
CA PRO C 187 18.90 -20.02 -26.14
C PRO C 187 18.35 -20.68 -24.89
N ASN C 188 19.25 -21.05 -23.98
CA ASN C 188 18.94 -21.70 -22.72
C ASN C 188 18.44 -20.70 -21.69
N GLY C 189 18.55 -21.06 -20.41
CA GLY C 189 17.92 -20.31 -19.34
C GLY C 189 17.62 -21.21 -18.15
N THR C 190 17.64 -22.52 -18.38
CA THR C 190 18.02 -23.51 -17.37
C THR C 190 17.25 -23.44 -16.06
N LEU C 191 15.96 -23.77 -16.05
CA LEU C 191 15.33 -23.86 -14.73
C LEU C 191 14.82 -25.26 -14.36
N ILE C 192 13.69 -25.73 -14.90
CA ILE C 192 13.32 -27.14 -14.69
C ILE C 192 13.42 -28.13 -15.85
N PRO C 193 12.74 -27.90 -17.01
CA PRO C 193 12.31 -29.05 -17.84
C PRO C 193 13.01 -29.45 -19.16
N ILE C 194 13.92 -28.66 -19.75
CA ILE C 194 14.28 -28.88 -21.15
C ILE C 194 15.80 -28.77 -21.35
N GLU C 195 16.27 -28.75 -22.61
CA GLU C 195 17.66 -28.41 -22.88
C GLU C 195 18.04 -27.12 -22.16
N GLY C 196 19.25 -27.08 -21.62
CA GLY C 196 19.47 -26.17 -20.52
C GLY C 196 18.40 -26.63 -19.56
N THR C 197 17.37 -25.81 -19.37
CA THR C 197 15.97 -26.16 -19.16
C THR C 197 15.10 -24.93 -19.41
N ARG C 198 14.41 -24.86 -20.56
CA ARG C 198 13.82 -23.60 -21.00
C ARG C 198 12.58 -23.80 -21.88
N PRO C 199 11.36 -23.71 -21.33
CA PRO C 199 10.16 -23.78 -22.17
C PRO C 199 9.62 -22.44 -22.64
N THR C 200 9.12 -22.41 -23.89
CA THR C 200 8.65 -21.21 -24.58
C THR C 200 7.60 -21.54 -25.64
N TYR C 201 7.30 -20.57 -26.52
CA TYR C 201 5.93 -20.24 -26.92
C TYR C 201 4.93 -21.38 -27.09
N TRP C 202 5.06 -22.27 -28.07
CA TRP C 202 4.13 -23.41 -28.07
C TRP C 202 4.67 -24.58 -28.88
N THR C 203 5.32 -25.54 -28.20
CA THR C 203 5.24 -26.94 -28.61
C THR C 203 5.10 -27.90 -27.44
N GLU C 204 5.77 -27.61 -26.34
CA GLU C 204 6.32 -28.65 -25.48
C GLU C 204 6.03 -28.43 -24.01
N ASP C 205 6.06 -29.55 -23.27
CA ASP C 205 5.99 -29.54 -21.82
C ASP C 205 7.14 -30.33 -21.21
N SER C 206 7.52 -31.44 -21.83
CA SER C 206 8.45 -32.43 -21.29
C SER C 206 9.61 -32.67 -22.26
N PHE C 207 10.39 -33.73 -22.01
CA PHE C 207 11.57 -34.08 -22.80
C PHE C 207 11.16 -34.97 -23.96
N ALA C 208 11.56 -34.57 -25.19
CA ALA C 208 11.74 -35.47 -26.34
C ALA C 208 11.92 -34.75 -27.67
N TYR C 209 10.86 -34.71 -28.50
CA TYR C 209 11.00 -34.35 -29.91
C TYR C 209 10.11 -33.20 -30.39
N LEU C 210 8.87 -33.08 -29.89
CA LEU C 210 7.96 -32.08 -30.43
C LEU C 210 8.36 -30.68 -29.96
N TYR C 211 9.22 -30.02 -30.74
CA TYR C 211 9.65 -28.65 -30.50
C TYR C 211 10.37 -28.19 -31.75
N ASP C 212 9.87 -27.17 -32.42
CA ASP C 212 10.21 -26.95 -33.81
C ASP C 212 10.30 -25.45 -34.07
N PRO C 213 11.06 -25.04 -35.09
CA PRO C 213 11.20 -23.60 -35.37
C PRO C 213 9.88 -22.96 -35.72
N ALA C 214 9.61 -21.83 -35.07
CA ALA C 214 8.42 -21.02 -35.35
C ALA C 214 8.74 -19.54 -35.47
N GLY C 215 9.99 -19.17 -35.69
CA GLY C 215 10.37 -17.77 -35.75
C GLY C 215 11.60 -17.44 -34.93
N THR C 216 12.33 -18.46 -34.49
CA THR C 216 13.48 -18.31 -33.61
C THR C 216 14.69 -17.88 -34.43
N GLU C 217 15.16 -16.65 -34.18
CA GLU C 217 16.38 -16.14 -34.81
C GLU C 217 17.06 -15.19 -33.84
N LYS C 218 18.20 -14.65 -34.27
CA LYS C 218 18.97 -13.69 -33.49
C LYS C 218 19.12 -12.42 -34.32
N LYS C 219 18.64 -11.30 -33.78
CA LYS C 219 18.54 -10.07 -34.57
C LYS C 219 19.91 -9.49 -34.88
N THR C 220 20.79 -9.43 -33.87
CA THR C 220 22.16 -8.94 -34.02
C THR C 220 22.16 -7.50 -34.54
N GLU C 221 21.67 -6.57 -33.73
CA GLU C 221 21.66 -5.15 -34.10
C GLU C 221 22.99 -4.48 -33.79
N SER C 222 23.00 -3.14 -33.86
CA SER C 222 24.21 -2.37 -33.58
C SER C 222 23.85 -1.01 -32.97
N THR C 223 23.97 -0.90 -31.64
CA THR C 223 23.58 0.31 -30.93
C THR C 223 24.83 0.89 -30.25
N PHE C 224 24.68 2.05 -29.59
CA PHE C 224 25.82 2.72 -28.96
C PHE C 224 25.78 2.76 -27.44
N LEU C 225 24.60 2.64 -26.81
CA LEU C 225 24.53 2.42 -25.37
C LEU C 225 25.19 3.52 -24.54
N TRP C 226 24.58 4.70 -24.47
CA TRP C 226 25.05 5.77 -23.60
C TRP C 226 25.55 5.24 -22.26
N CYS C 227 26.70 5.77 -21.83
CA CYS C 227 27.43 5.20 -20.71
C CYS C 227 28.19 6.29 -19.97
N PHE C 228 28.95 5.86 -18.97
CA PHE C 228 29.79 6.70 -18.14
C PHE C 228 31.04 5.92 -17.78
N LYS C 229 32.07 6.63 -17.34
CA LYS C 229 33.33 5.99 -16.97
C LYS C 229 33.63 6.18 -15.49
N GLU C 230 34.56 5.37 -15.00
CA GLU C 230 35.02 5.42 -13.63
C GLU C 230 36.51 5.14 -13.61
N HIS C 231 37.28 6.00 -12.95
CA HIS C 231 38.72 5.80 -12.81
C HIS C 231 39.01 4.79 -11.72
N ILE C 232 40.10 4.05 -11.89
CA ILE C 232 40.54 3.07 -10.89
C ILE C 232 41.80 3.55 -10.22
N ARG C 233 41.67 4.15 -9.04
CA ARG C 233 42.82 4.66 -8.32
C ARG C 233 43.15 3.76 -7.13
N PRO C 234 44.37 3.25 -7.06
CA PRO C 234 44.75 2.39 -5.94
C PRO C 234 44.71 3.14 -4.62
N THR C 235 44.37 2.41 -3.57
CA THR C 235 44.19 2.98 -2.23
C THR C 235 45.02 2.20 -1.21
N THR C 236 45.47 2.92 -0.19
CA THR C 236 46.21 2.38 0.93
C THR C 236 45.26 2.29 2.14
N GLU C 237 45.66 1.55 3.17
CA GLU C 237 44.82 1.37 4.35
C GLU C 237 45.60 1.71 5.62
N LEU C 238 46.40 2.78 5.56
CA LEU C 238 47.18 3.18 6.71
C LEU C 238 46.27 3.60 7.87
N SER C 239 46.66 3.21 9.09
CA SER C 239 45.89 3.46 10.31
C SER C 239 44.49 2.87 10.09
N GLY C 240 43.42 3.61 10.31
CA GLY C 240 42.09 3.12 10.02
C GLY C 240 41.41 3.92 8.93
N ALA C 241 42.20 4.47 8.02
CA ALA C 241 41.67 5.35 6.97
C ALA C 241 42.02 4.75 5.61
N VAL C 242 41.50 5.39 4.57
CA VAL C 242 41.73 4.96 3.19
C VAL C 242 42.34 6.10 2.39
N TYR C 243 43.66 6.13 2.29
CA TYR C 243 44.34 7.13 1.48
C TYR C 243 44.37 6.70 0.02
N ASP C 244 45.03 7.51 -0.80
CA ASP C 244 45.32 7.18 -2.19
C ASP C 244 46.80 6.90 -2.33
N THR C 245 47.15 5.88 -3.11
CA THR C 245 48.53 5.40 -3.22
C THR C 245 49.25 6.18 -4.32
N HIS C 246 48.65 7.30 -4.69
CA HIS C 246 49.24 8.17 -5.70
C HIS C 246 49.38 9.58 -5.14
N TYR C 247 48.70 9.87 -4.04
CA TYR C 247 48.74 11.18 -3.42
C TYR C 247 49.64 11.23 -2.20
N LEU C 248 49.88 10.10 -1.54
CA LEU C 248 50.82 10.06 -0.44
C LEU C 248 52.25 10.26 -0.92
N GLY C 249 52.63 9.57 -1.99
CA GLY C 249 53.97 9.67 -2.53
C GLY C 249 54.15 10.83 -3.50
N GLY C 250 53.05 11.39 -3.97
CA GLY C 250 53.08 12.50 -4.90
C GLY C 250 53.36 12.13 -6.34
N THR C 251 53.33 10.85 -6.69
CA THR C 251 53.60 10.39 -8.04
C THR C 251 52.30 10.19 -8.79
N TYR C 252 52.38 10.32 -10.11
CA TYR C 252 51.23 10.13 -10.99
C TYR C 252 51.23 8.71 -11.55
N ASP C 253 50.16 8.39 -12.27
CA ASP C 253 49.91 7.05 -12.78
C ASP C 253 50.17 7.01 -14.28
N LYS C 254 50.94 6.02 -14.72
CA LYS C 254 51.17 5.80 -16.13
C LYS C 254 50.36 4.61 -16.61
N ASN C 255 49.80 4.74 -17.83
CA ASN C 255 48.91 3.75 -18.42
C ASN C 255 47.75 3.42 -17.48
N PRO C 256 46.82 4.36 -17.29
CA PRO C 256 45.68 4.09 -16.39
C PRO C 256 44.65 3.19 -17.07
N GLN C 257 43.73 2.69 -16.25
CA GLN C 257 42.66 1.83 -16.73
C GLN C 257 41.33 2.33 -16.17
N PHE C 258 40.30 2.31 -17.01
CA PHE C 258 38.98 2.80 -16.65
C PHE C 258 37.96 1.67 -16.71
N ASN C 259 36.82 1.90 -16.06
CA ASN C 259 35.71 0.95 -16.05
C ASN C 259 34.45 1.65 -16.52
N TYR C 260 33.76 1.07 -17.49
CA TYR C 260 32.62 1.71 -18.14
C TYR C 260 31.31 1.10 -17.67
N TYR C 261 30.36 1.96 -17.30
CA TYR C 261 29.01 1.55 -16.93
C TYR C 261 28.04 2.09 -17.97
N CYS C 262 27.30 1.21 -18.62
CA CYS C 262 26.37 1.59 -19.68
C CYS C 262 24.94 1.45 -19.18
N ARG C 263 24.04 2.18 -19.83
CA ARG C 263 22.61 2.08 -19.50
C ARG C 263 21.82 1.75 -20.75
N ASP C 264 20.96 0.74 -20.64
CA ASP C 264 20.04 0.35 -21.70
C ASP C 264 18.62 0.30 -21.14
N ASN C 265 17.68 -0.25 -21.92
CA ASN C 265 16.29 -0.31 -21.49
C ASN C 265 16.12 -0.85 -20.07
N GLY C 266 15.65 0.01 -19.17
CA GLY C 266 15.50 -0.30 -17.76
C GLY C 266 16.67 -0.98 -17.09
N TYR C 267 17.86 -0.89 -17.69
CA TYR C 267 19.02 -1.66 -17.24
C TYR C 267 20.21 -0.74 -17.08
N TYR C 268 21.03 -1.03 -16.06
CA TYR C 268 22.24 -0.27 -15.77
C TYR C 268 23.34 -1.27 -15.45
N PHE C 269 24.18 -1.59 -16.45
CA PHE C 269 25.15 -2.66 -16.28
C PHE C 269 26.56 -2.14 -16.51
N GLU C 270 27.55 -3.04 -16.39
CA GLU C 270 28.98 -2.71 -16.48
C GLU C 270 29.58 -3.44 -17.69
N LEU C 271 29.91 -2.68 -18.73
CA LEU C 271 30.50 -3.25 -19.93
C LEU C 271 31.98 -3.51 -19.74
N PRO C 272 32.43 -4.75 -19.92
CA PRO C 272 33.86 -5.06 -19.82
C PRO C 272 34.58 -4.94 -21.15
N ALA C 273 35.86 -5.28 -21.13
CA ALA C 273 36.69 -5.22 -22.33
C ALA C 273 36.13 -6.08 -23.45
N ASN C 274 36.16 -7.40 -23.27
CA ASN C 274 35.67 -8.35 -24.27
C ASN C 274 35.00 -9.53 -23.57
N ARG C 275 33.69 -9.43 -23.35
CA ARG C 275 32.94 -10.51 -22.73
C ARG C 275 31.53 -10.53 -23.32
N LEU C 276 30.63 -11.31 -22.69
CA LEU C 276 29.20 -11.36 -23.01
C LEU C 276 28.46 -11.15 -21.68
N VAL C 277 28.21 -9.89 -21.34
CA VAL C 277 27.55 -9.58 -20.08
C VAL C 277 26.04 -9.60 -20.24
N CYS C 278 25.47 -10.80 -20.14
CA CYS C 278 24.03 -10.92 -20.39
C CYS C 278 23.19 -11.40 -19.21
N LEU C 279 22.91 -10.41 -18.39
CA LEU C 279 21.58 -10.18 -17.86
C LEU C 279 20.55 -10.33 -18.98
N PRO C 280 19.29 -10.68 -18.65
CA PRO C 280 18.31 -11.12 -19.67
C PRO C 280 18.25 -10.38 -21.01
N THR C 281 18.50 -11.16 -22.07
CA THR C 281 17.93 -10.98 -23.40
C THR C 281 18.39 -9.78 -24.24
N SER C 282 19.59 -9.26 -24.01
CA SER C 282 20.20 -8.39 -25.01
C SER C 282 21.63 -8.84 -25.29
N CYS C 283 22.30 -9.23 -24.22
CA CYS C 283 23.52 -10.03 -24.17
C CYS C 283 24.57 -9.52 -25.16
N TYR C 284 25.05 -8.32 -24.85
CA TYR C 284 25.62 -7.34 -25.77
C TYR C 284 26.93 -7.72 -26.46
N LYS C 285 28.02 -7.80 -25.68
CA LYS C 285 29.39 -7.86 -26.17
C LYS C 285 29.82 -6.52 -26.77
N ARG C 286 31.08 -6.14 -26.54
CA ARG C 286 31.60 -4.84 -26.93
C ARG C 286 32.51 -4.94 -28.16
N GLU C 287 32.43 -3.92 -29.02
CA GLU C 287 33.40 -3.72 -30.09
C GLU C 287 34.43 -2.66 -29.75
N GLY C 288 34.01 -1.46 -29.36
CA GLY C 288 34.93 -0.44 -28.89
C GLY C 288 35.22 0.66 -29.89
N ALA C 289 34.55 1.80 -29.74
CA ALA C 289 34.84 2.98 -30.55
C ALA C 289 35.08 4.20 -29.67
N ILE C 290 34.31 4.32 -28.59
CA ILE C 290 34.41 5.39 -27.61
C ILE C 290 34.29 6.75 -28.28
N VAL C 291 33.07 7.31 -28.28
CA VAL C 291 32.78 8.58 -28.93
C VAL C 291 32.41 9.58 -27.83
N ASN C 292 33.35 10.42 -27.44
CA ASN C 292 33.09 11.44 -26.43
C ASN C 292 32.63 12.74 -27.05
N THR C 293 31.83 13.49 -26.30
CA THR C 293 31.30 14.78 -26.76
C THR C 293 31.53 15.90 -25.74
N MET C 294 32.56 15.80 -24.90
CA MET C 294 32.81 16.88 -23.95
C MET C 294 33.62 18.00 -24.59
N HIS C 295 34.86 17.71 -24.96
CA HIS C 295 35.74 18.68 -25.61
C HIS C 295 37.01 17.93 -26.02
N PRO C 296 37.61 18.33 -27.15
CA PRO C 296 38.81 17.56 -27.46
C PRO C 296 39.91 17.73 -26.44
N ASP C 297 39.82 18.72 -25.56
CA ASP C 297 40.85 18.97 -24.56
C ASP C 297 40.47 18.56 -23.16
N THR C 298 39.29 17.98 -23.00
CA THR C 298 38.96 17.46 -21.70
C THR C 298 39.02 15.97 -21.93
N TRP C 299 38.99 15.52 -23.17
CA TRP C 299 39.21 14.09 -23.39
C TRP C 299 40.70 13.78 -23.44
N LYS C 300 41.54 14.80 -23.27
CA LYS C 300 42.99 14.61 -23.26
C LYS C 300 43.50 14.70 -21.82
N VAL C 301 42.74 15.38 -20.97
CA VAL C 301 43.08 15.46 -19.56
C VAL C 301 42.62 14.23 -18.79
N SER C 302 41.47 13.66 -19.13
CA SER C 302 40.89 12.54 -18.40
C SER C 302 41.22 11.19 -19.04
N GLU C 303 42.37 11.09 -19.69
CA GLU C 303 42.85 9.82 -20.22
C GLU C 303 44.24 9.55 -19.66
N LYS C 304 45.01 10.61 -19.49
CA LYS C 304 46.30 10.60 -18.79
C LYS C 304 46.16 11.67 -17.72
N LEU C 305 45.64 11.27 -16.55
CA LEU C 305 45.08 12.23 -15.61
C LEU C 305 46.09 13.25 -15.09
N HIS C 306 47.05 12.81 -14.27
CA HIS C 306 48.06 13.72 -13.75
C HIS C 306 49.35 13.70 -14.53
N SER C 307 49.29 13.86 -15.85
CA SER C 307 50.50 13.88 -16.68
C SER C 307 50.89 15.32 -17.00
N ALA C 308 51.89 15.50 -17.85
CA ALA C 308 52.28 16.80 -18.34
C ALA C 308 51.39 17.29 -19.48
N SER C 309 51.12 16.43 -20.46
CA SER C 309 50.20 16.70 -21.55
C SER C 309 50.49 18.01 -22.28
N GLN C 310 49.51 18.52 -23.02
CA GLN C 310 49.62 19.79 -23.71
C GLN C 310 48.34 20.61 -23.59
N PHE C 311 47.52 20.34 -22.58
CA PHE C 311 46.23 21.01 -22.46
C PHE C 311 46.40 22.51 -22.27
N ASP C 312 45.51 23.28 -22.88
CA ASP C 312 45.46 24.72 -22.70
C ASP C 312 44.37 25.05 -21.69
N VAL C 313 44.76 25.77 -20.65
CA VAL C 313 43.90 26.04 -19.50
C VAL C 313 42.65 26.80 -19.92
N ASN C 314 42.82 27.79 -20.79
CA ASN C 314 41.75 28.72 -21.16
C ASN C 314 40.50 27.99 -21.64
N ASN C 315 40.68 26.86 -22.32
CA ASN C 315 39.54 26.05 -22.74
C ASN C 315 39.06 25.10 -21.64
N VAL C 316 39.99 24.48 -20.92
CA VAL C 316 39.60 23.49 -19.92
C VAL C 316 38.78 24.12 -18.80
N VAL C 317 39.16 25.31 -18.34
CA VAL C 317 38.38 26.00 -17.32
C VAL C 317 37.06 26.53 -17.87
N HIS C 318 36.89 26.56 -19.19
CA HIS C 318 35.59 26.90 -19.76
C HIS C 318 34.65 25.70 -19.76
N SER C 319 35.07 24.60 -20.39
CA SER C 319 34.23 23.41 -20.50
C SER C 319 33.72 22.98 -19.12
N LEU C 320 34.62 22.92 -18.13
CA LEU C 320 34.21 22.53 -16.79
C LEU C 320 33.02 23.34 -16.31
N VAL C 321 33.08 24.67 -16.46
CA VAL C 321 31.95 25.52 -16.10
C VAL C 321 30.67 24.98 -16.73
N TYR C 322 30.67 24.85 -18.05
CA TYR C 322 29.57 24.22 -18.77
C TYR C 322 29.12 22.95 -18.06
N GLU C 323 30.04 22.00 -17.88
CA GLU C 323 29.66 20.72 -17.28
C GLU C 323 28.99 20.94 -15.93
N THR C 324 29.57 21.80 -15.09
CA THR C 324 29.00 22.01 -13.76
C THR C 324 27.54 22.43 -13.87
N GLU C 325 27.24 23.39 -14.75
CA GLU C 325 25.87 23.84 -14.92
C GLU C 325 24.96 22.64 -15.19
N GLY C 326 25.35 21.80 -16.15
CA GLY C 326 24.54 20.64 -16.47
C GLY C 326 24.27 19.81 -15.23
N LEU C 327 25.31 19.48 -14.48
CA LEU C 327 25.12 18.67 -13.29
C LEU C 327 24.13 19.33 -12.35
N ARG C 328 24.28 20.64 -12.12
CA ARG C 328 23.35 21.35 -11.27
C ARG C 328 21.93 21.13 -11.75
N LEU C 329 21.68 21.38 -13.04
CA LEU C 329 20.34 21.22 -13.58
C LEU C 329 19.83 19.81 -13.33
N ALA C 330 20.69 18.81 -13.55
CA ALA C 330 20.28 17.43 -13.32
C ALA C 330 19.75 17.26 -11.91
N LEU C 331 20.53 17.69 -10.91
CA LEU C 331 20.09 17.57 -9.53
C LEU C 331 18.70 18.17 -9.36
N SER C 332 18.49 19.35 -9.94
CA SER C 332 17.21 20.04 -9.78
C SER C 332 16.08 19.12 -10.17
N GLN C 333 16.16 18.54 -11.38
CA GLN C 333 15.08 17.68 -11.84
C GLN C 333 14.84 16.55 -10.85
N LEU C 334 15.93 15.87 -10.45
CA LEU C 334 15.79 14.77 -9.52
C LEU C 334 15.04 15.23 -8.27
N ASP C 335 15.45 16.36 -7.71
CA ASP C 335 14.81 16.87 -6.51
C ASP C 335 13.31 16.97 -6.71
N HIS C 336 12.90 17.62 -7.79
CA HIS C 336 11.47 17.77 -8.04
C HIS C 336 10.79 16.41 -8.10
N ARG C 337 11.37 15.48 -8.87
CA ARG C 337 10.79 14.15 -8.97
C ARG C 337 10.71 13.50 -7.60
N PHE C 338 11.80 13.61 -6.82
CA PHE C 338 11.80 13.00 -5.50
C PHE C 338 10.67 13.58 -4.66
N ALA C 339 10.42 14.88 -4.77
CA ALA C 339 9.31 15.47 -4.04
C ALA C 339 7.99 14.82 -4.41
N THR C 340 7.76 14.64 -5.71
CA THR C 340 6.50 14.05 -6.13
C THR C 340 6.41 12.59 -5.73
N LEU C 341 7.52 11.99 -5.29
CA LEU C 341 7.47 10.65 -4.76
C LEU C 341 7.39 10.63 -3.24
N SER C 342 7.84 11.70 -2.58
CA SER C 342 7.78 11.75 -1.12
C SER C 342 6.42 12.21 -0.61
N ARG C 343 5.56 12.74 -1.48
CA ARG C 343 4.23 13.15 -1.06
C ARG C 343 3.22 12.02 -1.23
N LEU C 344 3.16 11.44 -2.43
CA LEU C 344 2.23 10.36 -2.71
C LEU C 344 2.43 9.16 -1.79
N PHE C 345 3.65 8.90 -1.35
CA PHE C 345 3.88 7.87 -0.35
C PHE C 345 3.30 8.24 1.00
N ASN C 346 3.48 9.50 1.42
CA ASN C 346 2.93 9.94 2.70
C ASN C 346 1.41 9.88 2.71
N ARG C 347 0.77 10.11 1.57
CA ARG C 347 -0.67 9.96 1.45
C ARG C 347 -1.09 8.51 1.30
N LEU C 348 -0.16 7.62 1.02
CA LEU C 348 -0.45 6.21 0.87
C LEU C 348 -0.39 5.44 2.18
N THR C 349 0.22 6.02 3.22
CA THR C 349 0.27 5.41 4.54
C THR C 349 -0.74 6.06 5.47
N GLN C 350 -1.57 6.95 4.93
CA GLN C 350 -2.66 7.52 5.71
C GLN C 350 -4.01 6.98 5.29
N SER C 351 -4.10 6.24 4.18
CA SER C 351 -5.35 5.61 3.76
C SER C 351 -5.26 4.11 3.72
N LEU C 352 -4.07 3.52 3.88
CA LEU C 352 -3.92 2.07 3.98
C LEU C 352 -3.59 1.64 5.40
N ALA C 353 -3.32 2.59 6.29
CA ALA C 353 -3.12 2.30 7.70
C ALA C 353 -4.42 2.12 8.45
N LYS C 354 -5.56 2.43 7.83
CA LYS C 354 -6.86 2.18 8.41
C LYS C 354 -7.37 0.77 8.15
N ILE C 355 -6.90 0.14 7.07
CA ILE C 355 -7.25 -1.26 6.79
C ILE C 355 -6.31 -2.21 7.52
N ASP C 356 -5.02 -2.13 7.25
CA ASP C 356 -4.02 -2.99 7.88
C ASP C 356 -3.72 -2.45 9.27
N ASP C 357 -3.93 -3.27 10.28
CA ASP C 357 -3.69 -2.84 11.66
C ASP C 357 -2.21 -2.58 11.92
N ARG C 358 -1.37 -3.55 11.56
CA ARG C 358 0.07 -3.45 11.84
C ARG C 358 0.83 -2.90 10.64
N LEU C 359 0.41 -1.73 10.18
CA LEU C 359 1.12 -0.98 9.15
C LEU C 359 2.03 0.10 9.72
N LEU C 360 1.56 0.81 10.75
CA LEU C 360 2.40 1.76 11.47
C LEU C 360 3.20 1.07 12.58
N GLY C 361 3.04 -0.24 12.73
CA GLY C 361 3.85 -1.01 13.63
C GLY C 361 4.86 -1.84 12.87
N THR C 362 5.14 -1.43 11.64
CA THR C 362 6.20 -2.04 10.84
C THR C 362 7.13 -0.96 10.32
N LEU C 363 6.56 0.20 9.96
CA LEU C 363 7.37 1.31 9.49
C LEU C 363 8.17 1.96 10.61
N LEU C 364 7.75 1.79 11.87
CA LEU C 364 8.42 2.40 13.00
C LEU C 364 9.38 1.44 13.70
N GLY C 365 9.60 0.25 13.15
CA GLY C 365 10.52 -0.69 13.75
C GLY C 365 9.89 -1.55 14.83
N GLN C 366 9.37 -0.92 15.87
CA GLN C 366 8.71 -1.64 16.95
C GLN C 366 7.42 -2.28 16.47
N ASP C 367 6.82 -3.08 17.34
CA ASP C 367 5.57 -3.75 17.00
C ASP C 367 4.42 -3.21 17.83
N VAL C 368 3.54 -2.44 17.18
CA VAL C 368 2.34 -1.89 17.82
C VAL C 368 1.18 -2.01 16.84
N SER C 369 -0.04 -1.82 17.33
CA SER C 369 -1.23 -1.87 16.49
C SER C 369 -1.91 -0.51 16.53
N SER C 370 -2.32 -0.03 15.36
CA SER C 370 -2.92 1.30 15.26
C SER C 370 -4.44 1.20 15.36
N LYS C 371 -5.07 2.36 15.62
CA LYS C 371 -6.52 2.46 15.64
C LYS C 371 -6.94 3.90 15.34
N PHE C 372 -7.51 4.12 14.17
CA PHE C 372 -7.88 5.47 13.75
C PHE C 372 -9.23 5.84 14.35
N ILE C 373 -9.22 6.77 15.31
CA ILE C 373 -10.48 7.26 15.89
C ILE C 373 -10.99 8.48 15.13
N SER C 374 -10.09 9.21 14.48
CA SER C 374 -10.41 10.40 13.71
C SER C 374 -9.75 10.26 12.34
N PRO C 375 -10.26 10.93 11.29
CA PRO C 375 -9.64 10.78 9.97
C PRO C 375 -8.25 11.38 9.85
N THR C 376 -7.74 11.95 10.94
CA THR C 376 -6.37 12.45 10.97
C THR C 376 -5.64 11.91 12.19
N LYS C 377 -6.38 11.46 13.20
CA LYS C 377 -5.82 11.00 14.45
C LYS C 377 -5.92 9.48 14.56
N PHE C 378 -4.79 8.86 14.87
CA PHE C 378 -4.73 7.42 15.12
C PHE C 378 -4.18 7.20 16.52
N MET C 379 -4.37 5.98 17.03
CA MET C 379 -4.02 5.66 18.40
C MET C 379 -3.28 4.33 18.40
N LEU C 380 -2.17 4.27 19.14
CA LEU C 380 -1.28 3.11 19.12
C LEU C 380 -1.54 2.23 20.33
N SER C 381 -1.87 0.95 20.07
CA SER C 381 -1.92 -0.15 21.02
C SER C 381 -0.78 -1.13 20.74
N PRO C 382 -0.06 -1.56 21.77
CA PRO C 382 1.17 -2.32 21.54
C PRO C 382 0.96 -3.84 21.42
N CYS C 383 0.41 -4.29 20.31
CA CYS C 383 0.51 -5.70 19.97
C CYS C 383 1.96 -6.05 19.66
N LEU C 384 2.62 -6.69 20.63
CA LEU C 384 4.07 -6.89 20.58
C LEU C 384 4.46 -8.10 19.73
N SER C 385 5.71 -8.53 19.86
CA SER C 385 6.30 -9.52 18.95
C SER C 385 6.20 -10.91 19.54
N THR C 386 6.53 -11.95 18.68
CA THR C 386 6.64 -13.39 18.83
C THR C 386 7.96 -13.89 18.26
N PRO C 387 8.48 -15.02 18.74
CA PRO C 387 9.69 -15.60 18.13
C PRO C 387 9.40 -16.30 16.83
N GLU C 388 10.42 -16.92 16.23
CA GLU C 388 10.27 -17.62 14.96
C GLU C 388 11.14 -18.88 15.03
N GLY C 389 11.29 -19.56 13.90
CA GLY C 389 11.99 -20.84 13.86
C GLY C 389 11.12 -22.03 14.20
N ASP C 390 9.81 -21.85 14.30
CA ASP C 390 8.91 -22.93 14.67
C ASP C 390 8.53 -23.79 13.47
N SER C 391 7.56 -24.69 13.66
CA SER C 391 7.11 -25.59 12.60
C SER C 391 5.61 -25.47 12.42
N ASN C 392 5.04 -24.38 12.95
CA ASN C 392 3.62 -24.03 12.75
C ASN C 392 2.70 -25.00 13.49
N CYS C 393 3.29 -25.89 14.28
CA CYS C 393 2.52 -26.77 15.17
C CYS C 393 3.22 -26.99 16.50
N HIS C 394 2.68 -26.32 17.53
CA HIS C 394 3.25 -26.25 18.87
C HIS C 394 2.04 -26.03 19.78
N ASN C 395 2.21 -25.44 20.97
CA ASN C 395 1.11 -25.43 21.93
C ASN C 395 -0.11 -24.58 21.53
N HIS C 396 0.02 -23.25 21.36
CA HIS C 396 -1.17 -22.45 21.03
C HIS C 396 -0.87 -21.23 20.14
N SER C 397 -0.76 -21.40 18.80
CA SER C 397 -0.99 -20.35 17.79
C SER C 397 -0.70 -20.86 16.37
N ILE C 398 -1.52 -20.48 15.38
CA ILE C 398 -1.04 -20.59 13.99
C ILE C 398 -1.44 -19.38 13.14
N TYR C 399 -1.04 -19.39 11.87
CA TYR C 399 -0.99 -18.18 11.05
C TYR C 399 -2.12 -18.03 10.07
N ARG C 400 -2.25 -18.95 9.11
CA ARG C 400 -3.02 -18.70 7.90
C ARG C 400 -2.69 -17.34 7.28
N ASP C 401 -3.57 -16.37 7.42
CA ASP C 401 -3.42 -15.14 6.65
C ASP C 401 -2.36 -14.20 7.21
N GLY C 402 -2.60 -13.62 8.39
CA GLY C 402 -1.60 -12.72 8.95
C GLY C 402 -1.17 -12.89 10.40
N ARG C 403 -2.08 -13.35 11.25
CA ARG C 403 -1.87 -13.42 12.70
C ARG C 403 -2.66 -14.58 13.32
N TRP C 404 -2.98 -14.44 14.61
CA TRP C 404 -2.96 -15.61 15.45
C TRP C 404 -4.25 -15.69 16.30
N VAL C 405 -5.42 -16.04 15.74
CA VAL C 405 -6.60 -16.21 16.61
C VAL C 405 -7.50 -17.38 16.16
N HIS C 406 -8.43 -17.72 17.04
CA HIS C 406 -9.05 -19.04 17.18
C HIS C 406 -9.50 -19.75 15.89
N ASN C 407 -9.33 -21.08 15.89
CA ASN C 407 -9.94 -22.06 14.98
C ASN C 407 -10.30 -23.32 15.77
N SER C 408 -10.51 -24.43 15.04
CA SER C 408 -11.00 -25.69 15.60
C SER C 408 -10.16 -26.92 15.22
N ASP C 409 -8.84 -26.75 15.06
CA ASP C 409 -7.88 -27.86 15.04
C ASP C 409 -8.01 -28.92 13.94
N PRO C 410 -7.71 -28.56 12.67
CA PRO C 410 -7.54 -29.61 11.64
C PRO C 410 -6.17 -30.30 11.59
N THR C 411 -5.18 -29.85 12.38
CA THR C 411 -3.81 -30.38 12.37
C THR C 411 -3.13 -30.32 10.99
N GLN C 412 -2.80 -29.11 10.53
CA GLN C 412 -2.30 -28.86 9.18
C GLN C 412 -0.85 -28.38 9.11
N CYS C 413 0.06 -29.03 9.84
CA CYS C 413 1.47 -28.61 9.87
C CYS C 413 2.08 -28.43 8.49
N PHE C 414 3.05 -27.51 8.39
CA PHE C 414 3.77 -27.23 7.16
C PHE C 414 5.27 -27.55 7.23
N SER C 415 5.83 -27.61 8.43
CA SER C 415 7.23 -27.98 8.70
C SER C 415 8.23 -26.89 8.32
N LEU C 416 7.78 -25.85 7.61
CA LEU C 416 8.53 -24.60 7.46
C LEU C 416 10.00 -24.76 7.11
N SER C 417 10.31 -25.24 5.90
CA SER C 417 11.71 -25.44 5.51
C SER C 417 12.42 -24.11 5.27
N LYS C 418 13.68 -24.16 4.82
CA LYS C 418 14.53 -22.99 4.67
C LYS C 418 14.19 -22.29 3.36
N SER C 419 14.36 -20.97 3.33
CA SER C 419 13.88 -20.13 2.25
C SER C 419 15.03 -19.52 1.46
N GLN C 420 14.67 -18.87 0.34
CA GLN C 420 15.63 -18.19 -0.50
C GLN C 420 15.40 -16.68 -0.47
N PRO C 421 16.42 -15.89 -0.79
CA PRO C 421 16.21 -14.43 -0.92
C PRO C 421 15.68 -14.06 -2.29
N VAL C 422 14.94 -12.96 -2.39
CA VAL C 422 14.32 -12.53 -3.64
C VAL C 422 14.80 -11.14 -4.06
N ASP C 423 15.18 -10.30 -3.09
CA ASP C 423 15.73 -8.98 -3.39
C ASP C 423 14.79 -8.15 -4.24
N LEU C 424 13.68 -7.70 -3.64
CA LEU C 424 12.55 -7.10 -4.35
C LEU C 424 12.98 -6.11 -5.44
N TYR C 425 14.09 -5.39 -5.25
CA TYR C 425 14.48 -4.38 -6.23
C TYR C 425 15.02 -5.01 -7.50
N SER C 426 16.11 -5.77 -7.40
CA SER C 426 16.66 -6.48 -8.54
C SER C 426 16.10 -7.89 -8.58
N PHE C 427 15.28 -8.17 -9.59
CA PHE C 427 14.51 -9.41 -9.65
C PHE C 427 14.91 -10.24 -10.86
N LYS C 428 15.23 -11.52 -10.63
CA LYS C 428 15.35 -12.53 -11.67
C LYS C 428 14.68 -13.80 -11.10
N GLU C 429 13.37 -13.90 -11.31
CA GLU C 429 12.61 -15.01 -10.75
C GLU C 429 11.26 -15.09 -11.44
N LEU C 430 10.91 -16.31 -11.86
CA LEU C 430 9.72 -16.60 -12.65
C LEU C 430 9.26 -18.03 -12.40
N TRP C 431 8.53 -18.60 -13.37
CA TRP C 431 8.50 -20.04 -13.69
C TRP C 431 7.62 -20.93 -12.80
N LEU C 432 7.00 -21.94 -13.47
CA LEU C 432 6.40 -23.19 -12.98
C LEU C 432 4.89 -23.12 -12.79
N PRO C 433 4.16 -24.21 -13.11
CA PRO C 433 2.73 -24.29 -12.79
C PRO C 433 2.48 -24.99 -11.46
N GLN C 434 1.23 -24.91 -10.99
CA GLN C 434 0.84 -25.54 -9.73
C GLN C 434 -0.23 -26.59 -9.99
N LEU C 435 -1.35 -26.12 -10.54
CA LEU C 435 -2.58 -26.76 -10.94
C LEU C 435 -3.21 -25.89 -12.03
N LEU C 436 -4.53 -25.90 -12.11
CA LEU C 436 -5.39 -24.72 -12.29
C LEU C 436 -6.19 -24.70 -13.58
N ASP C 437 -7.10 -23.73 -13.67
CA ASP C 437 -7.95 -23.49 -14.83
C ASP C 437 -7.84 -22.02 -15.24
N VAL C 438 -8.66 -21.59 -16.20
CA VAL C 438 -8.50 -20.26 -16.77
C VAL C 438 -9.58 -19.31 -16.25
N ASN C 439 -9.36 -18.01 -16.43
CA ASN C 439 -10.37 -16.99 -16.15
C ASN C 439 -10.67 -16.26 -17.44
N VAL C 440 -11.72 -16.69 -18.14
CA VAL C 440 -11.72 -16.42 -19.57
C VAL C 440 -12.60 -15.25 -20.02
N GLU C 441 -13.93 -15.36 -19.93
CA GLU C 441 -14.64 -14.34 -20.69
C GLU C 441 -15.76 -13.52 -20.02
N GLY C 442 -16.84 -14.13 -19.53
CA GLY C 442 -18.03 -13.33 -19.23
C GLY C 442 -19.10 -14.02 -18.38
N VAL C 443 -20.37 -13.80 -18.75
CA VAL C 443 -21.52 -14.15 -17.92
C VAL C 443 -21.35 -13.67 -16.48
N VAL C 444 -22.22 -12.72 -16.09
CA VAL C 444 -22.02 -11.89 -14.91
C VAL C 444 -22.05 -12.66 -13.59
N ALA C 445 -22.07 -13.99 -13.64
CA ALA C 445 -22.12 -14.81 -12.43
C ALA C 445 -20.73 -15.04 -11.82
N ASP C 446 -19.75 -14.15 -12.07
CA ASP C 446 -18.42 -14.63 -11.73
C ASP C 446 -17.46 -13.65 -11.01
N GLU C 447 -17.80 -12.39 -10.76
CA GLU C 447 -17.61 -11.69 -9.47
C GLU C 447 -16.60 -12.09 -8.37
N GLU C 448 -15.27 -11.96 -8.46
CA GLU C 448 -14.55 -11.89 -7.19
C GLU C 448 -13.59 -10.70 -7.11
N GLY C 449 -12.86 -10.62 -6.00
CA GLY C 449 -11.84 -9.62 -5.79
C GLY C 449 -10.45 -10.19 -5.61
N TRP C 450 -9.96 -10.15 -4.37
CA TRP C 450 -8.57 -10.45 -4.05
C TRP C 450 -8.43 -11.67 -3.16
N SER C 451 -9.43 -11.92 -2.32
CA SER C 451 -9.33 -12.98 -1.32
C SER C 451 -10.71 -13.56 -1.04
N PHE C 452 -10.83 -14.28 0.07
CA PHE C 452 -12.09 -14.84 0.54
C PHE C 452 -13.20 -13.78 0.67
N VAL C 453 -12.83 -12.53 0.94
CA VAL C 453 -13.79 -11.52 1.34
C VAL C 453 -14.59 -11.06 0.13
N ALA C 454 -14.09 -11.36 -1.06
CA ALA C 454 -14.82 -11.06 -2.28
C ALA C 454 -15.06 -12.35 -3.06
N GLN C 455 -14.42 -13.43 -2.60
CA GLN C 455 -14.79 -14.78 -2.97
C GLN C 455 -16.23 -15.11 -2.59
N SER C 456 -16.72 -14.56 -1.50
CA SER C 456 -18.03 -14.89 -0.96
C SER C 456 -18.76 -13.60 -0.56
N LYS C 457 -18.73 -12.59 -1.43
CA LYS C 457 -19.49 -11.37 -1.19
C LYS C 457 -20.97 -11.52 -1.47
N GLN C 458 -21.36 -12.27 -2.50
CA GLN C 458 -22.76 -12.54 -2.74
C GLN C 458 -23.36 -13.46 -1.69
N ALA C 459 -22.60 -14.48 -1.27
CA ALA C 459 -23.10 -15.43 -0.28
C ALA C 459 -23.40 -14.74 1.05
N LEU C 460 -22.51 -13.86 1.49
CA LEU C 460 -22.73 -13.16 2.75
C LEU C 460 -23.95 -12.24 2.66
N ILE C 461 -24.08 -11.50 1.56
CA ILE C 461 -25.22 -10.60 1.38
C ILE C 461 -26.52 -11.41 1.40
N ASP C 462 -26.51 -12.55 0.70
CA ASP C 462 -27.66 -13.44 0.71
C ASP C 462 -27.97 -13.90 2.13
N THR C 463 -26.93 -14.22 2.89
CA THR C 463 -27.11 -14.67 4.27
C THR C 463 -27.80 -13.61 5.11
N MET C 464 -27.25 -12.39 5.13
CA MET C 464 -27.86 -11.35 5.95
C MET C 464 -29.28 -11.05 5.49
N THR C 465 -29.51 -10.96 4.18
CA THR C 465 -30.83 -10.60 3.68
C THR C 465 -31.87 -11.68 3.97
N TYR C 466 -31.61 -12.90 3.48
CA TYR C 466 -32.61 -13.96 3.58
C TYR C 466 -32.72 -14.49 5.01
N THR C 467 -31.59 -14.86 5.62
CA THR C 467 -31.67 -15.51 6.93
C THR C 467 -32.09 -14.53 8.01
N LYS C 468 -31.80 -13.24 7.83
CA LYS C 468 -32.11 -12.18 8.79
C LYS C 468 -31.25 -12.31 10.04
N ASN C 469 -30.90 -11.18 10.65
CA ASN C 469 -30.05 -11.18 11.83
C ASN C 469 -30.63 -12.03 12.95
N GLY C 470 -31.95 -12.19 12.97
CA GLY C 470 -32.58 -13.13 13.87
C GLY C 470 -32.76 -12.62 15.29
N GLY C 471 -33.31 -11.42 15.43
CA GLY C 471 -33.55 -10.85 16.74
C GLY C 471 -34.57 -11.62 17.55
N LYS C 472 -35.63 -12.09 16.90
CA LYS C 472 -36.72 -12.76 17.59
C LYS C 472 -37.20 -14.00 16.84
N GLY C 473 -36.92 -14.11 15.55
CA GLY C 473 -37.47 -15.18 14.73
C GLY C 473 -37.13 -16.59 15.16
N THR C 474 -35.85 -16.85 15.47
CA THR C 474 -35.44 -18.18 15.87
C THR C 474 -35.92 -18.46 17.30
N SER C 475 -37.15 -18.94 17.42
CA SER C 475 -37.84 -19.04 18.69
C SER C 475 -37.53 -20.38 19.35
N LEU C 476 -36.43 -20.42 20.10
CA LEU C 476 -36.03 -21.60 20.87
C LEU C 476 -35.89 -22.84 19.98
N GLU C 477 -35.70 -22.60 18.68
CA GLU C 477 -35.49 -23.69 17.74
C GLU C 477 -34.10 -24.30 17.87
N ASP C 478 -33.14 -23.54 18.40
CA ASP C 478 -31.78 -24.03 18.61
C ASP C 478 -31.69 -24.70 19.98
N VAL C 479 -32.32 -25.87 20.08
CA VAL C 479 -32.27 -26.65 21.31
C VAL C 479 -31.69 -28.04 21.04
N LEU C 480 -32.34 -28.83 20.18
CA LEU C 480 -31.88 -30.16 19.80
C LEU C 480 -32.57 -30.63 18.53
N GLY C 481 -32.43 -31.91 18.20
CA GLY C 481 -32.96 -32.45 16.96
C GLY C 481 -34.25 -33.24 17.07
N TYR C 482 -35.24 -32.71 17.82
CA TYR C 482 -36.49 -33.45 17.95
C TYR C 482 -37.77 -32.59 17.92
N PRO C 483 -37.97 -31.69 16.92
CA PRO C 483 -39.25 -30.98 16.90
C PRO C 483 -40.41 -31.90 16.54
N SER C 484 -41.20 -32.31 17.54
CA SER C 484 -42.40 -33.12 17.35
C SER C 484 -42.11 -34.42 16.59
N GLY C 485 -40.82 -34.73 16.43
CA GLY C 485 -40.37 -35.89 15.68
C GLY C 485 -41.36 -36.08 14.57
N TRP C 486 -41.96 -35.05 13.96
CA TRP C 486 -43.11 -35.25 12.99
C TRP C 486 -44.29 -36.28 13.29
N ILE C 487 -43.95 -37.53 13.21
CA ILE C 487 -44.99 -38.51 13.48
C ILE C 487 -45.44 -38.64 14.93
N ASN C 488 -45.07 -37.77 15.85
CA ASN C 488 -45.63 -37.87 17.22
C ASN C 488 -46.97 -37.28 17.02
N GLY C 489 -46.99 -36.17 16.33
CA GLY C 489 -48.24 -35.60 15.97
C GLY C 489 -48.90 -36.63 15.12
N LYS C 490 -48.17 -37.29 14.22
CA LYS C 490 -48.93 -38.31 13.46
C LYS C 490 -49.63 -39.43 14.27
N LEU C 491 -49.01 -39.87 15.35
CA LEU C 491 -49.57 -40.95 16.16
C LEU C 491 -50.69 -40.42 17.02
N GLN C 492 -50.57 -39.17 17.45
CA GLN C 492 -51.70 -38.62 18.17
C GLN C 492 -52.83 -38.74 17.19
N GLY C 493 -52.57 -38.33 15.96
CA GLY C 493 -53.59 -38.42 14.93
C GLY C 493 -54.21 -39.81 14.79
N LEU C 494 -53.42 -40.86 14.67
CA LEU C 494 -54.01 -42.23 14.64
C LEU C 494 -54.86 -42.63 15.87
N LEU C 495 -54.34 -42.33 17.04
CA LEU C 495 -55.12 -42.69 18.21
C LEU C 495 -56.45 -41.93 18.21
N LEU C 496 -56.44 -40.69 17.72
CA LEU C 496 -57.67 -39.91 17.67
C LEU C 496 -58.59 -40.49 16.65
N ASN C 497 -58.06 -40.91 15.51
CA ASN C 497 -58.86 -41.59 14.52
C ASN C 497 -59.56 -42.82 15.10
N GLY C 498 -58.95 -43.56 16.05
CA GLY C 498 -59.70 -44.69 16.75
C GLY C 498 -60.77 -44.15 17.74
N ALA C 499 -60.34 -43.15 18.55
CA ALA C 499 -61.31 -42.47 19.47
C ALA C 499 -62.42 -42.48 18.57
N ILE C 500 -62.16 -42.13 17.30
CA ILE C 500 -63.09 -42.39 16.27
C ILE C 500 -63.38 -43.82 15.76
N SER C 501 -63.56 -43.80 14.64
CA SER C 501 -64.39 -44.92 14.35
C SER C 501 -65.57 -44.69 15.58
N TRP C 502 -65.36 -44.21 16.94
CA TRP C 502 -66.46 -43.81 17.96
C TRP C 502 -66.45 -44.94 18.79
N VAL C 503 -65.20 -45.30 19.08
CA VAL C 503 -65.04 -46.55 19.73
C VAL C 503 -65.82 -47.36 18.71
N VAL C 504 -65.54 -47.15 17.40
CA VAL C 504 -66.22 -47.99 16.42
C VAL C 504 -67.73 -48.07 16.61
N VAL C 505 -68.42 -46.94 16.49
CA VAL C 505 -69.86 -46.88 16.67
C VAL C 505 -70.32 -47.67 17.85
N ILE C 506 -69.84 -47.33 19.04
CA ILE C 506 -70.33 -48.00 20.24
C ILE C 506 -70.13 -49.49 20.16
N GLY C 507 -68.89 -49.89 19.89
CA GLY C 507 -68.58 -51.32 19.78
C GLY C 507 -69.57 -52.07 18.89
#